data_3SB3
# 
_entry.id   3SB3 
# 
_audit_conform.dict_name       mmcif_pdbx.dic 
_audit_conform.dict_version    5.399 
_audit_conform.dict_location   http://mmcif.pdb.org/dictionaries/ascii/mmcif_pdbx.dic 
# 
loop_
_database_2.database_id 
_database_2.database_code 
_database_2.pdbx_database_accession 
_database_2.pdbx_DOI 
PDB   3SB3         pdb_00003sb3 10.2210/pdb3sb3/pdb 
RCSB  RCSB065986   ?            ?                   
WWPDB D_1000065986 ?            ?                   
# 
loop_
_pdbx_audit_revision_history.ordinal 
_pdbx_audit_revision_history.data_content_type 
_pdbx_audit_revision_history.major_revision 
_pdbx_audit_revision_history.minor_revision 
_pdbx_audit_revision_history.revision_date 
1 'Structure model' 1 0 2011-06-29 
2 'Structure model' 1 1 2011-07-13 
3 'Structure model' 1 2 2011-11-16 
4 'Structure model' 1 3 2017-10-25 
5 'Structure model' 1 4 2018-01-24 
6 'Structure model' 1 5 2023-02-01 
7 'Structure model' 1 6 2024-11-20 
# 
_pdbx_audit_revision_details.ordinal             1 
_pdbx_audit_revision_details.revision_ordinal    1 
_pdbx_audit_revision_details.data_content_type   'Structure model' 
_pdbx_audit_revision_details.provider            repository 
_pdbx_audit_revision_details.type                'Initial release' 
_pdbx_audit_revision_details.description         ? 
_pdbx_audit_revision_details.details             ? 
# 
loop_
_pdbx_audit_revision_group.ordinal 
_pdbx_audit_revision_group.revision_ordinal 
_pdbx_audit_revision_group.data_content_type 
_pdbx_audit_revision_group.group 
1 2 'Structure model' 'Version format compliance'  
2 3 'Structure model' 'Structure summary'          
3 4 'Structure model' 'Author supporting evidence' 
4 4 'Structure model' 'Refinement description'     
5 5 'Structure model' 'Database references'        
6 6 'Structure model' 'Database references'        
7 6 'Structure model' 'Derived calculations'       
8 7 'Structure model' 'Data collection'            
9 7 'Structure model' 'Structure summary'          
# 
loop_
_pdbx_audit_revision_category.ordinal 
_pdbx_audit_revision_category.revision_ordinal 
_pdbx_audit_revision_category.data_content_type 
_pdbx_audit_revision_category.category 
1  4 'Structure model' pdbx_struct_assembly_auth_evidence 
2  4 'Structure model' software                           
3  5 'Structure model' citation_author                    
4  6 'Structure model' database_2                         
5  6 'Structure model' pdbx_struct_special_symmetry       
6  6 'Structure model' struct_conn                        
7  6 'Structure model' struct_ref_seq_dif                 
8  6 'Structure model' struct_site                        
9  7 'Structure model' chem_comp_atom                     
10 7 'Structure model' chem_comp_bond                     
11 7 'Structure model' pdbx_entry_details                 
12 7 'Structure model' pdbx_modification_feature          
# 
loop_
_pdbx_audit_revision_item.ordinal 
_pdbx_audit_revision_item.revision_ordinal 
_pdbx_audit_revision_item.data_content_type 
_pdbx_audit_revision_item.item 
1  4 'Structure model' '_software.classification'                     
2  4 'Structure model' '_software.name'                               
3  5 'Structure model' '_citation_author.name'                        
4  6 'Structure model' '_database_2.pdbx_DOI'                         
5  6 'Structure model' '_database_2.pdbx_database_accession'          
6  6 'Structure model' '_struct_conn.pdbx_leaving_atom_flag'          
7  6 'Structure model' '_struct_ref_seq_dif.details'                  
8  6 'Structure model' '_struct_site.pdbx_auth_asym_id'               
9  6 'Structure model' '_struct_site.pdbx_auth_comp_id'               
10 6 'Structure model' '_struct_site.pdbx_auth_seq_id'                
11 7 'Structure model' '_pdbx_entry_details.has_protein_modification' 
# 
_pdbx_database_status.SG_entry                        Y 
_pdbx_database_status.entry_id                        3SB3 
_pdbx_database_status.deposit_site                    RCSB 
_pdbx_database_status.process_site                    RCSB 
_pdbx_database_status.recvd_initial_deposition_date   2011-06-03 
_pdbx_database_status.status_code                     REL 
_pdbx_database_status.status_code_sf                  REL 
_pdbx_database_status.status_code_mr                  ? 
_pdbx_database_status.status_code_cs                  ? 
_pdbx_database_status.pdb_format_compatible           Y 
_pdbx_database_status.methods_development_category    ? 
_pdbx_database_status.status_code_nmr_data            ? 
# 
loop_
_pdbx_database_related.db_name 
_pdbx_database_related.db_id 
_pdbx_database_related.details 
_pdbx_database_related.content_type 
TargetDB 416839 . unspecified 
PDB      3NRF   
'Crystal structure of an ApaG protein (PA1934) from PSEUDOMONAS AERUGINOSA at 1.50 A resolution - C-centered orthorhombic form' 
unspecified 
# 
_audit_author.name           'Joint Center for Structural Genomics (JCSG)' 
_audit_author.pdbx_ordinal   1 
# 
_citation.id                        primary 
_citation.title                     
'Crystal structure of an ApaG protein (PA1934) from PSEUDOMONAS AERUGINOSA at 1.83 A resolution' 
_citation.journal_abbrev            'To be published' 
_citation.journal_volume            ? 
_citation.page_first                ? 
_citation.page_last                 ? 
_citation.year                      ? 
_citation.journal_id_ASTM           ? 
_citation.country                   ? 
_citation.journal_id_ISSN           ? 
_citation.journal_id_CSD            0353 
_citation.book_publisher            ? 
_citation.pdbx_database_id_PubMed   ? 
_citation.pdbx_database_id_DOI      ? 
# 
_citation_author.citation_id        primary 
_citation_author.name               'Joint Center for Structural Genomics (JCSG)' 
_citation_author.ordinal            1 
_citation_author.identifier_ORCID   ? 
# 
loop_
_entity.id 
_entity.type 
_entity.src_method 
_entity.pdbx_description 
_entity.formula_weight 
_entity.pdbx_number_of_molecules 
_entity.pdbx_ec 
_entity.pdbx_mutation 
_entity.pdbx_fragment 
_entity.details 
1 polymer     man 'ApaG protein'  11196.344 1  ? ? ? ? 
2 non-polymer syn 'PHOSPHATE ION' 94.971    1  ? ? ? ? 
3 water       nat water           18.015    77 ? ? ? ? 
# 
_entity_poly.entity_id                      1 
_entity_poly.type                           'polypeptide(L)' 
_entity_poly.nstd_linkage                   no 
_entity_poly.nstd_monomer                   yes 
_entity_poly.pdbx_seq_one_letter_code       
;GAAPDAV(MSE)VFARQGDKGSVSVGDKHFRTQAFKVRLVNAAKSEISLKNSCLVAQSAAGQSFRLDTVDEELTADTLKP
GASVEGDAIFASEDDAVYGASLVRLSDRCK
;
_entity_poly.pdbx_seq_one_letter_code_can   
;GAAPDAVMVFARQGDKGSVSVGDKHFRTQAFKVRLVNAAKSEISLKNSCLVAQSAAGQSFRLDTVDEELTADTLKPGASV
EGDAIFASEDDAVYGASLVRLSDRCK
;
_entity_poly.pdbx_strand_id                 A 
_entity_poly.pdbx_target_identifier         416839 
# 
loop_
_pdbx_entity_nonpoly.entity_id 
_pdbx_entity_nonpoly.name 
_pdbx_entity_nonpoly.comp_id 
2 'PHOSPHATE ION' PO4 
3 water           HOH 
# 
loop_
_entity_poly_seq.entity_id 
_entity_poly_seq.num 
_entity_poly_seq.mon_id 
_entity_poly_seq.hetero 
1 1   GLY n 
1 2   ALA n 
1 3   ALA n 
1 4   PRO n 
1 5   ASP n 
1 6   ALA n 
1 7   VAL n 
1 8   MSE n 
1 9   VAL n 
1 10  PHE n 
1 11  ALA n 
1 12  ARG n 
1 13  GLN n 
1 14  GLY n 
1 15  ASP n 
1 16  LYS n 
1 17  GLY n 
1 18  SER n 
1 19  VAL n 
1 20  SER n 
1 21  VAL n 
1 22  GLY n 
1 23  ASP n 
1 24  LYS n 
1 25  HIS n 
1 26  PHE n 
1 27  ARG n 
1 28  THR n 
1 29  GLN n 
1 30  ALA n 
1 31  PHE n 
1 32  LYS n 
1 33  VAL n 
1 34  ARG n 
1 35  LEU n 
1 36  VAL n 
1 37  ASN n 
1 38  ALA n 
1 39  ALA n 
1 40  LYS n 
1 41  SER n 
1 42  GLU n 
1 43  ILE n 
1 44  SER n 
1 45  LEU n 
1 46  LYS n 
1 47  ASN n 
1 48  SER n 
1 49  CYS n 
1 50  LEU n 
1 51  VAL n 
1 52  ALA n 
1 53  GLN n 
1 54  SER n 
1 55  ALA n 
1 56  ALA n 
1 57  GLY n 
1 58  GLN n 
1 59  SER n 
1 60  PHE n 
1 61  ARG n 
1 62  LEU n 
1 63  ASP n 
1 64  THR n 
1 65  VAL n 
1 66  ASP n 
1 67  GLU n 
1 68  GLU n 
1 69  LEU n 
1 70  THR n 
1 71  ALA n 
1 72  ASP n 
1 73  THR n 
1 74  LEU n 
1 75  LYS n 
1 76  PRO n 
1 77  GLY n 
1 78  ALA n 
1 79  SER n 
1 80  VAL n 
1 81  GLU n 
1 82  GLY n 
1 83  ASP n 
1 84  ALA n 
1 85  ILE n 
1 86  PHE n 
1 87  ALA n 
1 88  SER n 
1 89  GLU n 
1 90  ASP n 
1 91  ASP n 
1 92  ALA n 
1 93  VAL n 
1 94  TYR n 
1 95  GLY n 
1 96  ALA n 
1 97  SER n 
1 98  LEU n 
1 99  VAL n 
1 100 ARG n 
1 101 LEU n 
1 102 SER n 
1 103 ASP n 
1 104 ARG n 
1 105 CYS n 
1 106 LYS n 
# 
_entity_src_gen.entity_id                          1 
_entity_src_gen.pdbx_src_id                        1 
_entity_src_gen.pdbx_alt_source_flag               sample 
_entity_src_gen.pdbx_seq_type                      ? 
_entity_src_gen.pdbx_beg_seq_num                   ? 
_entity_src_gen.pdbx_end_seq_num                   ? 
_entity_src_gen.gene_src_common_name               ? 
_entity_src_gen.gene_src_genus                     ? 
_entity_src_gen.pdbx_gene_src_gene                 PA1934 
_entity_src_gen.gene_src_species                   ? 
_entity_src_gen.gene_src_strain                    ? 
_entity_src_gen.gene_src_tissue                    ? 
_entity_src_gen.gene_src_tissue_fraction           ? 
_entity_src_gen.gene_src_details                   ? 
_entity_src_gen.pdbx_gene_src_fragment             ? 
_entity_src_gen.pdbx_gene_src_scientific_name      'Pseudomonas aeruginosa' 
_entity_src_gen.pdbx_gene_src_ncbi_taxonomy_id     287 
_entity_src_gen.pdbx_gene_src_variant              ? 
_entity_src_gen.pdbx_gene_src_cell_line            ? 
_entity_src_gen.pdbx_gene_src_atcc                 ? 
_entity_src_gen.pdbx_gene_src_organ                ? 
_entity_src_gen.pdbx_gene_src_organelle            ? 
_entity_src_gen.pdbx_gene_src_cell                 ? 
_entity_src_gen.pdbx_gene_src_cellular_location    ? 
_entity_src_gen.host_org_common_name               ? 
_entity_src_gen.pdbx_host_org_scientific_name      'Escherichia Coli' 
_entity_src_gen.pdbx_host_org_ncbi_taxonomy_id     562 
_entity_src_gen.host_org_genus                     ? 
_entity_src_gen.pdbx_host_org_gene                 ? 
_entity_src_gen.pdbx_host_org_organ                ? 
_entity_src_gen.host_org_species                   ? 
_entity_src_gen.pdbx_host_org_tissue               ? 
_entity_src_gen.pdbx_host_org_tissue_fraction      ? 
_entity_src_gen.pdbx_host_org_strain               HK100 
_entity_src_gen.pdbx_host_org_variant              ? 
_entity_src_gen.pdbx_host_org_cell_line            ? 
_entity_src_gen.pdbx_host_org_atcc                 ? 
_entity_src_gen.pdbx_host_org_culture_collection   ? 
_entity_src_gen.pdbx_host_org_cell                 ? 
_entity_src_gen.pdbx_host_org_organelle            ? 
_entity_src_gen.pdbx_host_org_cellular_location    ? 
_entity_src_gen.pdbx_host_org_vector_type          Plasmid 
_entity_src_gen.pdbx_host_org_vector               ? 
_entity_src_gen.host_org_details                   ? 
_entity_src_gen.expression_system_id               ? 
_entity_src_gen.plasmid_name                       SpeedET 
_entity_src_gen.plasmid_details                    ? 
_entity_src_gen.pdbx_description                   ? 
# 
loop_
_chem_comp.id 
_chem_comp.type 
_chem_comp.mon_nstd_flag 
_chem_comp.name 
_chem_comp.pdbx_synonyms 
_chem_comp.formula 
_chem_comp.formula_weight 
ALA 'L-peptide linking' y ALANINE          ? 'C3 H7 N O2'     89.093  
ARG 'L-peptide linking' y ARGININE         ? 'C6 H15 N4 O2 1' 175.209 
ASN 'L-peptide linking' y ASPARAGINE       ? 'C4 H8 N2 O3'    132.118 
ASP 'L-peptide linking' y 'ASPARTIC ACID'  ? 'C4 H7 N O4'     133.103 
CYS 'L-peptide linking' y CYSTEINE         ? 'C3 H7 N O2 S'   121.158 
GLN 'L-peptide linking' y GLUTAMINE        ? 'C5 H10 N2 O3'   146.144 
GLU 'L-peptide linking' y 'GLUTAMIC ACID'  ? 'C5 H9 N O4'     147.129 
GLY 'peptide linking'   y GLYCINE          ? 'C2 H5 N O2'     75.067  
HIS 'L-peptide linking' y HISTIDINE        ? 'C6 H10 N3 O2 1' 156.162 
HOH non-polymer         . WATER            ? 'H2 O'           18.015  
ILE 'L-peptide linking' y ISOLEUCINE       ? 'C6 H13 N O2'    131.173 
LEU 'L-peptide linking' y LEUCINE          ? 'C6 H13 N O2'    131.173 
LYS 'L-peptide linking' y LYSINE           ? 'C6 H15 N2 O2 1' 147.195 
MSE 'L-peptide linking' n SELENOMETHIONINE ? 'C5 H11 N O2 Se' 196.106 
PHE 'L-peptide linking' y PHENYLALANINE    ? 'C9 H11 N O2'    165.189 
PO4 non-polymer         . 'PHOSPHATE ION'  ? 'O4 P -3'        94.971  
PRO 'L-peptide linking' y PROLINE          ? 'C5 H9 N O2'     115.130 
SER 'L-peptide linking' y SERINE           ? 'C3 H7 N O3'     105.093 
THR 'L-peptide linking' y THREONINE        ? 'C4 H9 N O3'     119.119 
TYR 'L-peptide linking' y TYROSINE         ? 'C9 H11 N O3'    181.189 
VAL 'L-peptide linking' y VALINE           ? 'C5 H11 N O2'    117.146 
# 
loop_
_pdbx_poly_seq_scheme.asym_id 
_pdbx_poly_seq_scheme.entity_id 
_pdbx_poly_seq_scheme.seq_id 
_pdbx_poly_seq_scheme.mon_id 
_pdbx_poly_seq_scheme.ndb_seq_num 
_pdbx_poly_seq_scheme.pdb_seq_num 
_pdbx_poly_seq_scheme.auth_seq_num 
_pdbx_poly_seq_scheme.pdb_mon_id 
_pdbx_poly_seq_scheme.auth_mon_id 
_pdbx_poly_seq_scheme.pdb_strand_id 
_pdbx_poly_seq_scheme.pdb_ins_code 
_pdbx_poly_seq_scheme.hetero 
A 1 1   GLY 1   0   ?   ?   ?   A . n 
A 1 2   ALA 2   22  ?   ?   ?   A . n 
A 1 3   ALA 3   23  ?   ?   ?   A . n 
A 1 4   PRO 4   24  ?   ?   ?   A . n 
A 1 5   ASP 5   25  25  ASP ASP A . n 
A 1 6   ALA 6   26  26  ALA ALA A . n 
A 1 7   VAL 7   27  27  VAL VAL A . n 
A 1 8   MSE 8   28  28  MSE MSE A . n 
A 1 9   VAL 9   29  29  VAL VAL A . n 
A 1 10  PHE 10  30  30  PHE PHE A . n 
A 1 11  ALA 11  31  31  ALA ALA A . n 
A 1 12  ARG 12  32  32  ARG ARG A . n 
A 1 13  GLN 13  33  33  GLN GLN A . n 
A 1 14  GLY 14  34  34  GLY GLY A . n 
A 1 15  ASP 15  35  35  ASP ASP A . n 
A 1 16  LYS 16  36  36  LYS LYS A . n 
A 1 17  GLY 17  37  37  GLY GLY A . n 
A 1 18  SER 18  38  38  SER SER A . n 
A 1 19  VAL 19  39  39  VAL VAL A . n 
A 1 20  SER 20  40  40  SER SER A . n 
A 1 21  VAL 21  41  41  VAL VAL A . n 
A 1 22  GLY 22  42  42  GLY GLY A . n 
A 1 23  ASP 23  43  43  ASP ASP A . n 
A 1 24  LYS 24  44  44  LYS LYS A . n 
A 1 25  HIS 25  45  45  HIS HIS A . n 
A 1 26  PHE 26  46  46  PHE PHE A . n 
A 1 27  ARG 27  47  47  ARG ARG A . n 
A 1 28  THR 28  48  48  THR THR A . n 
A 1 29  GLN 29  49  49  GLN GLN A . n 
A 1 30  ALA 30  50  50  ALA ALA A . n 
A 1 31  PHE 31  51  51  PHE PHE A . n 
A 1 32  LYS 32  52  52  LYS LYS A . n 
A 1 33  VAL 33  53  53  VAL VAL A . n 
A 1 34  ARG 34  54  54  ARG ARG A . n 
A 1 35  LEU 35  55  55  LEU LEU A . n 
A 1 36  VAL 36  56  56  VAL VAL A . n 
A 1 37  ASN 37  57  57  ASN ASN A . n 
A 1 38  ALA 38  58  58  ALA ALA A . n 
A 1 39  ALA 39  59  59  ALA ALA A . n 
A 1 40  LYS 40  60  60  LYS LYS A . n 
A 1 41  SER 41  61  61  SER SER A . n 
A 1 42  GLU 42  62  62  GLU GLU A . n 
A 1 43  ILE 43  63  63  ILE ILE A . n 
A 1 44  SER 44  64  64  SER SER A . n 
A 1 45  LEU 45  65  65  LEU LEU A . n 
A 1 46  LYS 46  66  66  LYS LYS A . n 
A 1 47  ASN 47  67  67  ASN ASN A . n 
A 1 48  SER 48  68  68  SER SER A . n 
A 1 49  CYS 49  69  69  CYS CYS A . n 
A 1 50  LEU 50  70  70  LEU LEU A . n 
A 1 51  VAL 51  71  71  VAL VAL A . n 
A 1 52  ALA 52  72  72  ALA ALA A . n 
A 1 53  GLN 53  73  73  GLN GLN A . n 
A 1 54  SER 54  74  74  SER SER A . n 
A 1 55  ALA 55  75  75  ALA ALA A . n 
A 1 56  ALA 56  76  76  ALA ALA A . n 
A 1 57  GLY 57  77  77  GLY GLY A . n 
A 1 58  GLN 58  78  78  GLN GLN A . n 
A 1 59  SER 59  79  79  SER SER A . n 
A 1 60  PHE 60  80  80  PHE PHE A . n 
A 1 61  ARG 61  81  81  ARG ARG A . n 
A 1 62  LEU 62  82  82  LEU LEU A . n 
A 1 63  ASP 63  83  83  ASP ASP A . n 
A 1 64  THR 64  84  84  THR THR A . n 
A 1 65  VAL 65  85  85  VAL VAL A . n 
A 1 66  ASP 66  86  86  ASP ASP A . n 
A 1 67  GLU 67  87  87  GLU GLU A . n 
A 1 68  GLU 68  88  88  GLU GLU A . n 
A 1 69  LEU 69  89  89  LEU LEU A . n 
A 1 70  THR 70  90  90  THR THR A . n 
A 1 71  ALA 71  91  91  ALA ALA A . n 
A 1 72  ASP 72  92  92  ASP ASP A . n 
A 1 73  THR 73  93  93  THR THR A . n 
A 1 74  LEU 74  94  94  LEU LEU A . n 
A 1 75  LYS 75  95  95  LYS LYS A . n 
A 1 76  PRO 76  96  96  PRO PRO A . n 
A 1 77  GLY 77  97  97  GLY GLY A . n 
A 1 78  ALA 78  98  98  ALA ALA A . n 
A 1 79  SER 79  99  99  SER SER A . n 
A 1 80  VAL 80  100 100 VAL VAL A . n 
A 1 81  GLU 81  101 101 GLU GLU A . n 
A 1 82  GLY 82  102 102 GLY GLY A . n 
A 1 83  ASP 83  103 103 ASP ASP A . n 
A 1 84  ALA 84  104 104 ALA ALA A . n 
A 1 85  ILE 85  105 105 ILE ILE A . n 
A 1 86  PHE 86  106 106 PHE PHE A . n 
A 1 87  ALA 87  107 107 ALA ALA A . n 
A 1 88  SER 88  108 108 SER SER A . n 
A 1 89  GLU 89  109 109 GLU GLU A . n 
A 1 90  ASP 90  110 110 ASP ASP A . n 
A 1 91  ASP 91  111 111 ASP ASP A . n 
A 1 92  ALA 92  112 112 ALA ALA A . n 
A 1 93  VAL 93  113 113 VAL VAL A . n 
A 1 94  TYR 94  114 114 TYR TYR A . n 
A 1 95  GLY 95  115 115 GLY GLY A . n 
A 1 96  ALA 96  116 116 ALA ALA A . n 
A 1 97  SER 97  117 117 SER SER A . n 
A 1 98  LEU 98  118 118 LEU LEU A . n 
A 1 99  VAL 99  119 119 VAL VAL A . n 
A 1 100 ARG 100 120 120 ARG ARG A . n 
A 1 101 LEU 101 121 121 LEU LEU A . n 
A 1 102 SER 102 122 122 SER SER A . n 
A 1 103 ASP 103 123 123 ASP ASP A . n 
A 1 104 ARG 104 124 124 ARG ARG A . n 
A 1 105 CYS 105 125 125 CYS CYS A . n 
A 1 106 LYS 106 126 ?   ?   ?   A . n 
# 
loop_
_pdbx_nonpoly_scheme.asym_id 
_pdbx_nonpoly_scheme.entity_id 
_pdbx_nonpoly_scheme.mon_id 
_pdbx_nonpoly_scheme.ndb_seq_num 
_pdbx_nonpoly_scheme.pdb_seq_num 
_pdbx_nonpoly_scheme.auth_seq_num 
_pdbx_nonpoly_scheme.pdb_mon_id 
_pdbx_nonpoly_scheme.auth_mon_id 
_pdbx_nonpoly_scheme.pdb_strand_id 
_pdbx_nonpoly_scheme.pdb_ins_code 
B 2 PO4 1  127 127 PO4 PO4 A . 
C 3 HOH 1  128 128 HOH HOH A . 
C 3 HOH 2  129 129 HOH HOH A . 
C 3 HOH 3  130 130 HOH HOH A . 
C 3 HOH 4  131 131 HOH HOH A . 
C 3 HOH 5  132 132 HOH HOH A . 
C 3 HOH 6  133 133 HOH HOH A . 
C 3 HOH 7  134 134 HOH HOH A . 
C 3 HOH 8  135 135 HOH HOH A . 
C 3 HOH 9  136 136 HOH HOH A . 
C 3 HOH 10 137 137 HOH HOH A . 
C 3 HOH 11 138 138 HOH HOH A . 
C 3 HOH 12 139 139 HOH HOH A . 
C 3 HOH 13 140 140 HOH HOH A . 
C 3 HOH 14 141 141 HOH HOH A . 
C 3 HOH 15 142 142 HOH HOH A . 
C 3 HOH 16 143 143 HOH HOH A . 
C 3 HOH 17 144 144 HOH HOH A . 
C 3 HOH 18 145 145 HOH HOH A . 
C 3 HOH 19 146 146 HOH HOH A . 
C 3 HOH 20 147 147 HOH HOH A . 
C 3 HOH 21 148 148 HOH HOH A . 
C 3 HOH 22 149 149 HOH HOH A . 
C 3 HOH 23 150 150 HOH HOH A . 
C 3 HOH 24 151 151 HOH HOH A . 
C 3 HOH 25 152 152 HOH HOH A . 
C 3 HOH 26 153 153 HOH HOH A . 
C 3 HOH 27 154 154 HOH HOH A . 
C 3 HOH 28 155 155 HOH HOH A . 
C 3 HOH 29 156 156 HOH HOH A . 
C 3 HOH 30 157 157 HOH HOH A . 
C 3 HOH 31 158 158 HOH HOH A . 
C 3 HOH 32 159 159 HOH HOH A . 
C 3 HOH 33 160 160 HOH HOH A . 
C 3 HOH 34 161 161 HOH HOH A . 
C 3 HOH 35 162 162 HOH HOH A . 
C 3 HOH 36 163 163 HOH HOH A . 
C 3 HOH 37 164 164 HOH HOH A . 
C 3 HOH 38 165 165 HOH HOH A . 
C 3 HOH 39 166 166 HOH HOH A . 
C 3 HOH 40 167 167 HOH HOH A . 
C 3 HOH 41 168 168 HOH HOH A . 
C 3 HOH 42 169 169 HOH HOH A . 
C 3 HOH 43 170 170 HOH HOH A . 
C 3 HOH 44 171 171 HOH HOH A . 
C 3 HOH 45 172 172 HOH HOH A . 
C 3 HOH 46 173 173 HOH HOH A . 
C 3 HOH 47 174 174 HOH HOH A . 
C 3 HOH 48 175 175 HOH HOH A . 
C 3 HOH 49 176 176 HOH HOH A . 
C 3 HOH 50 177 177 HOH HOH A . 
C 3 HOH 51 178 178 HOH HOH A . 
C 3 HOH 52 179 179 HOH HOH A . 
C 3 HOH 53 180 180 HOH HOH A . 
C 3 HOH 54 181 181 HOH HOH A . 
C 3 HOH 55 182 182 HOH HOH A . 
C 3 HOH 56 183 183 HOH HOH A . 
C 3 HOH 57 184 184 HOH HOH A . 
C 3 HOH 58 185 185 HOH HOH A . 
C 3 HOH 59 186 186 HOH HOH A . 
C 3 HOH 60 187 187 HOH HOH A . 
C 3 HOH 61 188 188 HOH HOH A . 
C 3 HOH 62 189 189 HOH HOH A . 
C 3 HOH 63 190 190 HOH HOH A . 
C 3 HOH 64 191 191 HOH HOH A . 
C 3 HOH 65 192 192 HOH HOH A . 
C 3 HOH 66 193 193 HOH HOH A . 
C 3 HOH 67 194 194 HOH HOH A . 
C 3 HOH 68 195 195 HOH HOH A . 
C 3 HOH 69 196 196 HOH HOH A . 
C 3 HOH 70 197 197 HOH HOH A . 
C 3 HOH 71 198 198 HOH HOH A . 
C 3 HOH 72 199 199 HOH HOH A . 
C 3 HOH 73 200 200 HOH HOH A . 
C 3 HOH 74 201 201 HOH HOH A . 
C 3 HOH 75 202 202 HOH HOH A . 
C 3 HOH 76 203 203 HOH HOH A . 
C 3 HOH 77 204 204 HOH HOH A . 
# 
loop_
_pdbx_unobs_or_zero_occ_atoms.id 
_pdbx_unobs_or_zero_occ_atoms.PDB_model_num 
_pdbx_unobs_or_zero_occ_atoms.polymer_flag 
_pdbx_unobs_or_zero_occ_atoms.occupancy_flag 
_pdbx_unobs_or_zero_occ_atoms.auth_asym_id 
_pdbx_unobs_or_zero_occ_atoms.auth_comp_id 
_pdbx_unobs_or_zero_occ_atoms.auth_seq_id 
_pdbx_unobs_or_zero_occ_atoms.PDB_ins_code 
_pdbx_unobs_or_zero_occ_atoms.auth_atom_id 
_pdbx_unobs_or_zero_occ_atoms.label_alt_id 
_pdbx_unobs_or_zero_occ_atoms.label_asym_id 
_pdbx_unobs_or_zero_occ_atoms.label_comp_id 
_pdbx_unobs_or_zero_occ_atoms.label_seq_id 
_pdbx_unobs_or_zero_occ_atoms.label_atom_id 
1  1 Y 1 A ASP 25 ? CG  ? A ASP 5  CG  
2  1 Y 1 A ASP 25 ? OD1 ? A ASP 5  OD1 
3  1 Y 1 A ASP 25 ? OD2 ? A ASP 5  OD2 
4  1 Y 1 A LYS 52 ? CD  ? A LYS 32 CD  
5  1 Y 1 A LYS 52 ? CE  ? A LYS 32 CE  
6  1 Y 1 A LYS 52 ? NZ  ? A LYS 32 NZ  
7  1 Y 1 A ARG 54 ? CZ  ? A ARG 34 CZ  
8  1 Y 1 A ARG 54 ? NH1 ? A ARG 34 NH1 
9  1 Y 1 A ARG 54 ? NH2 ? A ARG 34 NH2 
10 1 Y 1 A LYS 60 ? CD  ? A LYS 40 CD  
11 1 Y 1 A LYS 60 ? CE  ? A LYS 40 CE  
12 1 Y 1 A LYS 60 ? NZ  ? A LYS 40 NZ  
13 1 Y 1 A LYS 66 ? CE  ? A LYS 46 CE  
14 1 Y 1 A LYS 66 ? NZ  ? A LYS 46 NZ  
15 1 Y 1 A GLU 87 ? CG  ? A GLU 67 CG  
16 1 Y 1 A GLU 87 ? CD  ? A GLU 67 CD  
17 1 Y 1 A GLU 87 ? OE1 ? A GLU 67 OE1 
18 1 Y 1 A GLU 87 ? OE2 ? A GLU 67 OE2 
19 1 Y 1 A LYS 95 ? CE  ? A LYS 75 CE  
20 1 Y 1 A LYS 95 ? NZ  ? A LYS 75 NZ  
# 
loop_
_software.pdbx_ordinal 
_software.name 
_software.version 
_software.date 
_software.type 
_software.contact_author 
_software.contact_author_email 
_software.classification 
_software.location 
_software.language 
_software.citation_id 
1 MolProbity  3beta29            ?               package 'D.C. & J.S. Richardson lab' molprobity@kinemage.biochem.duke.edu 
'model building'  http://kinemage.biochem.duke.edu/molprobity/                                ?          ? 
2 PDB_EXTRACT 3.10               'June 10, 2010' package PDB                          deposit@deposit.rcsb.org             
'data extraction' http://sw-tools.pdb.org/apps/PDB_EXTRACT/                                   C++        ? 
3 SHELX       .                  ?               package 'George M. Sheldrick'        gsheldr@shelx.uni-ac.gwdg.de         phasing 
http://shelx.uni-ac.gwdg.de/SHELX/                                          Fortran_77 ? 
4 SHARP       .                  ?               package 'Eric de La Fortelle'        sharp-develop@globalphasing.com      phasing 
http://www.globalphasing.com/sharp/                                         ?          ? 
5 XSCALE      'January 30, 2009' ?               package 'Wolfgang Kabsch'            ?                                    
'data scaling'    http://www.mpimf-heidelberg.mpg.de/~kabsch/xds/html_doc/xscale_program.html ?          ? 
6 REFMAC      5.5.0110           ?               program 'Garib N. Murshudov'         garib@ysbl.york.ac.uk                
refinement        http://www.ccp4.ac.uk/dist/html/refmac5.html                                Fortran_77 ? 
7 XDS         .                  ?               ?       ?                            ?                                    
'data reduction'  ?                                                                           ?          ? 
8 SHELXD      .                  ?               ?       ?                            ?                                    phasing 
?                                                                           ?          ? 
# 
_cell.entry_id           3SB3 
_cell.length_a           66.080 
_cell.length_b           66.080 
_cell.length_c           50.538 
_cell.angle_alpha        90.000 
_cell.angle_beta         90.000 
_cell.angle_gamma        90.000 
_cell.pdbx_unique_axis   ? 
_cell.Z_PDB              8 
_cell.length_a_esd       ? 
_cell.length_b_esd       ? 
_cell.length_c_esd       ? 
_cell.angle_alpha_esd    ? 
_cell.angle_beta_esd     ? 
_cell.angle_gamma_esd    ? 
# 
_symmetry.entry_id                         3SB3 
_symmetry.Int_Tables_number                90 
_symmetry.space_group_name_H-M             'P 4 21 2' 
_symmetry.pdbx_full_space_group_name_H-M   ? 
_symmetry.cell_setting                     ? 
_symmetry.space_group_name_Hall            ? 
# 
_exptl.crystals_number   1 
_exptl.method            'X-RAY DIFFRACTION' 
_exptl.entry_id          3SB3 
# 
_exptl_crystal.id                    1 
_exptl_crystal.density_Matthews      2.46 
_exptl_crystal.density_meas          ? 
_exptl_crystal.density_percent_sol   50.08 
_exptl_crystal.description           ? 
_exptl_crystal.F_000                 ? 
_exptl_crystal.preparation           ? 
# 
_exptl_crystal_grow.crystal_id      1 
_exptl_crystal_grow.method          'VAPOR DIFFUSION, SITTING DROP' 
_exptl_crystal_grow.pH              8.5 
_exptl_crystal_grow.temp            277 
_exptl_crystal_grow.pdbx_details    
'0.2M MgCl2, 30.00% PEG-400, 0.1M TRIS pH 8.5, NANODROP, VAPOR DIFFUSION, SITTING DROP, temperature 277K' 
_exptl_crystal_grow.temp_details    ? 
_exptl_crystal_grow.pdbx_pH_range   ? 
# 
_diffrn.id                     1 
_diffrn.ambient_temp           100 
_diffrn.ambient_temp_details   ? 
_diffrn.crystal_id             1 
# 
_diffrn_detector.diffrn_id              1 
_diffrn_detector.detector               CCD 
_diffrn_detector.type                   'MARMOSAIC 325 mm CCD' 
_diffrn_detector.details                'double crystal monochromator' 
_diffrn_detector.pdbx_collection_date   2010-05-12 
# 
_diffrn_radiation.diffrn_id                        1 
_diffrn_radiation.pdbx_monochromatic_or_laue_m_l   M 
_diffrn_radiation.monochromator                    'double crystal' 
_diffrn_radiation.pdbx_diffrn_protocol             MAD 
_diffrn_radiation.wavelength_id                    1 
_diffrn_radiation.pdbx_scattering_type             x-ray 
# 
loop_
_diffrn_radiation_wavelength.id 
_diffrn_radiation_wavelength.wavelength 
_diffrn_radiation_wavelength.wt 
1 0.91837 1.0 
2 0.97936 1.0 
3 0.97920 1.0 
# 
_diffrn_source.diffrn_id                   1 
_diffrn_source.source                      SYNCHROTRON 
_diffrn_source.pdbx_synchrotron_beamline   BL9-2 
_diffrn_source.type                        'SSRL BEAMLINE BL9-2' 
_diffrn_source.pdbx_wavelength_list        0.91837,0.97936,0.97920 
_diffrn_source.pdbx_wavelength             ? 
_diffrn_source.pdbx_synchrotron_site       SSRL 
# 
_reflns.entry_id                     3SB3 
_reflns.d_resolution_high            1.83 
_reflns.d_resolution_low             29.552 
_reflns.number_obs                   10313 
_reflns.pdbx_Rmerge_I_obs            0.052 
_reflns.pdbx_netI_over_sigmaI        18.070 
_reflns.percent_possible_obs         99.300 
_reflns.B_iso_Wilson_estimate        27.998 
_reflns.observed_criterion_sigma_I   -3.000 
_reflns.observed_criterion_sigma_F   ? 
_reflns.number_all                   ? 
_reflns.pdbx_Rsym_value              ? 
_reflns.pdbx_redundancy              7.69 
_reflns.R_free_details               ? 
_reflns.limit_h_max                  ? 
_reflns.limit_h_min                  ? 
_reflns.limit_k_max                  ? 
_reflns.limit_k_min                  ? 
_reflns.limit_l_max                  ? 
_reflns.limit_l_min                  ? 
_reflns.observed_criterion_F_max     ? 
_reflns.observed_criterion_F_min     ? 
_reflns.pdbx_chi_squared             ? 
_reflns.pdbx_scaling_rejects         ? 
_reflns.pdbx_ordinal                 1 
_reflns.pdbx_diffrn_id               1 
# 
loop_
_reflns_shell.d_res_high 
_reflns_shell.d_res_low 
_reflns_shell.number_measured_obs 
_reflns_shell.number_measured_all 
_reflns_shell.number_unique_obs 
_reflns_shell.Rmerge_I_obs 
_reflns_shell.meanI_over_sigI_obs 
_reflns_shell.pdbx_Rsym_value 
_reflns_shell.pdbx_chi_squared 
_reflns_shell.pdbx_redundancy 
_reflns_shell.percent_possible_obs 
_reflns_shell.number_unique_all 
_reflns_shell.percent_possible_all 
_reflns_shell.pdbx_ordinal 
_reflns_shell.pdbx_diffrn_id 
1.830 1.900 7786 ? 1910 0.790 1.86 ? ? ? ? ? 94.500  1  1 
1.900 1.970 7237 ? 1720 0.546 2.8  ? ? ? ? ? 99.800  2  1 
1.970 2.060 7989 ? 1887 0.324 4.7  ? ? ? ? ? 99.900  3  1 
2.060 2.170 8144 ? 1929 0.243 6.3  ? ? ? ? ? 99.800  4  1 
2.170 2.310 8206 ? 1943 0.171 8.6  ? ? ? ? ? 99.800  5  1 
2.310 2.480 7582 ? 1781 0.132 11.4 ? ? ? ? ? 99.900  6  1 
2.480 2.730 8098 ? 1898 0.086 16.0 ? ? ? ? ? 100.000 7  1 
2.730 3.130 8255 ? 1930 0.048 26.5 ? ? ? ? ? 99.900  8  1 
3.130 3.930 7935 ? 1867 0.027 44.3 ? ? ? ? ? 100.000 9  1 
3.930 ?     8061 ? 1910 0.021 56.9 ? ? ? ? ? 99.400  10 1 
# 
_refine.entry_id                                 3SB3 
_refine.ls_d_res_high                            1.8300 
_refine.ls_d_res_low                             29.552 
_refine.pdbx_ls_sigma_F                          0.000 
_refine.pdbx_data_cutoff_high_absF               ? 
_refine.pdbx_data_cutoff_low_absF                ? 
_refine.ls_percent_reflns_obs                    99.6100 
_refine.ls_number_reflns_obs                     10296 
_refine.ls_number_reflns_all                     ? 
_refine.pdbx_ls_cross_valid_method               THROUGHOUT 
_refine.pdbx_R_Free_selection_details            RANDOM 
_refine.details                                  
;1. HYDROGENS HAVE BEEN ADDED IN THE RIDING POSITIONS. 2. ATOM RECORD CONTAINS SUM OF TLS AND RESIDUAL B FACTORS. ANISOU RECORD CONTAINS SUM OF TLS AND RESIDUAL U FACTORS. 3 .A MET-INHIBITION PROTOCOL WAS USED FOR SELENOMETHIONINE INCORPORATION DURING PROTEIN EXPRESSION. THE OCCUPANCY OF THE SE ATOMS IN THE MSE RESIDUES WAS REDUCED TO 0.75 FOR THE REDUCED SCATTERING POWER DUE TO PARTIAL S-MET INCORPORATION  4.SOLVENT MOLECULES WERE EXCLUDED FROM THE ASSIGNMENT OF THE TLS GROUPS. 5. BASED ON FIT TO ELECTRON DENSITY, A PHOSPHATE (PO4) HAS BEEN MODELED AT A SPECIAL POSITION NEAR THE SIDECHAINS OF ARG 124 AND ARG 120. HOWEVER, THIS ASSIGNMENT OF ELECTRON DENSITY TO A PHOSPHATE IS TENTATIVE.
;
_refine.ls_R_factor_all                          ? 
_refine.ls_R_factor_obs                          0.1888 
_refine.ls_R_factor_R_work                       0.1872 
_refine.ls_wR_factor_R_work                      ? 
_refine.ls_R_factor_R_free                       0.2227 
_refine.ls_wR_factor_R_free                      ? 
_refine.ls_percent_reflns_R_free                 4.8000 
_refine.ls_number_reflns_R_free                  497 
_refine.ls_R_factor_R_free_error                 ? 
_refine.B_iso_mean                               30.2006 
_refine.solvent_model_param_bsol                 ? 
_refine.solvent_model_param_ksol                 ? 
_refine.pdbx_isotropic_thermal_model             ? 
_refine.aniso_B[1][1]                            -0.2200 
_refine.aniso_B[2][2]                            -0.2200 
_refine.aniso_B[3][3]                            0.4400 
_refine.aniso_B[1][2]                            0.0000 
_refine.aniso_B[1][3]                            0.0000 
_refine.aniso_B[2][3]                            0.0000 
_refine.correlation_coeff_Fo_to_Fc               0.9610 
_refine.correlation_coeff_Fo_to_Fc_free          0.9420 
_refine.overall_SU_R_Cruickshank_DPI             ? 
_refine.overall_SU_R_free                        ? 
_refine.pdbx_overall_ESU_R_Free                  0.1220 
_refine.overall_SU_ML                            0.0810 
_refine.overall_SU_B                             5.1990 
_refine.solvent_model_details                    MASK 
_refine.pdbx_solvent_vdw_probe_radii             1.4000 
_refine.pdbx_solvent_ion_probe_radii             0.8000 
_refine.pdbx_solvent_shrinkage_radii             0.8000 
_refine.ls_number_parameters                     ? 
_refine.ls_number_restraints                     ? 
_refine.pdbx_starting_model                      ? 
_refine.pdbx_method_to_determine_struct          MAD 
_refine.pdbx_stereochemistry_target_values       'MAXIMUM LIKELIHOOD WITH PHASES' 
_refine.pdbx_stereochem_target_val_spec_case     ? 
_refine.overall_FOM_work_R_set                   ? 
_refine.B_iso_max                                60.720 
_refine.B_iso_min                                16.470 
_refine.pdbx_overall_phase_error                 ? 
_refine.occupancy_max                            1.000 
_refine.occupancy_min                            0.500 
_refine.pdbx_ls_sigma_I                          ? 
_refine.ls_redundancy_reflns_obs                 ? 
_refine.ls_R_factor_R_free_error_details         ? 
_refine.pdbx_data_cutoff_high_rms_absF           ? 
_refine.overall_FOM_free_R_set                   ? 
_refine.pdbx_diffrn_id                           1 
_refine.pdbx_refine_id                           'X-RAY DIFFRACTION' 
_refine.pdbx_overall_ESU_R                       ? 
_refine.pdbx_TLS_residual_ADP_flag               ? 
_refine.pdbx_overall_SU_R_free_Cruickshank_DPI   ? 
_refine.pdbx_overall_SU_R_Blow_DPI               ? 
_refine.pdbx_overall_SU_R_free_Blow_DPI          ? 
# 
_refine_hist.pdbx_refine_id                   'X-RAY DIFFRACTION' 
_refine_hist.cycle_id                         LAST 
_refine_hist.pdbx_number_atoms_protein        730 
_refine_hist.pdbx_number_atoms_nucleic_acid   0 
_refine_hist.pdbx_number_atoms_ligand         5 
_refine_hist.number_atoms_solvent             77 
_refine_hist.number_atoms_total               812 
_refine_hist.d_res_high                       1.8300 
_refine_hist.d_res_low                        29.552 
# 
loop_
_refine_ls_restr.type 
_refine_ls_restr.number 
_refine_ls_restr.dev_ideal 
_refine_ls_restr.dev_ideal_target 
_refine_ls_restr.weight 
_refine_ls_restr.pdbx_restraint_function 
_refine_ls_restr.pdbx_refine_id 
r_bond_refined_d       782  0.019  0.022  ? ? 'X-RAY DIFFRACTION' 
r_bond_other_d         507  0.003  0.020  ? ? 'X-RAY DIFFRACTION' 
r_angle_refined_deg    1068 1.666  1.956  ? ? 'X-RAY DIFFRACTION' 
r_angle_other_deg      1243 0.978  3.000  ? ? 'X-RAY DIFFRACTION' 
r_dihedral_angle_1_deg 112  5.848  5.000  ? ? 'X-RAY DIFFRACTION' 
r_dihedral_angle_2_deg 34   33.768 24.412 ? ? 'X-RAY DIFFRACTION' 
r_dihedral_angle_3_deg 127  14.061 15.000 ? ? 'X-RAY DIFFRACTION' 
r_dihedral_angle_4_deg 6    20.415 15.000 ? ? 'X-RAY DIFFRACTION' 
r_chiral_restr         127  0.108  0.200  ? ? 'X-RAY DIFFRACTION' 
r_gen_planes_refined   913  0.007  0.020  ? ? 'X-RAY DIFFRACTION' 
r_gen_planes_other     161  0.001  0.020  ? ? 'X-RAY DIFFRACTION' 
r_mcbond_it            519  1.098  1.500  ? ? 'X-RAY DIFFRACTION' 
r_mcbond_other         214  0.329  1.500  ? ? 'X-RAY DIFFRACTION' 
r_mcangle_it           831  1.894  2.000  ? ? 'X-RAY DIFFRACTION' 
r_scbond_it            263  3.092  3.000  ? ? 'X-RAY DIFFRACTION' 
r_scangle_it           232  5.304  4.500  ? ? 'X-RAY DIFFRACTION' 
# 
_refine_ls_shell.d_res_high                       1.8310 
_refine_ls_shell.d_res_low                        1.8790 
_refine_ls_shell.pdbx_total_number_of_bins_used   20 
_refine_ls_shell.percent_reflns_obs               96.7800 
_refine_ls_shell.number_reflns_R_work             671 
_refine_ls_shell.R_factor_all                     ? 
_refine_ls_shell.R_factor_R_work                  0.2660 
_refine_ls_shell.R_factor_R_free                  0.2700 
_refine_ls_shell.percent_reflns_R_free            ? 
_refine_ls_shell.number_reflns_R_free             50 
_refine_ls_shell.R_factor_R_free_error            ? 
_refine_ls_shell.number_reflns_all                721 
_refine_ls_shell.number_reflns_obs                ? 
_refine_ls_shell.redundancy_reflns_obs            ? 
_refine_ls_shell.pdbx_refine_id                   'X-RAY DIFFRACTION' 
# 
_struct.entry_id                  3SB3 
_struct.title                     
'Crystal structure of an apag protein (PA1934) from pseudomonas aeruginosa pao1 at 1.83 A resolution' 
_struct.pdbx_model_details        ? 
_struct.pdbx_CASP_flag            ? 
_struct.pdbx_model_type_details   ? 
# 
_struct_keywords.text            
'Structural Genomics, Joint Center for Structural Genomics, JCSG, Protein Structure Initiative, PSI-BIOLOGY, UNKNOWN FUNCTION' 
_struct_keywords.pdbx_keywords   'Structural Genomics, Unknown Function' 
_struct_keywords.entry_id        3SB3 
# 
loop_
_struct_asym.id 
_struct_asym.pdbx_blank_PDB_chainid_flag 
_struct_asym.pdbx_modified 
_struct_asym.entity_id 
_struct_asym.details 
A N N 1 ? 
B N N 2 ? 
C N N 3 ? 
# 
_struct_ref.id                         1 
_struct_ref.db_name                    UNP 
_struct_ref.db_code                    Q9I2H0_PSEAE 
_struct_ref.pdbx_db_accession          Q9I2H0 
_struct_ref.entity_id                  1 
_struct_ref.pdbx_seq_one_letter_code   
;AAPDAVMVFARQGDKGSVSVGDKHFRTQAFKVRLVNAAKSEISLKNSCLVAQSAAGQSFRLDTVDEELTADTLKPGASVE
GDAIFASEDDAVYGASLVRLSDRCK
;
_struct_ref.pdbx_align_begin           22 
_struct_ref.pdbx_db_isoform            ? 
# 
_struct_ref_seq.align_id                      1 
_struct_ref_seq.ref_id                        1 
_struct_ref_seq.pdbx_PDB_id_code              3SB3 
_struct_ref_seq.pdbx_strand_id                A 
_struct_ref_seq.seq_align_beg                 2 
_struct_ref_seq.pdbx_seq_align_beg_ins_code   ? 
_struct_ref_seq.seq_align_end                 106 
_struct_ref_seq.pdbx_seq_align_end_ins_code   ? 
_struct_ref_seq.pdbx_db_accession             Q9I2H0 
_struct_ref_seq.db_align_beg                  22 
_struct_ref_seq.pdbx_db_align_beg_ins_code    ? 
_struct_ref_seq.db_align_end                  126 
_struct_ref_seq.pdbx_db_align_end_ins_code    ? 
_struct_ref_seq.pdbx_auth_seq_align_beg       22 
_struct_ref_seq.pdbx_auth_seq_align_end       126 
# 
_struct_ref_seq_dif.align_id                     1 
_struct_ref_seq_dif.pdbx_pdb_id_code             3SB3 
_struct_ref_seq_dif.mon_id                       GLY 
_struct_ref_seq_dif.pdbx_pdb_strand_id           A 
_struct_ref_seq_dif.seq_num                      1 
_struct_ref_seq_dif.pdbx_pdb_ins_code            ? 
_struct_ref_seq_dif.pdbx_seq_db_name             UNP 
_struct_ref_seq_dif.pdbx_seq_db_accession_code   Q9I2H0 
_struct_ref_seq_dif.db_mon_id                    ? 
_struct_ref_seq_dif.pdbx_seq_db_seq_num          ? 
_struct_ref_seq_dif.details                      'expression tag' 
_struct_ref_seq_dif.pdbx_auth_seq_num            0 
_struct_ref_seq_dif.pdbx_ordinal                 1 
# 
_pdbx_struct_assembly.id                   1 
_pdbx_struct_assembly.details              author_and_software_defined_assembly 
_pdbx_struct_assembly.method_details       PISA 
_pdbx_struct_assembly.oligomeric_details   tetrameric 
_pdbx_struct_assembly.oligomeric_count     4 
# 
loop_
_pdbx_struct_assembly_prop.biol_id 
_pdbx_struct_assembly_prop.type 
_pdbx_struct_assembly_prop.value 
_pdbx_struct_assembly_prop.details 
1 'ABSA (A^2)' 5110  ? 
1 MORE         -29   ? 
1 'SSA (A^2)'  20230 ? 
# 
_pdbx_struct_assembly_gen.assembly_id       1 
_pdbx_struct_assembly_gen.oper_expression   1,2,3,4 
_pdbx_struct_assembly_gen.asym_id_list      A,B,C 
# 
_pdbx_struct_assembly_auth_evidence.id                     1 
_pdbx_struct_assembly_auth_evidence.assembly_id            1 
_pdbx_struct_assembly_auth_evidence.experimental_support   'gel filtration' 
_pdbx_struct_assembly_auth_evidence.details                ? 
# 
loop_
_pdbx_struct_oper_list.id 
_pdbx_struct_oper_list.type 
_pdbx_struct_oper_list.name 
_pdbx_struct_oper_list.symmetry_operation 
_pdbx_struct_oper_list.matrix[1][1] 
_pdbx_struct_oper_list.matrix[1][2] 
_pdbx_struct_oper_list.matrix[1][3] 
_pdbx_struct_oper_list.vector[1] 
_pdbx_struct_oper_list.matrix[2][1] 
_pdbx_struct_oper_list.matrix[2][2] 
_pdbx_struct_oper_list.matrix[2][3] 
_pdbx_struct_oper_list.vector[2] 
_pdbx_struct_oper_list.matrix[3][1] 
_pdbx_struct_oper_list.matrix[3][2] 
_pdbx_struct_oper_list.matrix[3][3] 
_pdbx_struct_oper_list.vector[3] 
1 'identity operation'         1_555 x,y,z          1.0000000000 0.0000000000 0.0000000000  0.0000000000  0.0000000000 1.0000000000  0.0000000000  0.0000000000   0.0000000000  0.0000000000  1.0000000000  0.0000000000   
2 'crystal symmetry operation' 2_655 -x+1,-y,z      0.6022316170 0.7957767503 -0.0636902120 14.2925146762 0.7957767503 -0.6047633628 -0.0316328734 -30.4059603793 -0.0636902120 -0.0316328734 -0.9974682542 -20.3553638641 
3 'crystal symmetry operation' 3_545 -y+1/2,x-1/2,z 0.8011158085 0.4334674825 0.4126977138  12.2115812275 0.3623092678 0.1976183186  -0.9108671663 -24.0582643711 -0.4763879258 0.8792342929  0.0012658729  6.6065739662   
4 'crystal symmetry operation' 4_555 y+1/2,-x+1/2,z 0.8011158085 0.3623092678 -0.4763879258 2.0809334487  0.4334674825 0.1976183186  0.8792342929  -6.3476960082  0.4126977138  -0.9108671663 0.0012658729  -26.9619378304 
# 
_struct_biol.id        1 
_struct_biol.details   
;ANALYTICAL SIZE EXCLUSION CHROMATOGRAPHY PROVIDES SUPPORTING EVIDENCE THAT THE TETRAMER IS A SIGNIFICANT OLIGOMERIZATION STATE IN SOLUTION.
;
# 
loop_
_struct_conf.conf_type_id 
_struct_conf.id 
_struct_conf.pdbx_PDB_helix_id 
_struct_conf.beg_label_comp_id 
_struct_conf.beg_label_asym_id 
_struct_conf.beg_label_seq_id 
_struct_conf.pdbx_beg_PDB_ins_code 
_struct_conf.end_label_comp_id 
_struct_conf.end_label_asym_id 
_struct_conf.end_label_seq_id 
_struct_conf.pdbx_end_PDB_ins_code 
_struct_conf.beg_auth_comp_id 
_struct_conf.beg_auth_asym_id 
_struct_conf.beg_auth_seq_id 
_struct_conf.end_auth_comp_id 
_struct_conf.end_auth_asym_id 
_struct_conf.end_auth_seq_id 
_struct_conf.pdbx_PDB_helix_class 
_struct_conf.details 
_struct_conf.pdbx_PDB_helix_length 
HELX_P HELX_P1 1 GLU A 67 ? ALA A 71 ? GLU A 87  ALA A 91  5 ? 5 
HELX_P HELX_P2 2 ASP A 91 ? ALA A 96 ? ASP A 111 ALA A 116 5 ? 6 
# 
_struct_conf_type.id          HELX_P 
_struct_conf_type.criteria    ? 
_struct_conf_type.reference   ? 
# 
loop_
_struct_conn.id 
_struct_conn.conn_type_id 
_struct_conn.pdbx_leaving_atom_flag 
_struct_conn.pdbx_PDB_id 
_struct_conn.ptnr1_label_asym_id 
_struct_conn.ptnr1_label_comp_id 
_struct_conn.ptnr1_label_seq_id 
_struct_conn.ptnr1_label_atom_id 
_struct_conn.pdbx_ptnr1_label_alt_id 
_struct_conn.pdbx_ptnr1_PDB_ins_code 
_struct_conn.pdbx_ptnr1_standard_comp_id 
_struct_conn.ptnr1_symmetry 
_struct_conn.ptnr2_label_asym_id 
_struct_conn.ptnr2_label_comp_id 
_struct_conn.ptnr2_label_seq_id 
_struct_conn.ptnr2_label_atom_id 
_struct_conn.pdbx_ptnr2_label_alt_id 
_struct_conn.pdbx_ptnr2_PDB_ins_code 
_struct_conn.ptnr1_auth_asym_id 
_struct_conn.ptnr1_auth_comp_id 
_struct_conn.ptnr1_auth_seq_id 
_struct_conn.ptnr2_auth_asym_id 
_struct_conn.ptnr2_auth_comp_id 
_struct_conn.ptnr2_auth_seq_id 
_struct_conn.ptnr2_symmetry 
_struct_conn.pdbx_ptnr3_label_atom_id 
_struct_conn.pdbx_ptnr3_label_seq_id 
_struct_conn.pdbx_ptnr3_label_comp_id 
_struct_conn.pdbx_ptnr3_label_asym_id 
_struct_conn.pdbx_ptnr3_label_alt_id 
_struct_conn.pdbx_ptnr3_PDB_ins_code 
_struct_conn.details 
_struct_conn.pdbx_dist_value 
_struct_conn.pdbx_value_order 
_struct_conn.pdbx_role 
disulf1 disulf ?    ? A CYS 49 SG ? ? ? 1_555 A CYS 105 SG ? ? A CYS 69 A CYS 125 1_555 ? ? ? ? ? ? ? 2.149 ? ? 
covale1 covale both ? A VAL 7  C  ? ? ? 1_555 A MSE 8   N  ? ? A VAL 27 A MSE 28  1_555 ? ? ? ? ? ? ? 1.324 ? ? 
covale2 covale both ? A MSE 8  C  ? ? ? 1_555 A VAL 9   N  ? ? A MSE 28 A VAL 29  1_555 ? ? ? ? ? ? ? 1.332 ? ? 
# 
loop_
_struct_conn_type.id 
_struct_conn_type.criteria 
_struct_conn_type.reference 
disulf ? ? 
covale ? ? 
# 
loop_
_pdbx_modification_feature.ordinal 
_pdbx_modification_feature.label_comp_id 
_pdbx_modification_feature.label_asym_id 
_pdbx_modification_feature.label_seq_id 
_pdbx_modification_feature.label_alt_id 
_pdbx_modification_feature.modified_residue_label_comp_id 
_pdbx_modification_feature.modified_residue_label_asym_id 
_pdbx_modification_feature.modified_residue_label_seq_id 
_pdbx_modification_feature.modified_residue_label_alt_id 
_pdbx_modification_feature.auth_comp_id 
_pdbx_modification_feature.auth_asym_id 
_pdbx_modification_feature.auth_seq_id 
_pdbx_modification_feature.PDB_ins_code 
_pdbx_modification_feature.symmetry 
_pdbx_modification_feature.modified_residue_auth_comp_id 
_pdbx_modification_feature.modified_residue_auth_asym_id 
_pdbx_modification_feature.modified_residue_auth_seq_id 
_pdbx_modification_feature.modified_residue_PDB_ins_code 
_pdbx_modification_feature.modified_residue_symmetry 
_pdbx_modification_feature.comp_id_linking_atom 
_pdbx_modification_feature.modified_residue_id_linking_atom 
_pdbx_modification_feature.modified_residue_id 
_pdbx_modification_feature.ref_pcm_id 
_pdbx_modification_feature.ref_comp_id 
_pdbx_modification_feature.type 
_pdbx_modification_feature.category 
1 MSE A 8  ? .   . .   . MSE A 28 ? 1_555 .   . .   . .     .  .  MET 1 MSE Selenomethionine 'Named protein modification' 
2 CYS A 49 ? CYS A 105 ? CYS A 69 ? 1_555 CYS A 125 ? 1_555 SG SG .   . .   None             'Disulfide bridge'           
# 
loop_
_struct_sheet.id 
_struct_sheet.type 
_struct_sheet.number_strands 
_struct_sheet.details 
A ? 6 ? 
B ? 2 ? 
# 
loop_
_struct_sheet_order.sheet_id 
_struct_sheet_order.range_id_1 
_struct_sheet_order.range_id_2 
_struct_sheet_order.offset 
_struct_sheet_order.sense 
A 1 2 ? anti-parallel 
A 2 3 ? anti-parallel 
A 3 4 ? anti-parallel 
A 4 5 ? anti-parallel 
A 5 6 ? anti-parallel 
B 1 2 ? anti-parallel 
# 
loop_
_struct_sheet_range.sheet_id 
_struct_sheet_range.id 
_struct_sheet_range.beg_label_comp_id 
_struct_sheet_range.beg_label_asym_id 
_struct_sheet_range.beg_label_seq_id 
_struct_sheet_range.pdbx_beg_PDB_ins_code 
_struct_sheet_range.end_label_comp_id 
_struct_sheet_range.end_label_asym_id 
_struct_sheet_range.end_label_seq_id 
_struct_sheet_range.pdbx_end_PDB_ins_code 
_struct_sheet_range.beg_auth_comp_id 
_struct_sheet_range.beg_auth_asym_id 
_struct_sheet_range.beg_auth_seq_id 
_struct_sheet_range.end_auth_comp_id 
_struct_sheet_range.end_auth_asym_id 
_struct_sheet_range.end_auth_seq_id 
A 1 MSE A 8  ? VAL A 21  ? MSE A 28  VAL A 41  
A 2 LYS A 24 ? VAL A 36  ? LYS A 44  VAL A 56  
A 3 SER A 79 ? SER A 88  ? SER A 99  SER A 108 
A 4 SER A 59 ? VAL A 65  ? SER A 79  VAL A 85  
A 5 CYS A 49 ? GLN A 53  ? CYS A 69  GLN A 73  
A 6 LEU A 98 ? SER A 102 ? LEU A 118 SER A 122 
B 1 ILE A 43 ? SER A 44  ? ILE A 63  SER A 64  
B 2 THR A 73 ? LEU A 74  ? THR A 93  LEU A 94  
# 
loop_
_pdbx_struct_sheet_hbond.sheet_id 
_pdbx_struct_sheet_hbond.range_id_1 
_pdbx_struct_sheet_hbond.range_id_2 
_pdbx_struct_sheet_hbond.range_1_label_atom_id 
_pdbx_struct_sheet_hbond.range_1_label_comp_id 
_pdbx_struct_sheet_hbond.range_1_label_asym_id 
_pdbx_struct_sheet_hbond.range_1_label_seq_id 
_pdbx_struct_sheet_hbond.range_1_PDB_ins_code 
_pdbx_struct_sheet_hbond.range_1_auth_atom_id 
_pdbx_struct_sheet_hbond.range_1_auth_comp_id 
_pdbx_struct_sheet_hbond.range_1_auth_asym_id 
_pdbx_struct_sheet_hbond.range_1_auth_seq_id 
_pdbx_struct_sheet_hbond.range_2_label_atom_id 
_pdbx_struct_sheet_hbond.range_2_label_comp_id 
_pdbx_struct_sheet_hbond.range_2_label_asym_id 
_pdbx_struct_sheet_hbond.range_2_label_seq_id 
_pdbx_struct_sheet_hbond.range_2_PDB_ins_code 
_pdbx_struct_sheet_hbond.range_2_auth_atom_id 
_pdbx_struct_sheet_hbond.range_2_auth_comp_id 
_pdbx_struct_sheet_hbond.range_2_auth_asym_id 
_pdbx_struct_sheet_hbond.range_2_auth_seq_id 
A 1 2 N GLY A 14 ? N GLY A 34  O ALA A 30  ? O ALA A 50  
A 2 3 N VAL A 33 ? N VAL A 53  O GLY A 82  ? O GLY A 102 
A 3 4 O ILE A 85 ? O ILE A 105 N THR A 64  ? N THR A 84  
A 4 5 O PHE A 60 ? O PHE A 80  N ALA A 52  ? N ALA A 72  
A 5 6 N CYS A 49 ? N CYS A 69  O SER A 102 ? O SER A 122 
B 1 2 N ILE A 43 ? N ILE A 63  O LEU A 74  ? O LEU A 94  
# 
_struct_site.id                   AC1 
_struct_site.pdbx_evidence_code   Software 
_struct_site.pdbx_auth_asym_id    A 
_struct_site.pdbx_auth_comp_id    PO4 
_struct_site.pdbx_auth_seq_id     127 
_struct_site.pdbx_auth_ins_code   ? 
_struct_site.pdbx_num_residues    6 
_struct_site.details              'BINDING SITE FOR RESIDUE PO4 A 127' 
# 
loop_
_struct_site_gen.id 
_struct_site_gen.site_id 
_struct_site_gen.pdbx_num_res 
_struct_site_gen.label_comp_id 
_struct_site_gen.label_asym_id 
_struct_site_gen.label_seq_id 
_struct_site_gen.pdbx_auth_ins_code 
_struct_site_gen.auth_comp_id 
_struct_site_gen.auth_asym_id 
_struct_site_gen.auth_seq_id 
_struct_site_gen.label_atom_id 
_struct_site_gen.label_alt_id 
_struct_site_gen.symmetry 
_struct_site_gen.details 
1 AC1 6 ARG A 100 ? ARG A 120 . ? 1_555 ? 
2 AC1 6 ARG A 100 ? ARG A 120 . ? 7_556 ? 
3 AC1 6 SER A 102 ? SER A 122 . ? 7_556 ? 
4 AC1 6 SER A 102 ? SER A 122 . ? 1_555 ? 
5 AC1 6 ARG A 104 ? ARG A 124 . ? 1_555 ? 
6 AC1 6 ARG A 104 ? ARG A 124 . ? 7_556 ? 
# 
_pdbx_entry_details.entry_id                   3SB3 
_pdbx_entry_details.compound_details           ? 
_pdbx_entry_details.source_details             ? 
_pdbx_entry_details.nonpolymer_details         ? 
_pdbx_entry_details.sequence_details           
;THIS CONSTRUCT (RESIDUES 22-126) WAS EXPRESSED WITH A PURIFICATION TAG MGSDKIHHHHHHENLYFQG. THE TAG WAS REMOVED WITH TEV PROTEASE LEAVING ONLY A GLYCINE (0) FOLLOWED BY THE TARGET SEQUENCE
;
_pdbx_entry_details.has_ligand_of_interest     ? 
_pdbx_entry_details.has_protein_modification   Y 
# 
loop_
_pdbx_validate_rmsd_angle.id 
_pdbx_validate_rmsd_angle.PDB_model_num 
_pdbx_validate_rmsd_angle.auth_atom_id_1 
_pdbx_validate_rmsd_angle.auth_asym_id_1 
_pdbx_validate_rmsd_angle.auth_comp_id_1 
_pdbx_validate_rmsd_angle.auth_seq_id_1 
_pdbx_validate_rmsd_angle.PDB_ins_code_1 
_pdbx_validate_rmsd_angle.label_alt_id_1 
_pdbx_validate_rmsd_angle.auth_atom_id_2 
_pdbx_validate_rmsd_angle.auth_asym_id_2 
_pdbx_validate_rmsd_angle.auth_comp_id_2 
_pdbx_validate_rmsd_angle.auth_seq_id_2 
_pdbx_validate_rmsd_angle.PDB_ins_code_2 
_pdbx_validate_rmsd_angle.label_alt_id_2 
_pdbx_validate_rmsd_angle.auth_atom_id_3 
_pdbx_validate_rmsd_angle.auth_asym_id_3 
_pdbx_validate_rmsd_angle.auth_comp_id_3 
_pdbx_validate_rmsd_angle.auth_seq_id_3 
_pdbx_validate_rmsd_angle.PDB_ins_code_3 
_pdbx_validate_rmsd_angle.label_alt_id_3 
_pdbx_validate_rmsd_angle.angle_value 
_pdbx_validate_rmsd_angle.angle_target_value 
_pdbx_validate_rmsd_angle.angle_deviation 
_pdbx_validate_rmsd_angle.angle_standard_deviation 
_pdbx_validate_rmsd_angle.linker_flag 
1 1 CB A ASP 103 ? ? CG A ASP 103 ? ? OD1 A ASP 103 ? ? 124.80 118.30 6.50  0.90 N 
2 1 NE A ARG 120 ? ? CZ A ARG 120 ? ? NH1 A ARG 120 ? ? 123.97 120.30 3.67  0.50 N 
3 1 NE A ARG 120 ? ? CZ A ARG 120 ? ? NH2 A ARG 120 ? ? 117.26 120.30 -3.04 0.50 N 
# 
loop_
_pdbx_validate_torsion.id 
_pdbx_validate_torsion.PDB_model_num 
_pdbx_validate_torsion.auth_comp_id 
_pdbx_validate_torsion.auth_asym_id 
_pdbx_validate_torsion.auth_seq_id 
_pdbx_validate_torsion.PDB_ins_code 
_pdbx_validate_torsion.label_alt_id 
_pdbx_validate_torsion.phi 
_pdbx_validate_torsion.psi 
1 1 ASP A 110 ? ? -91.44  -157.57 
2 1 ARG A 124 ? ? -104.26 77.46   
# 
_pdbx_SG_project.project_name          PSI:Biology 
_pdbx_SG_project.full_name_of_center   'Joint Center for Structural Genomics' 
_pdbx_SG_project.id                    1 
_pdbx_SG_project.initial_of_center     JCSG 
# 
_pdbx_struct_mod_residue.id               1 
_pdbx_struct_mod_residue.label_asym_id    A 
_pdbx_struct_mod_residue.label_comp_id    MSE 
_pdbx_struct_mod_residue.label_seq_id     8 
_pdbx_struct_mod_residue.auth_asym_id     A 
_pdbx_struct_mod_residue.auth_comp_id     MSE 
_pdbx_struct_mod_residue.auth_seq_id      28 
_pdbx_struct_mod_residue.PDB_ins_code     ? 
_pdbx_struct_mod_residue.parent_comp_id   MET 
_pdbx_struct_mod_residue.details          SELENOMETHIONINE 
# 
loop_
_pdbx_struct_special_symmetry.id 
_pdbx_struct_special_symmetry.PDB_model_num 
_pdbx_struct_special_symmetry.auth_asym_id 
_pdbx_struct_special_symmetry.auth_comp_id 
_pdbx_struct_special_symmetry.auth_seq_id 
_pdbx_struct_special_symmetry.PDB_ins_code 
_pdbx_struct_special_symmetry.label_asym_id 
_pdbx_struct_special_symmetry.label_comp_id 
_pdbx_struct_special_symmetry.label_seq_id 
1 1 A PO4 127 ? B PO4 . 
2 1 A PO4 127 ? B PO4 . 
# 
_pdbx_refine_tls.pdbx_refine_id   'X-RAY DIFFRACTION' 
_pdbx_refine_tls.id               1 
_pdbx_refine_tls.details          ? 
_pdbx_refine_tls.method           refined 
_pdbx_refine_tls.origin_x         0.4176 
_pdbx_refine_tls.origin_y         0.2451 
_pdbx_refine_tls.origin_z         -0.3273 
_pdbx_refine_tls.T[1][1]          0.0440 
_pdbx_refine_tls.T[2][2]          0.0401 
_pdbx_refine_tls.T[3][3]          0.0280 
_pdbx_refine_tls.T[1][2]          0.0070 
_pdbx_refine_tls.T[1][3]          0.0047 
_pdbx_refine_tls.T[2][3]          -0.0090 
_pdbx_refine_tls.L[1][1]          0.2002 
_pdbx_refine_tls.L[2][2]          0.1170 
_pdbx_refine_tls.L[3][3]          1.9442 
_pdbx_refine_tls.L[1][2]          0.4018 
_pdbx_refine_tls.L[1][3]          0.3382 
_pdbx_refine_tls.L[2][3]          0.1074 
_pdbx_refine_tls.S[1][1]          0.0531 
_pdbx_refine_tls.S[2][2]          -0.0358 
_pdbx_refine_tls.S[3][3]          -0.0172 
_pdbx_refine_tls.S[1][2]          -0.0768 
_pdbx_refine_tls.S[1][3]          0.0693 
_pdbx_refine_tls.S[2][3]          -0.0275 
_pdbx_refine_tls.S[2][1]          -0.0413 
_pdbx_refine_tls.S[3][1]          0.0353 
_pdbx_refine_tls.S[3][2]          -0.1567 
# 
_pdbx_refine_tls_group.pdbx_refine_id      'X-RAY DIFFRACTION' 
_pdbx_refine_tls_group.id                  1 
_pdbx_refine_tls_group.refine_tls_id       1 
_pdbx_refine_tls_group.beg_auth_asym_id    A 
_pdbx_refine_tls_group.beg_auth_seq_id     25 
_pdbx_refine_tls_group.end_auth_asym_id    A 
_pdbx_refine_tls_group.end_auth_seq_id     125 
_pdbx_refine_tls_group.selection_details   ? 
_pdbx_refine_tls_group.beg_label_asym_id   . 
_pdbx_refine_tls_group.beg_label_seq_id    . 
_pdbx_refine_tls_group.end_label_asym_id   . 
_pdbx_refine_tls_group.end_label_seq_id    . 
_pdbx_refine_tls_group.selection           ? 
# 
_phasing.method   MAD 
# 
loop_
_pdbx_unobs_or_zero_occ_residues.id 
_pdbx_unobs_or_zero_occ_residues.PDB_model_num 
_pdbx_unobs_or_zero_occ_residues.polymer_flag 
_pdbx_unobs_or_zero_occ_residues.occupancy_flag 
_pdbx_unobs_or_zero_occ_residues.auth_asym_id 
_pdbx_unobs_or_zero_occ_residues.auth_comp_id 
_pdbx_unobs_or_zero_occ_residues.auth_seq_id 
_pdbx_unobs_or_zero_occ_residues.PDB_ins_code 
_pdbx_unobs_or_zero_occ_residues.label_asym_id 
_pdbx_unobs_or_zero_occ_residues.label_comp_id 
_pdbx_unobs_or_zero_occ_residues.label_seq_id 
1 1 Y 1 A GLY 0   ? A GLY 1   
2 1 Y 1 A ALA 22  ? A ALA 2   
3 1 Y 1 A ALA 23  ? A ALA 3   
4 1 Y 1 A PRO 24  ? A PRO 4   
5 1 Y 1 A LYS 126 ? A LYS 106 
# 
loop_
_chem_comp_atom.comp_id 
_chem_comp_atom.atom_id 
_chem_comp_atom.type_symbol 
_chem_comp_atom.pdbx_aromatic_flag 
_chem_comp_atom.pdbx_stereo_config 
_chem_comp_atom.pdbx_ordinal 
ALA N    N  N N 1   
ALA CA   C  N S 2   
ALA C    C  N N 3   
ALA O    O  N N 4   
ALA CB   C  N N 5   
ALA OXT  O  N N 6   
ALA H    H  N N 7   
ALA H2   H  N N 8   
ALA HA   H  N N 9   
ALA HB1  H  N N 10  
ALA HB2  H  N N 11  
ALA HB3  H  N N 12  
ALA HXT  H  N N 13  
ARG N    N  N N 14  
ARG CA   C  N S 15  
ARG C    C  N N 16  
ARG O    O  N N 17  
ARG CB   C  N N 18  
ARG CG   C  N N 19  
ARG CD   C  N N 20  
ARG NE   N  N N 21  
ARG CZ   C  N N 22  
ARG NH1  N  N N 23  
ARG NH2  N  N N 24  
ARG OXT  O  N N 25  
ARG H    H  N N 26  
ARG H2   H  N N 27  
ARG HA   H  N N 28  
ARG HB2  H  N N 29  
ARG HB3  H  N N 30  
ARG HG2  H  N N 31  
ARG HG3  H  N N 32  
ARG HD2  H  N N 33  
ARG HD3  H  N N 34  
ARG HE   H  N N 35  
ARG HH11 H  N N 36  
ARG HH12 H  N N 37  
ARG HH21 H  N N 38  
ARG HH22 H  N N 39  
ARG HXT  H  N N 40  
ASN N    N  N N 41  
ASN CA   C  N S 42  
ASN C    C  N N 43  
ASN O    O  N N 44  
ASN CB   C  N N 45  
ASN CG   C  N N 46  
ASN OD1  O  N N 47  
ASN ND2  N  N N 48  
ASN OXT  O  N N 49  
ASN H    H  N N 50  
ASN H2   H  N N 51  
ASN HA   H  N N 52  
ASN HB2  H  N N 53  
ASN HB3  H  N N 54  
ASN HD21 H  N N 55  
ASN HD22 H  N N 56  
ASN HXT  H  N N 57  
ASP N    N  N N 58  
ASP CA   C  N S 59  
ASP C    C  N N 60  
ASP O    O  N N 61  
ASP CB   C  N N 62  
ASP CG   C  N N 63  
ASP OD1  O  N N 64  
ASP OD2  O  N N 65  
ASP OXT  O  N N 66  
ASP H    H  N N 67  
ASP H2   H  N N 68  
ASP HA   H  N N 69  
ASP HB2  H  N N 70  
ASP HB3  H  N N 71  
ASP HD2  H  N N 72  
ASP HXT  H  N N 73  
CYS N    N  N N 74  
CYS CA   C  N R 75  
CYS C    C  N N 76  
CYS O    O  N N 77  
CYS CB   C  N N 78  
CYS SG   S  N N 79  
CYS OXT  O  N N 80  
CYS H    H  N N 81  
CYS H2   H  N N 82  
CYS HA   H  N N 83  
CYS HB2  H  N N 84  
CYS HB3  H  N N 85  
CYS HG   H  N N 86  
CYS HXT  H  N N 87  
GLN N    N  N N 88  
GLN CA   C  N S 89  
GLN C    C  N N 90  
GLN O    O  N N 91  
GLN CB   C  N N 92  
GLN CG   C  N N 93  
GLN CD   C  N N 94  
GLN OE1  O  N N 95  
GLN NE2  N  N N 96  
GLN OXT  O  N N 97  
GLN H    H  N N 98  
GLN H2   H  N N 99  
GLN HA   H  N N 100 
GLN HB2  H  N N 101 
GLN HB3  H  N N 102 
GLN HG2  H  N N 103 
GLN HG3  H  N N 104 
GLN HE21 H  N N 105 
GLN HE22 H  N N 106 
GLN HXT  H  N N 107 
GLU N    N  N N 108 
GLU CA   C  N S 109 
GLU C    C  N N 110 
GLU O    O  N N 111 
GLU CB   C  N N 112 
GLU CG   C  N N 113 
GLU CD   C  N N 114 
GLU OE1  O  N N 115 
GLU OE2  O  N N 116 
GLU OXT  O  N N 117 
GLU H    H  N N 118 
GLU H2   H  N N 119 
GLU HA   H  N N 120 
GLU HB2  H  N N 121 
GLU HB3  H  N N 122 
GLU HG2  H  N N 123 
GLU HG3  H  N N 124 
GLU HE2  H  N N 125 
GLU HXT  H  N N 126 
GLY N    N  N N 127 
GLY CA   C  N N 128 
GLY C    C  N N 129 
GLY O    O  N N 130 
GLY OXT  O  N N 131 
GLY H    H  N N 132 
GLY H2   H  N N 133 
GLY HA2  H  N N 134 
GLY HA3  H  N N 135 
GLY HXT  H  N N 136 
HIS N    N  N N 137 
HIS CA   C  N S 138 
HIS C    C  N N 139 
HIS O    O  N N 140 
HIS CB   C  N N 141 
HIS CG   C  Y N 142 
HIS ND1  N  Y N 143 
HIS CD2  C  Y N 144 
HIS CE1  C  Y N 145 
HIS NE2  N  Y N 146 
HIS OXT  O  N N 147 
HIS H    H  N N 148 
HIS H2   H  N N 149 
HIS HA   H  N N 150 
HIS HB2  H  N N 151 
HIS HB3  H  N N 152 
HIS HD1  H  N N 153 
HIS HD2  H  N N 154 
HIS HE1  H  N N 155 
HIS HE2  H  N N 156 
HIS HXT  H  N N 157 
HOH O    O  N N 158 
HOH H1   H  N N 159 
HOH H2   H  N N 160 
ILE N    N  N N 161 
ILE CA   C  N S 162 
ILE C    C  N N 163 
ILE O    O  N N 164 
ILE CB   C  N S 165 
ILE CG1  C  N N 166 
ILE CG2  C  N N 167 
ILE CD1  C  N N 168 
ILE OXT  O  N N 169 
ILE H    H  N N 170 
ILE H2   H  N N 171 
ILE HA   H  N N 172 
ILE HB   H  N N 173 
ILE HG12 H  N N 174 
ILE HG13 H  N N 175 
ILE HG21 H  N N 176 
ILE HG22 H  N N 177 
ILE HG23 H  N N 178 
ILE HD11 H  N N 179 
ILE HD12 H  N N 180 
ILE HD13 H  N N 181 
ILE HXT  H  N N 182 
LEU N    N  N N 183 
LEU CA   C  N S 184 
LEU C    C  N N 185 
LEU O    O  N N 186 
LEU CB   C  N N 187 
LEU CG   C  N N 188 
LEU CD1  C  N N 189 
LEU CD2  C  N N 190 
LEU OXT  O  N N 191 
LEU H    H  N N 192 
LEU H2   H  N N 193 
LEU HA   H  N N 194 
LEU HB2  H  N N 195 
LEU HB3  H  N N 196 
LEU HG   H  N N 197 
LEU HD11 H  N N 198 
LEU HD12 H  N N 199 
LEU HD13 H  N N 200 
LEU HD21 H  N N 201 
LEU HD22 H  N N 202 
LEU HD23 H  N N 203 
LEU HXT  H  N N 204 
LYS N    N  N N 205 
LYS CA   C  N S 206 
LYS C    C  N N 207 
LYS O    O  N N 208 
LYS CB   C  N N 209 
LYS CG   C  N N 210 
LYS CD   C  N N 211 
LYS CE   C  N N 212 
LYS NZ   N  N N 213 
LYS OXT  O  N N 214 
LYS H    H  N N 215 
LYS H2   H  N N 216 
LYS HA   H  N N 217 
LYS HB2  H  N N 218 
LYS HB3  H  N N 219 
LYS HG2  H  N N 220 
LYS HG3  H  N N 221 
LYS HD2  H  N N 222 
LYS HD3  H  N N 223 
LYS HE2  H  N N 224 
LYS HE3  H  N N 225 
LYS HZ1  H  N N 226 
LYS HZ2  H  N N 227 
LYS HZ3  H  N N 228 
LYS HXT  H  N N 229 
MSE N    N  N N 230 
MSE CA   C  N S 231 
MSE C    C  N N 232 
MSE O    O  N N 233 
MSE OXT  O  N N 234 
MSE CB   C  N N 235 
MSE CG   C  N N 236 
MSE SE   SE N N 237 
MSE CE   C  N N 238 
MSE H    H  N N 239 
MSE H2   H  N N 240 
MSE HA   H  N N 241 
MSE HXT  H  N N 242 
MSE HB2  H  N N 243 
MSE HB3  H  N N 244 
MSE HG2  H  N N 245 
MSE HG3  H  N N 246 
MSE HE1  H  N N 247 
MSE HE2  H  N N 248 
MSE HE3  H  N N 249 
PHE N    N  N N 250 
PHE CA   C  N S 251 
PHE C    C  N N 252 
PHE O    O  N N 253 
PHE CB   C  N N 254 
PHE CG   C  Y N 255 
PHE CD1  C  Y N 256 
PHE CD2  C  Y N 257 
PHE CE1  C  Y N 258 
PHE CE2  C  Y N 259 
PHE CZ   C  Y N 260 
PHE OXT  O  N N 261 
PHE H    H  N N 262 
PHE H2   H  N N 263 
PHE HA   H  N N 264 
PHE HB2  H  N N 265 
PHE HB3  H  N N 266 
PHE HD1  H  N N 267 
PHE HD2  H  N N 268 
PHE HE1  H  N N 269 
PHE HE2  H  N N 270 
PHE HZ   H  N N 271 
PHE HXT  H  N N 272 
PO4 P    P  N N 273 
PO4 O1   O  N N 274 
PO4 O2   O  N N 275 
PO4 O3   O  N N 276 
PO4 O4   O  N N 277 
PRO N    N  N N 278 
PRO CA   C  N S 279 
PRO C    C  N N 280 
PRO O    O  N N 281 
PRO CB   C  N N 282 
PRO CG   C  N N 283 
PRO CD   C  N N 284 
PRO OXT  O  N N 285 
PRO H    H  N N 286 
PRO HA   H  N N 287 
PRO HB2  H  N N 288 
PRO HB3  H  N N 289 
PRO HG2  H  N N 290 
PRO HG3  H  N N 291 
PRO HD2  H  N N 292 
PRO HD3  H  N N 293 
PRO HXT  H  N N 294 
SER N    N  N N 295 
SER CA   C  N S 296 
SER C    C  N N 297 
SER O    O  N N 298 
SER CB   C  N N 299 
SER OG   O  N N 300 
SER OXT  O  N N 301 
SER H    H  N N 302 
SER H2   H  N N 303 
SER HA   H  N N 304 
SER HB2  H  N N 305 
SER HB3  H  N N 306 
SER HG   H  N N 307 
SER HXT  H  N N 308 
THR N    N  N N 309 
THR CA   C  N S 310 
THR C    C  N N 311 
THR O    O  N N 312 
THR CB   C  N R 313 
THR OG1  O  N N 314 
THR CG2  C  N N 315 
THR OXT  O  N N 316 
THR H    H  N N 317 
THR H2   H  N N 318 
THR HA   H  N N 319 
THR HB   H  N N 320 
THR HG1  H  N N 321 
THR HG21 H  N N 322 
THR HG22 H  N N 323 
THR HG23 H  N N 324 
THR HXT  H  N N 325 
TYR N    N  N N 326 
TYR CA   C  N S 327 
TYR C    C  N N 328 
TYR O    O  N N 329 
TYR CB   C  N N 330 
TYR CG   C  Y N 331 
TYR CD1  C  Y N 332 
TYR CD2  C  Y N 333 
TYR CE1  C  Y N 334 
TYR CE2  C  Y N 335 
TYR CZ   C  Y N 336 
TYR OH   O  N N 337 
TYR OXT  O  N N 338 
TYR H    H  N N 339 
TYR H2   H  N N 340 
TYR HA   H  N N 341 
TYR HB2  H  N N 342 
TYR HB3  H  N N 343 
TYR HD1  H  N N 344 
TYR HD2  H  N N 345 
TYR HE1  H  N N 346 
TYR HE2  H  N N 347 
TYR HH   H  N N 348 
TYR HXT  H  N N 349 
VAL N    N  N N 350 
VAL CA   C  N S 351 
VAL C    C  N N 352 
VAL O    O  N N 353 
VAL CB   C  N N 354 
VAL CG1  C  N N 355 
VAL CG2  C  N N 356 
VAL OXT  O  N N 357 
VAL H    H  N N 358 
VAL H2   H  N N 359 
VAL HA   H  N N 360 
VAL HB   H  N N 361 
VAL HG11 H  N N 362 
VAL HG12 H  N N 363 
VAL HG13 H  N N 364 
VAL HG21 H  N N 365 
VAL HG22 H  N N 366 
VAL HG23 H  N N 367 
VAL HXT  H  N N 368 
# 
loop_
_chem_comp_bond.comp_id 
_chem_comp_bond.atom_id_1 
_chem_comp_bond.atom_id_2 
_chem_comp_bond.value_order 
_chem_comp_bond.pdbx_aromatic_flag 
_chem_comp_bond.pdbx_stereo_config 
_chem_comp_bond.pdbx_ordinal 
ALA N   CA   sing N N 1   
ALA N   H    sing N N 2   
ALA N   H2   sing N N 3   
ALA CA  C    sing N N 4   
ALA CA  CB   sing N N 5   
ALA CA  HA   sing N N 6   
ALA C   O    doub N N 7   
ALA C   OXT  sing N N 8   
ALA CB  HB1  sing N N 9   
ALA CB  HB2  sing N N 10  
ALA CB  HB3  sing N N 11  
ALA OXT HXT  sing N N 12  
ARG N   CA   sing N N 13  
ARG N   H    sing N N 14  
ARG N   H2   sing N N 15  
ARG CA  C    sing N N 16  
ARG CA  CB   sing N N 17  
ARG CA  HA   sing N N 18  
ARG C   O    doub N N 19  
ARG C   OXT  sing N N 20  
ARG CB  CG   sing N N 21  
ARG CB  HB2  sing N N 22  
ARG CB  HB3  sing N N 23  
ARG CG  CD   sing N N 24  
ARG CG  HG2  sing N N 25  
ARG CG  HG3  sing N N 26  
ARG CD  NE   sing N N 27  
ARG CD  HD2  sing N N 28  
ARG CD  HD3  sing N N 29  
ARG NE  CZ   sing N N 30  
ARG NE  HE   sing N N 31  
ARG CZ  NH1  sing N N 32  
ARG CZ  NH2  doub N N 33  
ARG NH1 HH11 sing N N 34  
ARG NH1 HH12 sing N N 35  
ARG NH2 HH21 sing N N 36  
ARG NH2 HH22 sing N N 37  
ARG OXT HXT  sing N N 38  
ASN N   CA   sing N N 39  
ASN N   H    sing N N 40  
ASN N   H2   sing N N 41  
ASN CA  C    sing N N 42  
ASN CA  CB   sing N N 43  
ASN CA  HA   sing N N 44  
ASN C   O    doub N N 45  
ASN C   OXT  sing N N 46  
ASN CB  CG   sing N N 47  
ASN CB  HB2  sing N N 48  
ASN CB  HB3  sing N N 49  
ASN CG  OD1  doub N N 50  
ASN CG  ND2  sing N N 51  
ASN ND2 HD21 sing N N 52  
ASN ND2 HD22 sing N N 53  
ASN OXT HXT  sing N N 54  
ASP N   CA   sing N N 55  
ASP N   H    sing N N 56  
ASP N   H2   sing N N 57  
ASP CA  C    sing N N 58  
ASP CA  CB   sing N N 59  
ASP CA  HA   sing N N 60  
ASP C   O    doub N N 61  
ASP C   OXT  sing N N 62  
ASP CB  CG   sing N N 63  
ASP CB  HB2  sing N N 64  
ASP CB  HB3  sing N N 65  
ASP CG  OD1  doub N N 66  
ASP CG  OD2  sing N N 67  
ASP OD2 HD2  sing N N 68  
ASP OXT HXT  sing N N 69  
CYS N   CA   sing N N 70  
CYS N   H    sing N N 71  
CYS N   H2   sing N N 72  
CYS CA  C    sing N N 73  
CYS CA  CB   sing N N 74  
CYS CA  HA   sing N N 75  
CYS C   O    doub N N 76  
CYS C   OXT  sing N N 77  
CYS CB  SG   sing N N 78  
CYS CB  HB2  sing N N 79  
CYS CB  HB3  sing N N 80  
CYS SG  HG   sing N N 81  
CYS OXT HXT  sing N N 82  
GLN N   CA   sing N N 83  
GLN N   H    sing N N 84  
GLN N   H2   sing N N 85  
GLN CA  C    sing N N 86  
GLN CA  CB   sing N N 87  
GLN CA  HA   sing N N 88  
GLN C   O    doub N N 89  
GLN C   OXT  sing N N 90  
GLN CB  CG   sing N N 91  
GLN CB  HB2  sing N N 92  
GLN CB  HB3  sing N N 93  
GLN CG  CD   sing N N 94  
GLN CG  HG2  sing N N 95  
GLN CG  HG3  sing N N 96  
GLN CD  OE1  doub N N 97  
GLN CD  NE2  sing N N 98  
GLN NE2 HE21 sing N N 99  
GLN NE2 HE22 sing N N 100 
GLN OXT HXT  sing N N 101 
GLU N   CA   sing N N 102 
GLU N   H    sing N N 103 
GLU N   H2   sing N N 104 
GLU CA  C    sing N N 105 
GLU CA  CB   sing N N 106 
GLU CA  HA   sing N N 107 
GLU C   O    doub N N 108 
GLU C   OXT  sing N N 109 
GLU CB  CG   sing N N 110 
GLU CB  HB2  sing N N 111 
GLU CB  HB3  sing N N 112 
GLU CG  CD   sing N N 113 
GLU CG  HG2  sing N N 114 
GLU CG  HG3  sing N N 115 
GLU CD  OE1  doub N N 116 
GLU CD  OE2  sing N N 117 
GLU OE2 HE2  sing N N 118 
GLU OXT HXT  sing N N 119 
GLY N   CA   sing N N 120 
GLY N   H    sing N N 121 
GLY N   H2   sing N N 122 
GLY CA  C    sing N N 123 
GLY CA  HA2  sing N N 124 
GLY CA  HA3  sing N N 125 
GLY C   O    doub N N 126 
GLY C   OXT  sing N N 127 
GLY OXT HXT  sing N N 128 
HIS N   CA   sing N N 129 
HIS N   H    sing N N 130 
HIS N   H2   sing N N 131 
HIS CA  C    sing N N 132 
HIS CA  CB   sing N N 133 
HIS CA  HA   sing N N 134 
HIS C   O    doub N N 135 
HIS C   OXT  sing N N 136 
HIS CB  CG   sing N N 137 
HIS CB  HB2  sing N N 138 
HIS CB  HB3  sing N N 139 
HIS CG  ND1  sing Y N 140 
HIS CG  CD2  doub Y N 141 
HIS ND1 CE1  doub Y N 142 
HIS ND1 HD1  sing N N 143 
HIS CD2 NE2  sing Y N 144 
HIS CD2 HD2  sing N N 145 
HIS CE1 NE2  sing Y N 146 
HIS CE1 HE1  sing N N 147 
HIS NE2 HE2  sing N N 148 
HIS OXT HXT  sing N N 149 
HOH O   H1   sing N N 150 
HOH O   H2   sing N N 151 
ILE N   CA   sing N N 152 
ILE N   H    sing N N 153 
ILE N   H2   sing N N 154 
ILE CA  C    sing N N 155 
ILE CA  CB   sing N N 156 
ILE CA  HA   sing N N 157 
ILE C   O    doub N N 158 
ILE C   OXT  sing N N 159 
ILE CB  CG1  sing N N 160 
ILE CB  CG2  sing N N 161 
ILE CB  HB   sing N N 162 
ILE CG1 CD1  sing N N 163 
ILE CG1 HG12 sing N N 164 
ILE CG1 HG13 sing N N 165 
ILE CG2 HG21 sing N N 166 
ILE CG2 HG22 sing N N 167 
ILE CG2 HG23 sing N N 168 
ILE CD1 HD11 sing N N 169 
ILE CD1 HD12 sing N N 170 
ILE CD1 HD13 sing N N 171 
ILE OXT HXT  sing N N 172 
LEU N   CA   sing N N 173 
LEU N   H    sing N N 174 
LEU N   H2   sing N N 175 
LEU CA  C    sing N N 176 
LEU CA  CB   sing N N 177 
LEU CA  HA   sing N N 178 
LEU C   O    doub N N 179 
LEU C   OXT  sing N N 180 
LEU CB  CG   sing N N 181 
LEU CB  HB2  sing N N 182 
LEU CB  HB3  sing N N 183 
LEU CG  CD1  sing N N 184 
LEU CG  CD2  sing N N 185 
LEU CG  HG   sing N N 186 
LEU CD1 HD11 sing N N 187 
LEU CD1 HD12 sing N N 188 
LEU CD1 HD13 sing N N 189 
LEU CD2 HD21 sing N N 190 
LEU CD2 HD22 sing N N 191 
LEU CD2 HD23 sing N N 192 
LEU OXT HXT  sing N N 193 
LYS N   CA   sing N N 194 
LYS N   H    sing N N 195 
LYS N   H2   sing N N 196 
LYS CA  C    sing N N 197 
LYS CA  CB   sing N N 198 
LYS CA  HA   sing N N 199 
LYS C   O    doub N N 200 
LYS C   OXT  sing N N 201 
LYS CB  CG   sing N N 202 
LYS CB  HB2  sing N N 203 
LYS CB  HB3  sing N N 204 
LYS CG  CD   sing N N 205 
LYS CG  HG2  sing N N 206 
LYS CG  HG3  sing N N 207 
LYS CD  CE   sing N N 208 
LYS CD  HD2  sing N N 209 
LYS CD  HD3  sing N N 210 
LYS CE  NZ   sing N N 211 
LYS CE  HE2  sing N N 212 
LYS CE  HE3  sing N N 213 
LYS NZ  HZ1  sing N N 214 
LYS NZ  HZ2  sing N N 215 
LYS NZ  HZ3  sing N N 216 
LYS OXT HXT  sing N N 217 
MSE N   CA   sing N N 218 
MSE N   H    sing N N 219 
MSE N   H2   sing N N 220 
MSE CA  C    sing N N 221 
MSE CA  CB   sing N N 222 
MSE CA  HA   sing N N 223 
MSE C   O    doub N N 224 
MSE C   OXT  sing N N 225 
MSE OXT HXT  sing N N 226 
MSE CB  CG   sing N N 227 
MSE CB  HB2  sing N N 228 
MSE CB  HB3  sing N N 229 
MSE CG  SE   sing N N 230 
MSE CG  HG2  sing N N 231 
MSE CG  HG3  sing N N 232 
MSE SE  CE   sing N N 233 
MSE CE  HE1  sing N N 234 
MSE CE  HE2  sing N N 235 
MSE CE  HE3  sing N N 236 
PHE N   CA   sing N N 237 
PHE N   H    sing N N 238 
PHE N   H2   sing N N 239 
PHE CA  C    sing N N 240 
PHE CA  CB   sing N N 241 
PHE CA  HA   sing N N 242 
PHE C   O    doub N N 243 
PHE C   OXT  sing N N 244 
PHE CB  CG   sing N N 245 
PHE CB  HB2  sing N N 246 
PHE CB  HB3  sing N N 247 
PHE CG  CD1  doub Y N 248 
PHE CG  CD2  sing Y N 249 
PHE CD1 CE1  sing Y N 250 
PHE CD1 HD1  sing N N 251 
PHE CD2 CE2  doub Y N 252 
PHE CD2 HD2  sing N N 253 
PHE CE1 CZ   doub Y N 254 
PHE CE1 HE1  sing N N 255 
PHE CE2 CZ   sing Y N 256 
PHE CE2 HE2  sing N N 257 
PHE CZ  HZ   sing N N 258 
PHE OXT HXT  sing N N 259 
PO4 P   O1   doub N N 260 
PO4 P   O2   sing N N 261 
PO4 P   O3   sing N N 262 
PO4 P   O4   sing N N 263 
PRO N   CA   sing N N 264 
PRO N   CD   sing N N 265 
PRO N   H    sing N N 266 
PRO CA  C    sing N N 267 
PRO CA  CB   sing N N 268 
PRO CA  HA   sing N N 269 
PRO C   O    doub N N 270 
PRO C   OXT  sing N N 271 
PRO CB  CG   sing N N 272 
PRO CB  HB2  sing N N 273 
PRO CB  HB3  sing N N 274 
PRO CG  CD   sing N N 275 
PRO CG  HG2  sing N N 276 
PRO CG  HG3  sing N N 277 
PRO CD  HD2  sing N N 278 
PRO CD  HD3  sing N N 279 
PRO OXT HXT  sing N N 280 
SER N   CA   sing N N 281 
SER N   H    sing N N 282 
SER N   H2   sing N N 283 
SER CA  C    sing N N 284 
SER CA  CB   sing N N 285 
SER CA  HA   sing N N 286 
SER C   O    doub N N 287 
SER C   OXT  sing N N 288 
SER CB  OG   sing N N 289 
SER CB  HB2  sing N N 290 
SER CB  HB3  sing N N 291 
SER OG  HG   sing N N 292 
SER OXT HXT  sing N N 293 
THR N   CA   sing N N 294 
THR N   H    sing N N 295 
THR N   H2   sing N N 296 
THR CA  C    sing N N 297 
THR CA  CB   sing N N 298 
THR CA  HA   sing N N 299 
THR C   O    doub N N 300 
THR C   OXT  sing N N 301 
THR CB  OG1  sing N N 302 
THR CB  CG2  sing N N 303 
THR CB  HB   sing N N 304 
THR OG1 HG1  sing N N 305 
THR CG2 HG21 sing N N 306 
THR CG2 HG22 sing N N 307 
THR CG2 HG23 sing N N 308 
THR OXT HXT  sing N N 309 
TYR N   CA   sing N N 310 
TYR N   H    sing N N 311 
TYR N   H2   sing N N 312 
TYR CA  C    sing N N 313 
TYR CA  CB   sing N N 314 
TYR CA  HA   sing N N 315 
TYR C   O    doub N N 316 
TYR C   OXT  sing N N 317 
TYR CB  CG   sing N N 318 
TYR CB  HB2  sing N N 319 
TYR CB  HB3  sing N N 320 
TYR CG  CD1  doub Y N 321 
TYR CG  CD2  sing Y N 322 
TYR CD1 CE1  sing Y N 323 
TYR CD1 HD1  sing N N 324 
TYR CD2 CE2  doub Y N 325 
TYR CD2 HD2  sing N N 326 
TYR CE1 CZ   doub Y N 327 
TYR CE1 HE1  sing N N 328 
TYR CE2 CZ   sing Y N 329 
TYR CE2 HE2  sing N N 330 
TYR CZ  OH   sing N N 331 
TYR OH  HH   sing N N 332 
TYR OXT HXT  sing N N 333 
VAL N   CA   sing N N 334 
VAL N   H    sing N N 335 
VAL N   H2   sing N N 336 
VAL CA  C    sing N N 337 
VAL CA  CB   sing N N 338 
VAL CA  HA   sing N N 339 
VAL C   O    doub N N 340 
VAL C   OXT  sing N N 341 
VAL CB  CG1  sing N N 342 
VAL CB  CG2  sing N N 343 
VAL CB  HB   sing N N 344 
VAL CG1 HG11 sing N N 345 
VAL CG1 HG12 sing N N 346 
VAL CG1 HG13 sing N N 347 
VAL CG2 HG21 sing N N 348 
VAL CG2 HG22 sing N N 349 
VAL CG2 HG23 sing N N 350 
VAL OXT HXT  sing N N 351 
# 
_atom_sites.entry_id                    3SB3 
_atom_sites.fract_transf_matrix[1][1]   -0.00271503 
_atom_sites.fract_transf_matrix[1][2]   0.00432639 
_atom_sites.fract_transf_matrix[1][3]   -0.01424495 
_atom_sites.fract_transf_matrix[2][1]   -0.00617856 
_atom_sites.fract_transf_matrix[2][2]   0.01284655 
_atom_sites.fract_transf_matrix[2][3]   0.00507928 
_atom_sites.fract_transf_matrix[3][1]   0.01771037 
_atom_sites.fract_transf_matrix[3][2]   0.00879617 
_atom_sites.fract_transf_matrix[3][3]   -0.00070400 
_atom_sites.fract_transf_vector[1]      0.440190 
_atom_sites.fract_transf_vector[2]      0.291155 
_atom_sites.fract_transf_vector[3]      0.289730 
# 
loop_
_atom_type.symbol 
C  
N  
O  
P  
S  
SE 
# 
loop_
_atom_site.group_PDB 
_atom_site.id 
_atom_site.type_symbol 
_atom_site.label_atom_id 
_atom_site.label_alt_id 
_atom_site.label_comp_id 
_atom_site.label_asym_id 
_atom_site.label_entity_id 
_atom_site.label_seq_id 
_atom_site.pdbx_PDB_ins_code 
_atom_site.Cartn_x 
_atom_site.Cartn_y 
_atom_site.Cartn_z 
_atom_site.occupancy 
_atom_site.B_iso_or_equiv 
_atom_site.pdbx_formal_charge 
_atom_site.auth_seq_id 
_atom_site.auth_comp_id 
_atom_site.auth_asym_id 
_atom_site.auth_atom_id 
_atom_site.pdbx_PDB_model_num 
ATOM   1   N  N   . ASP A 1 5   ? 0.506   -0.319  20.166  1.00 46.00 ? 25  ASP A N   1 
ATOM   2   C  CA  . ASP A 1 5   ? -0.280  0.924   19.779  1.00 45.13 ? 25  ASP A CA  1 
ATOM   3   C  C   . ASP A 1 5   ? -0.035  1.383   18.289  1.00 42.57 ? 25  ASP A C   1 
ATOM   4   O  O   . ASP A 1 5   ? -0.209  2.547   17.967  1.00 44.17 ? 25  ASP A O   1 
ATOM   5   C  CB  . ASP A 1 5   ? -0.021  2.088   20.767  1.00 45.48 ? 25  ASP A CB  1 
ATOM   6   N  N   . ALA A 1 6   ? 0.317   0.452   17.391  1.00 38.70 ? 26  ALA A N   1 
ATOM   7   C  CA  . ALA A 1 6   ? 0.368   0.710   15.933  1.00 34.17 ? 26  ALA A CA  1 
ATOM   8   C  C   . ALA A 1 6   ? -0.349  -0.429  15.185  1.00 32.02 ? 26  ALA A C   1 
ATOM   9   O  O   . ALA A 1 6   ? -0.360  -1.598  15.628  1.00 31.13 ? 26  ALA A O   1 
ATOM   10  C  CB  . ALA A 1 6   ? 1.796   0.816   15.459  1.00 32.65 ? 26  ALA A CB  1 
ATOM   11  N  N   . VAL A 1 7   ? -0.908  -0.094  14.037  1.00 29.68 ? 27  VAL A N   1 
ATOM   12  C  CA  . VAL A 1 7   ? -1.590  -1.075  13.185  1.00 28.24 ? 27  VAL A CA  1 
ATOM   13  C  C   . VAL A 1 7   ? -0.525  -1.986  12.515  1.00 26.89 ? 27  VAL A C   1 
ATOM   14  O  O   . VAL A 1 7   ? 0.545   -1.537  12.085  1.00 26.67 ? 27  VAL A O   1 
ATOM   15  C  CB  . VAL A 1 7   ? -2.498  -0.368  12.149  1.00 28.88 ? 27  VAL A CB  1 
ATOM   16  C  CG1 . VAL A 1 7   ? -2.974  -1.302  11.062  1.00 27.30 ? 27  VAL A CG1 1 
ATOM   17  C  CG2 . VAL A 1 7   ? -3.712  0.269   12.854  1.00 28.08 ? 27  VAL A CG2 1 
HETATM 18  N  N   . MSE A 1 8   ? -0.836  -3.271  12.457  1.00 24.93 ? 28  MSE A N   1 
HETATM 19  C  CA  . MSE A 1 8   ? 0.010   -4.218  11.774  1.00 24.85 ? 28  MSE A CA  1 
HETATM 20  C  C   . MSE A 1 8   ? -0.315  -4.303  10.278  1.00 24.46 ? 28  MSE A C   1 
HETATM 21  O  O   . MSE A 1 8   ? -1.497  -4.417  9.871   1.00 24.72 ? 28  MSE A O   1 
HETATM 22  C  CB  . MSE A 1 8   ? -0.100  -5.599  12.405  1.00 25.89 ? 28  MSE A CB  1 
HETATM 23  C  CG  . MSE A 1 8   ? 0.394   -5.629  13.813  1.00 30.29 ? 28  MSE A CG  1 
HETATM 24  SE SE  . MSE A 1 8   ? 0.345   -7.494  14.421  0.75 36.02 ? 28  MSE A SE  1 
HETATM 25  C  CE  . MSE A 1 8   ? 1.990   -7.996  13.484  1.00 33.50 ? 28  MSE A CE  1 
ATOM   26  N  N   . VAL A 1 9   ? 0.742   -4.287  9.468   1.00 22.33 ? 29  VAL A N   1 
ATOM   27  C  CA  . VAL A 1 9   ? 0.613   -4.281  7.974   1.00 21.25 ? 29  VAL A CA  1 
ATOM   28  C  C   . VAL A 1 9   ? 1.267   -5.549  7.411   1.00 20.76 ? 29  VAL A C   1 
ATOM   29  O  O   . VAL A 1 9   ? 2.482   -5.727  7.537   1.00 22.64 ? 29  VAL A O   1 
ATOM   30  C  CB  . VAL A 1 9   ? 1.278   -3.017  7.334   1.00 19.57 ? 29  VAL A CB  1 
ATOM   31  C  CG1 . VAL A 1 9   ? 0.911   -2.943  5.841   1.00 18.96 ? 29  VAL A CG1 1 
ATOM   32  C  CG2 . VAL A 1 9   ? 0.815   -1.727  8.081   1.00 21.45 ? 29  VAL A CG2 1 
ATOM   33  N  N   . PHE A 1 10  ? 0.446   -6.439  6.821   1.00 20.50 ? 30  PHE A N   1 
ATOM   34  C  CA  . PHE A 1 10  ? 0.885   -7.661  6.176   1.00 22.18 ? 30  PHE A CA  1 
ATOM   35  C  C   . PHE A 1 10  ? 0.707   -7.447  4.695   1.00 22.79 ? 30  PHE A C   1 
ATOM   36  O  O   . PHE A 1 10  ? -0.370  -7.029  4.285   1.00 24.90 ? 30  PHE A O   1 
ATOM   37  C  CB  . PHE A 1 10  ? 0.035   -8.842  6.640   1.00 24.18 ? 30  PHE A CB  1 
ATOM   38  C  CG  . PHE A 1 10  ? 0.187   -9.154  8.108   1.00 24.96 ? 30  PHE A CG  1 
ATOM   39  C  CD1 . PHE A 1 10  ? 1.173   -10.033 8.534   1.00 30.00 ? 30  PHE A CD1 1 
ATOM   40  C  CD2 . PHE A 1 10  ? -0.641  -8.576  9.039   1.00 27.51 ? 30  PHE A CD2 1 
ATOM   41  C  CE1 . PHE A 1 10  ? 1.347   -10.307 9.892   1.00 31.52 ? 30  PHE A CE1 1 
ATOM   42  C  CE2 . PHE A 1 10  ? -0.510  -8.841  10.401  1.00 31.91 ? 30  PHE A CE2 1 
ATOM   43  C  CZ  . PHE A 1 10  ? 0.503   -9.717  10.835  1.00 32.99 ? 30  PHE A CZ  1 
ATOM   44  N  N   . ALA A 1 11  ? 1.749   -7.680  3.904   1.00 21.89 ? 31  ALA A N   1 
ATOM   45  C  CA  . ALA A 1 11  ? 1.704   -7.547  2.428   1.00 21.85 ? 31  ALA A CA  1 
ATOM   46  C  C   . ALA A 1 11  ? 2.320   -8.753  1.748   1.00 23.64 ? 31  ALA A C   1 
ATOM   47  O  O   . ALA A 1 11  ? 3.248   -9.371  2.300   1.00 23.93 ? 31  ALA A O   1 
ATOM   48  C  CB  . ALA A 1 11  ? 2.409   -6.306  1.930   1.00 20.63 ? 31  ALA A CB  1 
ATOM   49  N  N   . ARG A 1 12  ? 1.724   -9.104  0.602   1.00 23.35 ? 32  ARG A N   1 
ATOM   50  C  CA  A ARG A 1 12  ? 2.228   -10.159 -0.258  0.50 24.83 ? 32  ARG A CA  1 
ATOM   51  C  CA  B ARG A 1 12  ? 2.166   -10.192 -0.297  0.50 24.11 ? 32  ARG A CA  1 
ATOM   52  C  C   . ARG A 1 12  ? 2.350   -9.599  -1.676  1.00 24.08 ? 32  ARG A C   1 
ATOM   53  O  O   . ARG A 1 12  ? 1.381   -9.025  -2.206  1.00 22.44 ? 32  ARG A O   1 
ATOM   54  C  CB  A ARG A 1 12  ? 1.244   -11.336 -0.238  0.50 26.41 ? 32  ARG A CB  1 
ATOM   55  C  CB  B ARG A 1 12  ? 1.057   -11.269 -0.446  0.50 25.06 ? 32  ARG A CB  1 
ATOM   56  C  CG  A ARG A 1 12  ? 1.836   -12.650 -0.683  0.50 30.73 ? 32  ARG A CG  1 
ATOM   57  C  CG  B ARG A 1 12  ? 1.342   -12.350 -1.538  0.50 25.78 ? 32  ARG A CG  1 
ATOM   58  C  CD  A ARG A 1 12  ? 0.766   -13.701 -0.978  0.50 35.82 ? 32  ARG A CD  1 
ATOM   59  C  CD  B ARG A 1 12  ? 0.103   -12.794 -2.359  0.50 30.09 ? 32  ARG A CD  1 
ATOM   60  N  NE  A ARG A 1 12  ? -0.561  -13.331 -0.518  0.50 38.36 ? 32  ARG A NE  1 
ATOM   61  N  NE  B ARG A 1 12  ? -0.899  -13.555 -1.632  0.50 33.85 ? 32  ARG A NE  1 
ATOM   62  C  CZ  A ARG A 1 12  ? -1.087  -13.704 0.640   0.50 41.69 ? 32  ARG A CZ  1 
ATOM   63  C  CZ  B ARG A 1 12  ? -2.199  -13.567 -1.931  0.50 38.09 ? 32  ARG A CZ  1 
ATOM   64  N  NH1 A ARG A 1 12  ? -0.392  -14.471 1.472   0.50 43.55 ? 32  ARG A NH1 1 
ATOM   65  N  NH1 B ARG A 1 12  ? -2.662  -12.837 -2.939  0.50 39.51 ? 32  ARG A NH1 1 
ATOM   66  N  NH2 A ARG A 1 12  ? -2.308  -13.297 0.959   0.50 42.97 ? 32  ARG A NH2 1 
ATOM   67  N  NH2 B ARG A 1 12  ? -3.036  -14.311 -1.217  0.50 39.45 ? 32  ARG A NH2 1 
ATOM   68  N  N   . GLN A 1 13  ? 3.540   -9.757  -2.281  1.00 23.39 ? 33  GLN A N   1 
ATOM   69  C  CA  . GLN A 1 13  ? 3.820   -9.286  -3.647  1.00 23.63 ? 33  GLN A CA  1 
ATOM   70  C  C   . GLN A 1 13  ? 2.938   -10.001 -4.648  1.00 24.18 ? 33  GLN A C   1 
ATOM   71  O  O   . GLN A 1 13  ? 2.797   -11.223 -4.604  1.00 24.51 ? 33  GLN A O   1 
ATOM   72  C  CB  . GLN A 1 13  ? 5.261   -9.553  -4.078  1.00 24.84 ? 33  GLN A CB  1 
ATOM   73  C  CG  . GLN A 1 13  ? 6.217   -8.515  -3.583  1.00 27.93 ? 33  GLN A CG  1 
ATOM   74  C  CD  . GLN A 1 13  ? 7.667   -8.779  -3.990  1.00 33.17 ? 33  GLN A CD  1 
ATOM   75  O  OE1 . GLN A 1 13  ? 7.966   -9.392  -5.030  1.00 35.55 ? 33  GLN A OE1 1 
ATOM   76  N  NE2 . GLN A 1 13  ? 8.572   -8.318  -3.155  1.00 39.11 ? 33  GLN A NE2 1 
ATOM   77  N  N   . GLY A 1 14  ? 2.292   -9.222  -5.491  1.00 22.18 ? 34  GLY A N   1 
ATOM   78  C  CA  . GLY A 1 14  ? 1.435   -9.727  -6.517  1.00 23.08 ? 34  GLY A CA  1 
ATOM   79  C  C   . GLY A 1 14  ? 1.955   -9.413  -7.904  1.00 22.65 ? 34  GLY A C   1 
ATOM   80  O  O   . GLY A 1 14  ? 3.177   -9.360  -8.176  1.00 22.32 ? 34  GLY A O   1 
ATOM   81  N  N   . ASP A 1 15  ? 1.016   -9.166  -8.798  1.00 22.74 ? 35  ASP A N   1 
ATOM   82  C  CA  . ASP A 1 15  ? 1.351   -8.942  -10.209 1.00 24.12 ? 35  ASP A CA  1 
ATOM   83  C  C   . ASP A 1 15  ? 2.157   -7.705  -10.505 1.00 23.08 ? 35  ASP A C   1 
ATOM   84  O  O   . ASP A 1 15  ? 1.932   -6.664  -9.890  1.00 22.01 ? 35  ASP A O   1 
ATOM   85  C  CB  . ASP A 1 15  ? 0.070   -8.839  -11.025 1.00 24.79 ? 35  ASP A CB  1 
ATOM   86  C  CG  . ASP A 1 15  ? -0.686  -10.164 -11.087 1.00 29.37 ? 35  ASP A CG  1 
ATOM   87  O  OD1 . ASP A 1 15  ? -0.034  -11.242 -10.988 1.00 35.04 ? 35  ASP A OD1 1 
ATOM   88  O  OD2 . ASP A 1 15  ? -1.916  -10.076 -11.215 1.00 33.83 ? 35  ASP A OD2 1 
ATOM   89  N  N   . LYS A 1 16  ? 3.009   -7.837  -11.514 1.00 22.48 ? 36  LYS A N   1 
ATOM   90  C  CA  . LYS A 1 16  ? 3.784   -6.760  -12.093 1.00 24.02 ? 36  LYS A CA  1 
ATOM   91  C  C   . LYS A 1 16  ? 3.153   -6.413  -13.414 1.00 24.19 ? 36  LYS A C   1 
ATOM   92  O  O   . LYS A 1 16  ? 2.704   -7.297  -14.188 1.00 22.65 ? 36  LYS A O   1 
ATOM   93  C  CB  . LYS A 1 16  ? 5.247   -7.178  -12.350 1.00 25.14 ? 36  LYS A CB  1 
ATOM   94  C  CG  . LYS A 1 16  ? 6.045   -7.551  -11.126 1.00 28.73 ? 36  LYS A CG  1 
ATOM   95  C  CD  . LYS A 1 16  ? 7.398   -8.133  -11.511 1.00 34.73 ? 36  LYS A CD  1 
ATOM   96  C  CE  . LYS A 1 16  ? 8.364   -8.393  -10.330 1.00 40.29 ? 36  LYS A CE  1 
ATOM   97  N  NZ  . LYS A 1 16  ? 7.812   -8.528  -8.925  1.00 39.61 ? 36  LYS A NZ  1 
ATOM   98  N  N   . GLY A 1 17  ? 3.148   -5.119  -13.713 1.00 23.79 ? 37  GLY A N   1 
ATOM   99  C  CA  . GLY A 1 17  ? 2.385   -4.632  -14.864 1.00 23.95 ? 37  GLY A CA  1 
ATOM   100 C  C   . GLY A 1 17  ? 2.821   -3.267  -15.346 1.00 23.39 ? 37  GLY A C   1 
ATOM   101 O  O   . GLY A 1 17  ? 3.889   -2.776  -14.946 1.00 22.05 ? 37  GLY A O   1 
ATOM   102 N  N   . SER A 1 18  ? 1.991   -2.705  -16.225 1.00 21.57 ? 38  SER A N   1 
ATOM   103 C  CA  . SER A 1 18  ? 2.263   -1.387  -16.772 1.00 21.28 ? 38  SER A CA  1 
ATOM   104 C  C   . SER A 1 18  ? 0.988   -0.761  -17.252 1.00 20.77 ? 38  SER A C   1 
ATOM   105 O  O   . SER A 1 18  ? -0.031  -1.436  -17.423 1.00 20.64 ? 38  SER A O   1 
ATOM   106 C  CB  . SER A 1 18  ? 3.273   -1.414  -17.899 1.00 20.96 ? 38  SER A CB  1 
ATOM   107 O  OG  . SER A 1 18  ? 2.821   -2.136  -19.050 1.00 20.21 ? 38  SER A OG  1 
ATOM   108 N  N   . VAL A 1 19  ? 1.043   0.557   -17.351 1.00 19.88 ? 39  VAL A N   1 
ATOM   109 C  CA  . VAL A 1 19  ? -0.024  1.365   -17.934 1.00 21.22 ? 39  VAL A CA  1 
ATOM   110 C  C   . VAL A 1 19  ? 0.619   2.383   -18.900 1.00 21.44 ? 39  VAL A C   1 
ATOM   111 O  O   . VAL A 1 19  ? 1.564   3.102   -18.511 1.00 22.39 ? 39  VAL A O   1 
ATOM   112 C  CB  . VAL A 1 19  ? -0.855  2.133   -16.831 1.00 20.80 ? 39  VAL A CB  1 
ATOM   113 C  CG1 . VAL A 1 19  ? -1.969  3.015   -17.486 1.00 21.67 ? 39  VAL A CG1 1 
ATOM   114 C  CG2 . VAL A 1 19  ? -1.419  1.128   -15.744 1.00 21.66 ? 39  VAL A CG2 1 
ATOM   115 N  N   . SER A 1 20  ? 0.068   2.485   -20.114 1.00 20.99 ? 40  SER A N   1 
ATOM   116 C  CA  . SER A 1 20  ? 0.515   3.400   -21.135 1.00 21.46 ? 40  SER A CA  1 
ATOM   117 C  C   . SER A 1 20  ? -0.651  4.138   -21.800 1.00 22.00 ? 40  SER A C   1 
ATOM   118 O  O   . SER A 1 20  ? -1.683  3.539   -22.115 1.00 22.82 ? 40  SER A O   1 
ATOM   119 C  CB  . SER A 1 20  ? 1.326   2.664   -22.228 1.00 20.66 ? 40  SER A CB  1 
ATOM   120 O  OG  . SER A 1 20  ? 1.792   3.590   -23.207 1.00 21.33 ? 40  SER A OG  1 
ATOM   121 N  N   . VAL A 1 21  ? -0.475  5.441   -21.990 1.00 22.47 ? 41  VAL A N   1 
ATOM   122 C  CA  A VAL A 1 21  ? -1.443  6.319   -22.654 0.50 22.11 ? 41  VAL A CA  1 
ATOM   123 C  CA  B VAL A 1 21  ? -1.437  6.227   -22.773 0.50 21.65 ? 41  VAL A CA  1 
ATOM   124 C  C   . VAL A 1 21  ? -0.644  7.297   -23.496 1.00 22.13 ? 41  VAL A C   1 
ATOM   125 O  O   . VAL A 1 21  ? 0.009   8.136   -22.911 1.00 23.24 ? 41  VAL A O   1 
ATOM   126 C  CB  A VAL A 1 21  ? -2.229  7.168   -21.614 0.50 22.13 ? 41  VAL A CB  1 
ATOM   127 C  CB  B VAL A 1 21  ? -2.655  6.786   -21.954 0.50 21.62 ? 41  VAL A CB  1 
ATOM   128 C  CG1 A VAL A 1 21  ? -3.312  7.997   -22.313 0.50 22.04 ? 41  VAL A CG1 1 
ATOM   129 C  CG1 B VAL A 1 21  ? -2.205  7.721   -20.852 0.50 20.83 ? 41  VAL A CG1 1 
ATOM   130 C  CG2 A VAL A 1 21  ? -2.781  6.287   -20.466 0.50 22.89 ? 41  VAL A CG2 1 
ATOM   131 C  CG2 B VAL A 1 21  ? -3.711  7.442   -22.901 0.50 20.12 ? 41  VAL A CG2 1 
ATOM   132 N  N   . GLY A 1 22  ? -0.669  7.178   -24.825 1.00 21.88 ? 42  GLY A N   1 
ATOM   133 C  CA  . GLY A 1 22  ? 0.167   8.029   -25.686 1.00 22.35 ? 42  GLY A CA  1 
ATOM   134 C  C   . GLY A 1 22  ? 1.584   7.688   -25.315 1.00 21.70 ? 42  GLY A C   1 
ATOM   135 O  O   . GLY A 1 22  ? 1.928   6.492   -25.279 1.00 22.52 ? 42  GLY A O   1 
ATOM   136 N  N   . ASP A 1 23  ? 2.397   8.681   -24.961 1.00 20.72 ? 43  ASP A N   1 
ATOM   137 C  CA  . ASP A 1 23  ? 3.788   8.385   -24.563 1.00 21.00 ? 43  ASP A CA  1 
ATOM   138 C  C   . ASP A 1 23  ? 4.012   8.509   -23.058 1.00 22.19 ? 43  ASP A C   1 
ATOM   139 O  O   . ASP A 1 23  ? 5.148   8.582   -22.619 1.00 22.67 ? 43  ASP A O   1 
ATOM   140 C  CB  . ASP A 1 23  ? 4.832   9.149   -25.386 1.00 22.05 ? 43  ASP A CB  1 
ATOM   141 C  CG  . ASP A 1 23  ? 4.749   10.620  -25.277 1.00 24.56 ? 43  ASP A CG  1 
ATOM   142 O  OD1 . ASP A 1 23  ? 4.210   11.141  -24.267 1.00 24.88 ? 43  ASP A OD1 1 
ATOM   143 O  OD2 . ASP A 1 23  ? 5.313   11.313  -26.228 1.00 25.83 ? 43  ASP A OD2 1 
ATOM   144 N  N   . LYS A 1 24  ? 2.922   8.497   -22.292 1.00 20.12 ? 44  LYS A N   1 
ATOM   145 C  CA  . LYS A 1 24  ? 3.000   8.533   -20.862 1.00 22.08 ? 44  LYS A CA  1 
ATOM   146 C  C   . LYS A 1 24  ? 2.917   7.091   -20.377 1.00 20.79 ? 44  LYS A C   1 
ATOM   147 O  O   . LYS A 1 24  ? 1.862   6.428   -20.512 1.00 21.65 ? 44  LYS A O   1 
ATOM   148 C  CB  . LYS A 1 24  ? 1.849   9.339   -20.273 1.00 21.99 ? 44  LYS A CB  1 
ATOM   149 C  CG  . LYS A 1 24  ? 1.818   9.367   -18.722 1.00 26.14 ? 44  LYS A CG  1 
ATOM   150 C  CD  . LYS A 1 24  ? 0.575   10.150  -18.211 1.00 31.91 ? 44  LYS A CD  1 
ATOM   151 C  CE  . LYS A 1 24  ? 0.491   10.239  -16.671 1.00 36.27 ? 44  LYS A CE  1 
ATOM   152 N  NZ  . LYS A 1 24  ? 0.407   8.886   -16.057 1.00 37.37 ? 44  LYS A NZ  1 
ATOM   153 N  N   . HIS A 1 25  ? 4.007   6.631   -19.771 1.00 22.11 ? 45  HIS A N   1 
ATOM   154 C  CA  . HIS A 1 25  ? 4.112   5.229   -19.339 1.00 22.27 ? 45  HIS A CA  1 
ATOM   155 C  C   . HIS A 1 25  ? 4.411   5.109   -17.864 1.00 23.64 ? 45  HIS A C   1 
ATOM   156 O  O   . HIS A 1 25  ? 5.163   5.917   -17.301 1.00 24.71 ? 45  HIS A O   1 
ATOM   157 C  CB  . HIS A 1 25  ? 5.246   4.523   -20.089 1.00 22.65 ? 45  HIS A CB  1 
ATOM   158 C  CG  . HIS A 1 25  ? 5.359   4.864   -21.541 1.00 21.56 ? 45  HIS A CG  1 
ATOM   159 N  ND1 . HIS A 1 25  ? 4.359   4.613   -22.449 1.00 21.36 ? 45  HIS A ND1 1 
ATOM   160 C  CD2 . HIS A 1 25  ? 6.408   5.331   -22.260 1.00 23.29 ? 45  HIS A CD2 1 
ATOM   161 C  CE1 . HIS A 1 25  ? 4.768   4.940   -23.663 1.00 22.05 ? 45  HIS A CE1 1 
ATOM   162 N  NE2 . HIS A 1 25  ? 6.004   5.413   -23.575 1.00 19.62 ? 45  HIS A NE2 1 
ATOM   163 N  N   . PHE A 1 26  ? 3.849   4.094   -17.212 1.00 22.47 ? 46  PHE A N   1 
ATOM   164 C  CA  . PHE A 1 26  ? 4.408   3.715   -15.912 1.00 22.40 ? 46  PHE A CA  1 
ATOM   165 C  C   . PHE A 1 26  ? 4.287   2.194   -15.664 1.00 21.70 ? 46  PHE A C   1 
ATOM   166 O  O   . PHE A 1 26  ? 3.490   1.480   -16.305 1.00 22.18 ? 46  PHE A O   1 
ATOM   167 C  CB  . PHE A 1 26  ? 3.833   4.567   -14.743 1.00 22.49 ? 46  PHE A CB  1 
ATOM   168 C  CG  . PHE A 1 26  ? 2.350   4.453   -14.527 1.00 21.87 ? 46  PHE A CG  1 
ATOM   169 C  CD1 . PHE A 1 26  ? 1.816   3.449   -13.718 1.00 21.32 ? 46  PHE A CD1 1 
ATOM   170 C  CD2 . PHE A 1 26  ? 1.489   5.407   -15.058 1.00 22.32 ? 46  PHE A CD2 1 
ATOM   171 C  CE1 . PHE A 1 26  ? 0.444   3.339   -13.517 1.00 20.97 ? 46  PHE A CE1 1 
ATOM   172 C  CE2 . PHE A 1 26  ? 0.145   5.332   -14.852 1.00 22.24 ? 46  PHE A CE2 1 
ATOM   173 C  CZ  . PHE A 1 26  ? -0.403  4.306   -14.091 1.00 23.78 ? 46  PHE A CZ  1 
ATOM   174 N  N   . ARG A 1 27  ? 5.112   1.724   -14.743 1.00 20.44 ? 47  ARG A N   1 
ATOM   175 C  CA  . ARG A 1 27  ? 5.112   0.352   -14.289 1.00 21.75 ? 47  ARG A CA  1 
ATOM   176 C  C   . ARG A 1 27  ? 4.390   0.237   -12.958 1.00 20.95 ? 47  ARG A C   1 
ATOM   177 O  O   . ARG A 1 27  ? 4.347   1.199   -12.184 1.00 21.51 ? 47  ARG A O   1 
ATOM   178 C  CB  . ARG A 1 27  ? 6.553   -0.128  -14.096 1.00 20.94 ? 47  ARG A CB  1 
ATOM   179 C  CG  . ARG A 1 27  ? 7.288   -0.501  -15.404 1.00 22.25 ? 47  ARG A CG  1 
ATOM   180 C  CD  . ARG A 1 27  ? 7.630   0.711   -16.276 1.00 22.82 ? 47  ARG A CD  1 
ATOM   181 N  NE  . ARG A 1 27  ? 8.420   0.272   -17.430 1.00 23.02 ? 47  ARG A NE  1 
ATOM   182 C  CZ  . ARG A 1 27  ? 8.926   1.086   -18.356 1.00 25.27 ? 47  ARG A CZ  1 
ATOM   183 N  NH1 . ARG A 1 27  ? 8.769   2.408   -18.252 1.00 20.69 ? 47  ARG A NH1 1 
ATOM   184 N  NH2 . ARG A 1 27  ? 9.587   0.562   -19.392 1.00 23.06 ? 47  ARG A NH2 1 
ATOM   185 N  N   . THR A 1 28  ? 3.773   -0.920  -12.731 1.00 20.76 ? 48  THR A N   1 
ATOM   186 C  CA  . THR A 1 28  ? 2.979   -1.151  -11.534 1.00 20.73 ? 48  THR A CA  1 
ATOM   187 C  C   . THR A 1 28  ? 3.455   -2.447  -10.824 1.00 20.16 ? 48  THR A C   1 
ATOM   188 O  O   . THR A 1 28  ? 3.875   -3.426  -11.473 1.00 20.07 ? 48  THR A O   1 
ATOM   189 C  CB  . THR A 1 28  ? 1.463   -1.263  -11.818 1.00 20.70 ? 48  THR A CB  1 
ATOM   190 O  OG1 . THR A 1 28  ? 1.247   -2.339  -12.712 1.00 22.67 ? 48  THR A OG1 1 
ATOM   191 C  CG2 . THR A 1 28  ? 0.841   0.041   -12.394 1.00 20.30 ? 48  THR A CG2 1 
ATOM   192 N  N   . GLN A 1 29  ? 3.403   -2.413  -9.495  1.00 19.93 ? 49  GLN A N   1 
ATOM   193 C  CA  . GLN A 1 29  ? 3.571   -3.576  -8.605  1.00 20.80 ? 49  GLN A CA  1 
ATOM   194 C  C   . GLN A 1 29  ? 2.378   -3.620  -7.674  1.00 18.92 ? 49  GLN A C   1 
ATOM   195 O  O   . GLN A 1 29  ? 2.150   -2.693  -6.840  1.00 19.06 ? 49  GLN A O   1 
ATOM   196 C  CB  . GLN A 1 29  ? 4.865   -3.451  -7.801  1.00 22.03 ? 49  GLN A CB  1 
ATOM   197 C  CG  . GLN A 1 29  ? 5.127   -4.567  -6.758  1.00 24.72 ? 49  GLN A CG  1 
ATOM   198 C  CD  . GLN A 1 29  ? 5.335   -5.881  -7.398  1.00 24.52 ? 49  GLN A CD  1 
ATOM   199 O  OE1 . GLN A 1 29  ? 6.336   -6.107  -8.096  1.00 27.40 ? 49  GLN A OE1 1 
ATOM   200 N  NE2 . GLN A 1 29  ? 4.371   -6.757  -7.240  1.00 24.64 ? 49  GLN A NE2 1 
ATOM   201 N  N   . ALA A 1 30  ? 1.611   -4.702  -7.762  1.00 19.13 ? 50  ALA A N   1 
ATOM   202 C  CA  . ALA A 1 30  ? 0.498   -4.942  -6.845  1.00 18.47 ? 50  ALA A CA  1 
ATOM   203 C  C   . ALA A 1 30  ? 0.929   -5.730  -5.620  1.00 18.93 ? 50  ALA A C   1 
ATOM   204 O  O   . ALA A 1 30  ? 1.835   -6.557  -5.684  1.00 18.69 ? 50  ALA A O   1 
ATOM   205 C  CB  . ALA A 1 30  ? -0.685  -5.684  -7.581  1.00 19.98 ? 50  ALA A CB  1 
ATOM   206 N  N   . PHE A 1 31  ? 0.281   -5.450  -4.487  1.00 19.69 ? 51  PHE A N   1 
ATOM   207 C  CA  . PHE A 1 31  ? 0.380   -6.208  -3.239  1.00 19.77 ? 51  PHE A CA  1 
ATOM   208 C  C   . PHE A 1 31  ? -1.019  -6.517  -2.694  1.00 21.76 ? 51  PHE A C   1 
ATOM   209 O  O   . PHE A 1 31  ? -1.908  -5.684  -2.802  1.00 23.15 ? 51  PHE A O   1 
ATOM   210 C  CB  . PHE A 1 31  ? 1.060   -5.393  -2.155  1.00 19.45 ? 51  PHE A CB  1 
ATOM   211 C  CG  . PHE A 1 31  ? 2.480   -5.005  -2.462  1.00 20.23 ? 51  PHE A CG  1 
ATOM   212 C  CD1 . PHE A 1 31  ? 2.731   -3.882  -3.218  1.00 20.35 ? 51  PHE A CD1 1 
ATOM   213 C  CD2 . PHE A 1 31  ? 3.537   -5.747  -1.972  1.00 20.24 ? 51  PHE A CD2 1 
ATOM   214 C  CE1 . PHE A 1 31  ? 4.036   -3.493  -3.505  1.00 20.97 ? 51  PHE A CE1 1 
ATOM   215 C  CE2 . PHE A 1 31  ? 4.830   -5.362  -2.218  1.00 23.41 ? 51  PHE A CE2 1 
ATOM   216 C  CZ  . PHE A 1 31  ? 5.083   -4.239  -3.024  1.00 20.31 ? 51  PHE A CZ  1 
ATOM   217 N  N   . LYS A 1 32  ? -1.214  -7.668  -2.087  1.00 22.07 ? 52  LYS A N   1 
ATOM   218 C  CA  . LYS A 1 32  ? -2.395  -7.903  -1.269  1.00 22.67 ? 52  LYS A CA  1 
ATOM   219 C  C   . LYS A 1 32  ? -2.001  -7.481  0.117   1.00 21.58 ? 52  LYS A C   1 
ATOM   220 O  O   . LYS A 1 32  ? -1.039  -8.001  0.679   1.00 23.09 ? 52  LYS A O   1 
ATOM   221 C  CB  . LYS A 1 32  ? -2.880  -9.355  -1.320  1.00 22.96 ? 52  LYS A CB  1 
ATOM   222 C  CG  . LYS A 1 32  ? -4.320  -9.567  -0.727  1.00 29.76 ? 52  LYS A CG  1 
ATOM   223 N  N   . VAL A 1 33  ? -2.773  -6.564  0.687   1.00 22.56 ? 53  VAL A N   1 
ATOM   224 C  CA  . VAL A 1 33  ? -2.481  -5.953  1.978   1.00 21.79 ? 53  VAL A CA  1 
ATOM   225 C  C   . VAL A 1 33  ? -3.569  -6.281  2.966   1.00 24.19 ? 53  VAL A C   1 
ATOM   226 O  O   . VAL A 1 33  ? -4.775  -6.210  2.629   1.00 24.31 ? 53  VAL A O   1 
ATOM   227 C  CB  . VAL A 1 33  ? -2.318  -4.443  1.856   1.00 21.30 ? 53  VAL A CB  1 
ATOM   228 C  CG1 . VAL A 1 33  ? -1.965  -3.757  3.212   1.00 21.48 ? 53  VAL A CG1 1 
ATOM   229 C  CG2 . VAL A 1 33  ? -1.220  -4.100  0.786   1.00 21.01 ? 53  VAL A CG2 1 
ATOM   230 N  N   . ARG A 1 34  ? -3.154  -6.603  4.187   1.00 23.43 ? 54  ARG A N   1 
ATOM   231 C  CA  . ARG A 1 34  ? -4.081  -6.751  5.289   1.00 24.96 ? 54  ARG A CA  1 
ATOM   232 C  C   . ARG A 1 34  ? -3.637  -5.874  6.429   1.00 23.82 ? 54  ARG A C   1 
ATOM   233 O  O   . ARG A 1 34  ? -2.487  -5.929  6.827   1.00 23.74 ? 54  ARG A O   1 
ATOM   234 C  CB  . ARG A 1 34  ? -4.126  -8.219  5.726   1.00 26.61 ? 54  ARG A CB  1 
ATOM   235 C  CG  . ARG A 1 34  ? -5.061  -8.507  6.955   1.00 32.74 ? 54  ARG A CG  1 
ATOM   236 C  CD  . ARG A 1 34  ? -5.360  -10.049 7.076   1.00 40.85 ? 54  ARG A CD  1 
ATOM   237 N  NE  . ARG A 1 34  ? -4.165  -10.789 7.486   1.00 46.49 ? 54  ARG A NE  1 
ATOM   238 N  N   . LEU A 1 35  ? -4.547  -5.054  6.939   1.00 24.63 ? 55  LEU A N   1 
ATOM   239 C  CA  . LEU A 1 35  ? -4.303  -4.225  8.102   1.00 24.48 ? 55  LEU A CA  1 
ATOM   240 C  C   . LEU A 1 35  ? -5.004  -4.820  9.322   1.00 27.19 ? 55  LEU A C   1 
ATOM   241 O  O   . LEU A 1 35  ? -6.178  -5.186  9.241   1.00 26.39 ? 55  LEU A O   1 
ATOM   242 C  CB  . LEU A 1 35  ? -4.779  -2.788  7.817   1.00 25.44 ? 55  LEU A CB  1 
ATOM   243 C  CG  . LEU A 1 35  ? -4.283  -2.088  6.535   1.00 23.22 ? 55  LEU A CG  1 
ATOM   244 C  CD1 . LEU A 1 35  ? -4.881  -0.688  6.461   1.00 26.23 ? 55  LEU A CD1 1 
ATOM   245 C  CD2 . LEU A 1 35  ? -2.777  -1.979  6.527   1.00 23.81 ? 55  LEU A CD2 1 
ATOM   246 N  N   . VAL A 1 36  ? -4.297  -4.923  10.439  1.00 27.95 ? 56  VAL A N   1 
ATOM   247 C  CA  . VAL A 1 36  ? -4.824  -5.606  11.629  1.00 30.16 ? 56  VAL A CA  1 
ATOM   248 C  C   . VAL A 1 36  ? -4.528  -4.771  12.856  1.00 30.75 ? 56  VAL A C   1 
ATOM   249 O  O   . VAL A 1 36  ? -3.409  -4.345  13.030  1.00 28.80 ? 56  VAL A O   1 
ATOM   250 C  CB  . VAL A 1 36  ? -4.178  -6.969  11.842  1.00 30.06 ? 56  VAL A CB  1 
ATOM   251 C  CG1 . VAL A 1 36  ? -4.824  -7.631  13.085  1.00 34.20 ? 56  VAL A CG1 1 
ATOM   252 C  CG2 . VAL A 1 36  ? -4.347  -7.835  10.642  1.00 31.98 ? 56  VAL A CG2 1 
ATOM   253 N  N   . ASN A 1 37  ? -5.555  -4.521  13.679  1.00 32.90 ? 57  ASN A N   1 
ATOM   254 C  CA  . ASN A 1 37  ? -5.388  -3.823  14.968  1.00 33.98 ? 57  ASN A CA  1 
ATOM   255 C  C   . ASN A 1 37  ? -5.293  -4.877  16.028  1.00 35.69 ? 57  ASN A C   1 
ATOM   256 O  O   . ASN A 1 37  ? -6.295  -5.481  16.375  1.00 36.66 ? 57  ASN A O   1 
ATOM   257 C  CB  . ASN A 1 37  ? -6.553  -2.858  15.239  1.00 34.54 ? 57  ASN A CB  1 
ATOM   258 C  CG  . ASN A 1 37  ? -6.359  -2.057  16.489  1.00 35.34 ? 57  ASN A CG  1 
ATOM   259 O  OD1 . ASN A 1 37  ? -5.463  -2.354  17.266  1.00 37.11 ? 57  ASN A OD1 1 
ATOM   260 N  ND2 . ASN A 1 37  ? -7.186  -1.032  16.693  1.00 38.38 ? 57  ASN A ND2 1 
ATOM   261 N  N   . ALA A 1 38  ? -4.084  -5.142  16.494  1.00 37.41 ? 58  ALA A N   1 
ATOM   262 C  CA  . ALA A 1 38  ? -3.853  -6.166  17.518  1.00 39.84 ? 58  ALA A CA  1 
ATOM   263 C  C   . ALA A 1 38  ? -3.649  -5.543  18.931  1.00 41.95 ? 58  ALA A C   1 
ATOM   264 O  O   . ALA A 1 38  ? -3.165  -6.211  19.852  1.00 42.66 ? 58  ALA A O   1 
ATOM   265 C  CB  . ALA A 1 38  ? -2.653  -7.005  17.112  1.00 39.11 ? 58  ALA A CB  1 
ATOM   266 N  N   . ALA A 1 39  ? -3.995  -4.261  19.071  1.00 43.50 ? 59  ALA A N   1 
ATOM   267 C  CA  . ALA A 1 39  ? -3.866  -3.515  20.315  1.00 44.82 ? 59  ALA A CA  1 
ATOM   268 C  C   . ALA A 1 39  ? -5.210  -3.543  21.009  1.00 46.65 ? 59  ALA A C   1 
ATOM   269 O  O   . ALA A 1 39  ? -6.169  -4.186  20.527  1.00 46.69 ? 59  ALA A O   1 
ATOM   270 C  CB  . ALA A 1 39  ? -3.397  -2.051  20.068  1.00 44.35 ? 59  ALA A CB  1 
ATOM   271 N  N   . LYS A 1 40  ? -5.269  -2.864  22.162  1.00 48.60 ? 60  LYS A N   1 
ATOM   272 C  CA  . LYS A 1 40  ? -6.466  -2.866  23.004  1.00 50.14 ? 60  LYS A CA  1 
ATOM   273 C  C   . LYS A 1 40  ? -7.364  -1.636  22.764  1.00 50.33 ? 60  LYS A C   1 
ATOM   274 O  O   . LYS A 1 40  ? -8.547  -1.668  23.086  1.00 51.73 ? 60  LYS A O   1 
ATOM   275 C  CB  . LYS A 1 40  ? -6.051  -3.060  24.486  1.00 50.85 ? 60  LYS A CB  1 
ATOM   276 C  CG  . LYS A 1 40  ? -5.424  -4.469  24.765  1.00 52.10 ? 60  LYS A CG  1 
ATOM   277 N  N   . SER A 1 41  ? -6.829  -0.597  22.127  1.00 49.77 ? 61  SER A N   1 
ATOM   278 C  CA  . SER A 1 41  ? -7.604  0.603   21.747  1.00 49.94 ? 61  SER A CA  1 
ATOM   279 C  C   . SER A 1 41  ? -7.859  0.759   20.220  1.00 49.25 ? 61  SER A C   1 
ATOM   280 O  O   . SER A 1 41  ? -7.076  0.273   19.408  1.00 46.95 ? 61  SER A O   1 
ATOM   281 C  CB  . SER A 1 41  ? -6.836  1.853   22.213  1.00 50.34 ? 61  SER A CB  1 
ATOM   282 O  OG  . SER A 1 41  ? -6.884  1.997   23.620  1.00 52.65 ? 61  SER A OG  1 
ATOM   283 N  N   . GLU A 1 42  ? -8.940  1.474   19.869  1.00 48.94 ? 62  GLU A N   1 
ATOM   284 C  CA  . GLU A 1 42  ? -9.192  1.960   18.498  1.00 48.28 ? 62  GLU A CA  1 
ATOM   285 C  C   . GLU A 1 42  ? -7.977  2.786   18.008  1.00 46.59 ? 62  GLU A C   1 
ATOM   286 O  O   . GLU A 1 42  ? -7.412  3.592   18.784  1.00 45.50 ? 62  GLU A O   1 
ATOM   287 C  CB  . GLU A 1 42  ? -10.475 2.799   18.481  1.00 49.62 ? 62  GLU A CB  1 
ATOM   288 C  CG  . GLU A 1 42  ? -10.889 3.372   17.123  1.00 52.17 ? 62  GLU A CG  1 
ATOM   289 C  CD  . GLU A 1 42  ? -12.392 3.800   17.054  1.00 55.78 ? 62  GLU A CD  1 
ATOM   290 O  OE1 . GLU A 1 42  ? -13.041 3.992   18.100  1.00 55.15 ? 62  GLU A OE1 1 
ATOM   291 O  OE2 . GLU A 1 42  ? -12.927 3.944   15.930  1.00 58.98 ? 62  GLU A OE2 1 
ATOM   292 N  N   . ILE A 1 43  ? -7.546  2.561   16.749  1.00 43.97 ? 63  ILE A N   1 
ATOM   293 C  CA  . ILE A 1 43  ? -6.405  3.312   16.167  1.00 41.50 ? 63  ILE A CA  1 
ATOM   294 C  C   . ILE A 1 43  ? -6.925  4.063   14.969  1.00 40.66 ? 63  ILE A C   1 
ATOM   295 O  O   . ILE A 1 43  ? -7.616  3.490   14.141  1.00 40.77 ? 63  ILE A O   1 
ATOM   296 C  CB  . ILE A 1 43  ? -5.205  2.410   15.796  1.00 40.56 ? 63  ILE A CB  1 
ATOM   297 C  CG1 . ILE A 1 43  ? -4.621  1.743   17.044  1.00 40.71 ? 63  ILE A CG1 1 
ATOM   298 C  CG2 . ILE A 1 43  ? -4.102  3.250   15.112  1.00 39.74 ? 63  ILE A CG2 1 
ATOM   299 C  CD1 . ILE A 1 43  ? -3.577  0.621   16.793  1.00 38.61 ? 63  ILE A CD1 1 
ATOM   300 N  N   . SER A 1 44  ? -6.668  5.363   14.897  1.00 40.61 ? 64  SER A N   1 
ATOM   301 C  CA  . SER A 1 44  ? -7.112  6.149   13.730  1.00 41.07 ? 64  SER A CA  1 
ATOM   302 C  C   . SER A 1 44  ? -6.093  6.038   12.584  1.00 40.29 ? 64  SER A C   1 
ATOM   303 O  O   . SER A 1 44  ? -4.865  6.086   12.839  1.00 40.31 ? 64  SER A O   1 
ATOM   304 C  CB  . SER A 1 44  ? -7.309  7.624   14.066  1.00 42.25 ? 64  SER A CB  1 
ATOM   305 O  OG  . SER A 1 44  ? -7.651  8.361   12.892  1.00 43.57 ? 64  SER A OG  1 
ATOM   306 N  N   . LEU A 1 45  ? -6.625  5.892   11.357  1.00 39.45 ? 65  LEU A N   1 
ATOM   307 C  CA  . LEU A 1 45  ? -5.854  5.836   10.093  1.00 37.85 ? 65  LEU A CA  1 
ATOM   308 C  C   . LEU A 1 45  ? -6.146  7.036   9.199   1.00 38.27 ? 65  LEU A C   1 
ATOM   309 O  O   . LEU A 1 45  ? -5.649  7.125   8.075   1.00 35.16 ? 65  LEU A O   1 
ATOM   310 C  CB  . LEU A 1 45  ? -6.197  4.543   9.330   1.00 38.38 ? 65  LEU A CB  1 
ATOM   311 C  CG  . LEU A 1 45  ? -5.863  3.189   9.978   1.00 37.66 ? 65  LEU A CG  1 
ATOM   312 C  CD1 . LEU A 1 45  ? -6.559  2.047   9.197   1.00 40.35 ? 65  LEU A CD1 1 
ATOM   313 C  CD2 . LEU A 1 45  ? -4.379  2.992   10.014  1.00 39.67 ? 65  LEU A CD2 1 
ATOM   314 N  N   . LYS A 1 46  ? -6.919  7.991   9.730   1.00 39.06 ? 66  LYS A N   1 
ATOM   315 C  CA  . LYS A 1 46  ? -7.423  9.122   8.929   1.00 40.05 ? 66  LYS A CA  1 
ATOM   316 C  C   . LYS A 1 46  ? -6.289  9.959   8.358   1.00 39.17 ? 66  LYS A C   1 
ATOM   317 O  O   . LYS A 1 46  ? -6.363  10.410  7.220   1.00 39.72 ? 66  LYS A O   1 
ATOM   318 C  CB  . LYS A 1 46  ? -8.377  10.025  9.762   1.00 41.85 ? 66  LYS A CB  1 
ATOM   319 C  CG  . LYS A 1 46  ? -9.363  10.924  8.948   1.00 44.91 ? 66  LYS A CG  1 
ATOM   320 C  CD  . LYS A 1 46  ? -10.375 11.693  9.883   1.00 47.38 ? 66  LYS A CD  1 
ATOM   321 N  N   . ASN A 1 47  ? -5.241  10.169  9.139   1.00 38.18 ? 67  ASN A N   1 
ATOM   322 C  CA  . ASN A 1 47  ? -4.088  10.871  8.603   1.00 38.66 ? 67  ASN A CA  1 
ATOM   323 C  C   . ASN A 1 47  ? -2.896  9.970   8.277   1.00 35.99 ? 67  ASN A C   1 
ATOM   324 O  O   . ASN A 1 47  ? -1.750  10.433  8.250   1.00 35.92 ? 67  ASN A O   1 
ATOM   325 C  CB  . ASN A 1 47  ? -3.688  12.017  9.534   1.00 40.36 ? 67  ASN A CB  1 
ATOM   326 C  CG  . ASN A 1 47  ? -4.820  13.021  9.689   1.00 43.91 ? 67  ASN A CG  1 
ATOM   327 O  OD1 . ASN A 1 47  ? -5.373  13.181  10.791  1.00 49.31 ? 67  ASN A OD1 1 
ATOM   328 N  ND2 . ASN A 1 47  ? -5.229  13.651  8.555   1.00 45.54 ? 67  ASN A ND2 1 
ATOM   329 N  N   . SER A 1 48  ? -3.191  8.714   7.950   1.00 33.57 ? 68  SER A N   1 
ATOM   330 C  CA  . SER A 1 48  ? -2.176  7.785   7.513   1.00 31.51 ? 68  SER A CA  1 
ATOM   331 C  C   . SER A 1 48  ? -2.392  7.334   6.080   1.00 30.35 ? 68  SER A C   1 
ATOM   332 O  O   . SER A 1 48  ? -3.472  7.495   5.526   1.00 29.75 ? 68  SER A O   1 
ATOM   333 C  CB  . SER A 1 48  ? -2.164  6.585   8.418   1.00 30.73 ? 68  SER A CB  1 
ATOM   334 O  OG  . SER A 1 48  ? -1.831  7.021   9.696   1.00 33.30 ? 68  SER A OG  1 
ATOM   335 N  N   . CYS A 1 49  ? -1.324  6.857   5.458   1.00 27.14 ? 69  CYS A N   1 
ATOM   336 C  CA  . CYS A 1 49  ? -1.394  6.333   4.094   1.00 27.26 ? 69  CYS A CA  1 
ATOM   337 C  C   . CYS A 1 49  ? -0.423  5.173   3.919   1.00 24.92 ? 69  CYS A C   1 
ATOM   338 O  O   . CYS A 1 49  ? 0.553   5.051   4.681   1.00 23.24 ? 69  CYS A O   1 
ATOM   339 C  CB  . CYS A 1 49  ? -1.136  7.424   3.059   1.00 28.72 ? 69  CYS A CB  1 
ATOM   340 S  SG  . CYS A 1 49  ? 0.383   8.399   3.410   1.00 36.18 ? 69  CYS A SG  1 
ATOM   341 N  N   . LEU A 1 50  ? -0.710  4.327   2.921   1.00 22.71 ? 70  LEU A N   1 
ATOM   342 C  CA  . LEU A 1 50  ? 0.105   3.176   2.589   1.00 22.09 ? 70  LEU A CA  1 
ATOM   343 C  C   . LEU A 1 50  ? 1.213   3.635   1.661   1.00 22.26 ? 70  LEU A C   1 
ATOM   344 O  O   . LEU A 1 50  ? 0.953   4.378   0.696   1.00 23.37 ? 70  LEU A O   1 
ATOM   345 C  CB  . LEU A 1 50  ? -0.757  2.089   1.909   1.00 20.56 ? 70  LEU A CB  1 
ATOM   346 C  CG  . LEU A 1 50  ? -1.692  1.358   2.856   1.00 24.93 ? 70  LEU A CG  1 
ATOM   347 C  CD1 . LEU A 1 50  ? -2.704  0.489   2.088   1.00 27.88 ? 70  LEU A CD1 1 
ATOM   348 C  CD2 . LEU A 1 50  ? -0.916  0.518   3.866   1.00 24.61 ? 70  LEU A CD2 1 
ATOM   349 N  N   . VAL A 1 51  ? 2.449   3.224   1.975   1.00 21.72 ? 71  VAL A N   1 
ATOM   350 C  CA  . VAL A 1 51  ? 3.650   3.535   1.202   1.00 21.32 ? 71  VAL A CA  1 
ATOM   351 C  C   . VAL A 1 51  ? 4.342   2.183   0.937   1.00 21.03 ? 71  VAL A C   1 
ATOM   352 O  O   . VAL A 1 51  ? 4.446   1.331   1.831   1.00 20.73 ? 71  VAL A O   1 
ATOM   353 C  CB  . VAL A 1 51  ? 4.585   4.459   2.032   1.00 21.14 ? 71  VAL A CB  1 
ATOM   354 C  CG1 . VAL A 1 51  ? 5.939   4.652   1.351   1.00 21.53 ? 71  VAL A CG1 1 
ATOM   355 C  CG2 . VAL A 1 51  ? 3.923   5.798   2.287   1.00 23.31 ? 71  VAL A CG2 1 
ATOM   356 N  N   . ALA A 1 52  ? 4.773   1.985   -0.309  1.00 20.03 ? 72  ALA A N   1 
ATOM   357 C  CA  . ALA A 1 52  ? 5.605   0.849   -0.676  1.00 19.23 ? 72  ALA A CA  1 
ATOM   358 C  C   . ALA A 1 52  ? 7.019   1.356   -0.907  1.00 19.09 ? 72  ALA A C   1 
ATOM   359 O  O   . ALA A 1 52  ? 7.228   2.470   -1.405  1.00 20.26 ? 72  ALA A O   1 
ATOM   360 C  CB  . ALA A 1 52  ? 5.084   0.150   -1.865  1.00 19.19 ? 72  ALA A CB  1 
ATOM   361 N  N   . GLN A 1 53  ? 7.996   0.550   -0.545  1.00 19.95 ? 73  GLN A N   1 
ATOM   362 C  CA  . GLN A 1 53  ? 9.399   0.977   -0.633  1.00 20.42 ? 73  GLN A CA  1 
ATOM   363 C  C   . GLN A 1 53  ? 10.369  -0.177  -0.738  1.00 21.49 ? 73  GLN A C   1 
ATOM   364 O  O   . GLN A 1 53  ? 10.060  -1.325  -0.403  1.00 21.06 ? 73  GLN A O   1 
ATOM   365 C  CB  . GLN A 1 53  ? 9.763   1.890   0.533   1.00 20.43 ? 73  GLN A CB  1 
ATOM   366 C  CG  . GLN A 1 53  ? 9.747   1.215   1.869   1.00 23.94 ? 73  GLN A CG  1 
ATOM   367 C  CD  . GLN A 1 53  ? 9.758   2.199   3.007   1.00 25.32 ? 73  GLN A CD  1 
ATOM   368 O  OE1 . GLN A 1 53  ? 9.068   3.204   2.973   1.00 26.22 ? 73  GLN A OE1 1 
ATOM   369 N  NE2 . GLN A 1 53  ? 10.538  1.932   3.999   1.00 26.27 ? 73  GLN A NE2 1 
ATOM   370 N  N   . SER A 1 54  ? 11.549  0.153   -1.260  1.00 23.12 ? 74  SER A N   1 
ATOM   371 C  CA  . SER A 1 54  ? 12.684  -0.740  -1.317  1.00 24.18 ? 74  SER A CA  1 
ATOM   372 C  C   . SER A 1 54  ? 13.425  -0.724  0.026   1.00 24.51 ? 74  SER A C   1 
ATOM   373 O  O   . SER A 1 54  ? 13.212  0.171   0.826   1.00 23.83 ? 74  SER A O   1 
ATOM   374 C  CB  . SER A 1 54  ? 13.633  -0.250  -2.405  1.00 26.22 ? 74  SER A CB  1 
ATOM   375 O  OG  . SER A 1 54  ? 14.256  0.931   -1.959  1.00 25.56 ? 74  SER A OG  1 
ATOM   376 N  N   . ALA A 1 55  ? 14.273  -1.730  0.269   1.00 25.88 ? 75  ALA A N   1 
ATOM   377 C  CA  . ALA A 1 55  ? 15.089  -1.797  1.487   1.00 26.97 ? 75  ALA A CA  1 
ATOM   378 C  C   . ALA A 1 55  ? 16.044  -0.599  1.627   1.00 27.35 ? 75  ALA A C   1 
ATOM   379 O  O   . ALA A 1 55  ? 16.366  -0.190  2.775   1.00 29.88 ? 75  ALA A O   1 
ATOM   380 C  CB  . ALA A 1 55  ? 15.872  -3.144  1.572   1.00 26.63 ? 75  ALA A CB  1 
ATOM   381 N  N   . ALA A 1 56  ? 16.430  0.002   0.497   1.00 27.13 ? 76  ALA A N   1 
ATOM   382 C  CA  . ALA A 1 56  ? 17.252  1.215   0.513   1.00 27.30 ? 76  ALA A CA  1 
ATOM   383 C  C   . ALA A 1 56  ? 16.483  2.487   0.898   1.00 26.85 ? 76  ALA A C   1 
ATOM   384 O  O   . ALA A 1 56  ? 17.108  3.547   1.009   1.00 27.83 ? 76  ALA A O   1 
ATOM   385 C  CB  . ALA A 1 56  ? 17.969  1.416   -0.830  1.00 27.16 ? 76  ALA A CB  1 
ATOM   386 N  N   . GLY A 1 57  ? 15.167  2.408   1.131   1.00 25.59 ? 77  GLY A N   1 
ATOM   387 C  CA  . GLY A 1 57  ? 14.380  3.585   1.479   1.00 26.74 ? 77  GLY A CA  1 
ATOM   388 C  C   . GLY A 1 57  ? 13.817  4.390   0.340   1.00 26.83 ? 77  GLY A C   1 
ATOM   389 O  O   . GLY A 1 57  ? 13.473  5.566   0.551   1.00 29.53 ? 77  GLY A O   1 
ATOM   390 N  N   . GLN A 1 58  ? 13.758  3.816   -0.866  1.00 25.71 ? 78  GLN A N   1 
ATOM   391 C  CA  . GLN A 1 58  ? 13.150  4.508   -1.994  1.00 26.39 ? 78  GLN A CA  1 
ATOM   392 C  C   . GLN A 1 58  ? 11.651  4.149   -1.998  1.00 25.72 ? 78  GLN A C   1 
ATOM   393 O  O   . GLN A 1 58  ? 11.298  2.964   -1.979  1.00 24.29 ? 78  GLN A O   1 
ATOM   394 C  CB  . GLN A 1 58  ? 13.817  4.137   -3.327  1.00 27.47 ? 78  GLN A CB  1 
ATOM   395 C  CG  . GLN A 1 58  ? 13.127  4.767   -4.556  1.00 29.81 ? 78  GLN A CG  1 
ATOM   396 C  CD  . GLN A 1 58  ? 13.729  4.357   -5.886  1.00 34.65 ? 78  GLN A CD  1 
ATOM   397 O  OE1 . GLN A 1 58  ? 14.508  3.388   -5.993  1.00 38.89 ? 78  GLN A OE1 1 
ATOM   398 N  NE2 . GLN A 1 58  ? 13.379  5.105   -6.920  1.00 37.14 ? 78  GLN A NE2 1 
ATOM   399 N  N   . SER A 1 59  ? 10.794  5.164   -2.009  1.00 24.70 ? 79  SER A N   1 
ATOM   400 C  CA  . SER A 1 59  ? 9.355   4.913   -1.943  1.00 24.58 ? 79  SER A CA  1 
ATOM   401 C  C   . SER A 1 59  ? 8.612   5.218   -3.229  1.00 24.46 ? 79  SER A C   1 
ATOM   402 O  O   . SER A 1 59  ? 9.134   5.898   -4.118  1.00 23.54 ? 79  SER A O   1 
ATOM   403 C  CB  . SER A 1 59  ? 8.738   5.703   -0.802  1.00 25.94 ? 79  SER A CB  1 
ATOM   404 O  OG  . SER A 1 59  ? 8.705   7.069   -1.095  1.00 25.51 ? 79  SER A OG  1 
ATOM   405 N  N   . PHE A 1 60  ? 7.404   4.661   -3.344  1.00 23.72 ? 80  PHE A N   1 
ATOM   406 C  CA  . PHE A 1 60  ? 6.658   4.672   -4.624  1.00 23.48 ? 80  PHE A CA  1 
ATOM   407 C  C   . PHE A 1 60  ? 5.223   5.083   -4.377  1.00 24.23 ? 80  PHE A C   1 
ATOM   408 O  O   . PHE A 1 60  ? 4.589   4.625   -3.400  1.00 25.27 ? 80  PHE A O   1 
ATOM   409 C  CB  . PHE A 1 60  ? 6.741   3.277   -5.291  1.00 23.54 ? 80  PHE A CB  1 
ATOM   410 C  CG  . PHE A 1 60  ? 8.143   2.816   -5.498  1.00 20.99 ? 80  PHE A CG  1 
ATOM   411 C  CD1 . PHE A 1 60  ? 8.922   3.356   -6.500  1.00 26.07 ? 80  PHE A CD1 1 
ATOM   412 C  CD2 . PHE A 1 60  ? 8.732   1.944   -4.611  1.00 23.95 ? 80  PHE A CD2 1 
ATOM   413 C  CE1 . PHE A 1 60  ? 10.213  2.995   -6.642  1.00 25.20 ? 80  PHE A CE1 1 
ATOM   414 C  CE2 . PHE A 1 60  ? 10.067  1.559   -4.740  1.00 24.43 ? 80  PHE A CE2 1 
ATOM   415 C  CZ  . PHE A 1 60  ? 10.811  2.099   -5.747  1.00 25.93 ? 80  PHE A CZ  1 
ATOM   416 N  N   . ARG A 1 61  ? 4.692   5.888   -5.295  1.00 24.82 ? 81  ARG A N   1 
ATOM   417 C  CA  . ARG A 1 61  ? 3.341   6.396   -5.126  1.00 25.81 ? 81  ARG A CA  1 
ATOM   418 C  C   . ARG A 1 61  ? 2.308   5.279   -5.246  1.00 24.63 ? 81  ARG A C   1 
ATOM   419 O  O   . ARG A 1 61  ? 2.517   4.317   -6.009  1.00 23.65 ? 81  ARG A O   1 
ATOM   420 C  CB  . ARG A 1 61  ? 3.051   7.499   -6.116  1.00 27.28 ? 81  ARG A CB  1 
ATOM   421 C  CG  . ARG A 1 61  ? 2.854   7.036   -7.538  1.00 28.21 ? 81  ARG A CG  1 
ATOM   422 C  CD  . ARG A 1 61  ? 2.491   8.190   -8.527  1.00 28.65 ? 81  ARG A CD  1 
ATOM   423 N  NE  . ARG A 1 61  ? 2.358   7.609   -9.888  1.00 28.50 ? 81  ARG A NE  1 
ATOM   424 C  CZ  . ARG A 1 61  ? 1.237   7.050   -10.351 1.00 25.74 ? 81  ARG A CZ  1 
ATOM   425 N  NH1 . ARG A 1 61  ? 0.152   7.083   -9.639  1.00 29.12 ? 81  ARG A NH1 1 
ATOM   426 N  NH2 . ARG A 1 61  ? 1.184   6.508   -11.555 1.00 27.18 ? 81  ARG A NH2 1 
ATOM   427 N  N   . LEU A 1 62  ? 1.204   5.453   -4.535  1.00 24.41 ? 82  LEU A N   1 
ATOM   428 C  CA  . LEU A 1 62  ? 0.058   4.566   -4.605  1.00 24.94 ? 82  LEU A CA  1 
ATOM   429 C  C   . LEU A 1 62  ? -0.825  4.982   -5.763  1.00 25.11 ? 82  LEU A C   1 
ATOM   430 O  O   . LEU A 1 62  ? -1.372  6.075   -5.727  1.00 25.97 ? 82  LEU A O   1 
ATOM   431 C  CB  . LEU A 1 62  ? -0.733  4.636   -3.290  1.00 25.65 ? 82  LEU A CB  1 
ATOM   432 C  CG  . LEU A 1 62  ? -1.954  3.725   -3.157  1.00 26.32 ? 82  LEU A CG  1 
ATOM   433 C  CD1 . LEU A 1 62  ? -1.540  2.227   -3.154  1.00 25.20 ? 82  LEU A CD1 1 
ATOM   434 C  CD2 . LEU A 1 62  ? -2.711  4.069   -1.871  1.00 30.06 ? 82  LEU A CD2 1 
ATOM   435 N  N   . ASP A 1 63  ? -0.999  4.109   -6.756  1.00 23.89 ? 83  ASP A N   1 
ATOM   436 C  CA  . ASP A 1 63  ? -1.766  4.464   -7.953  1.00 25.00 ? 83  ASP A CA  1 
ATOM   437 C  C   . ASP A 1 63  ? -3.260  4.177   -7.733  1.00 25.70 ? 83  ASP A C   1 
ATOM   438 O  O   . ASP A 1 63  ? -4.127  5.061   -7.980  1.00 25.36 ? 83  ASP A O   1 
ATOM   439 C  CB  . ASP A 1 63  ? -1.216  3.736   -9.215  1.00 24.36 ? 83  ASP A CB  1 
ATOM   440 C  CG  . ASP A 1 63  ? -1.917  4.194   -10.515 1.00 27.21 ? 83  ASP A CG  1 
ATOM   441 O  OD1 . ASP A 1 63  ? -1.790  5.385   -10.874 1.00 28.76 ? 83  ASP A OD1 1 
ATOM   442 O  OD2 . ASP A 1 63  ? -2.616  3.375   -11.150 1.00 28.31 ? 83  ASP A OD2 1 
ATOM   443 N  N   . THR A 1 64  ? -3.572  2.972   -7.270  1.00 24.91 ? 84  THR A N   1 
ATOM   444 C  CA  . THR A 1 64  ? -4.955  2.585   -6.953  1.00 26.50 ? 84  THR A CA  1 
ATOM   445 C  C   . THR A 1 64  ? -4.973  1.720   -5.712  1.00 27.21 ? 84  THR A C   1 
ATOM   446 O  O   . THR A 1 64  ? -3.972  1.081   -5.374  1.00 25.39 ? 84  THR A O   1 
ATOM   447 C  CB  . THR A 1 64  ? -5.624  1.820   -8.084  1.00 26.85 ? 84  THR A CB  1 
ATOM   448 O  OG1 . THR A 1 64  ? -4.873  0.655   -8.441  1.00 27.57 ? 84  THR A OG1 1 
ATOM   449 C  CG2 . THR A 1 64  ? -5.769  2.693   -9.327  1.00 28.84 ? 84  THR A CG2 1 
ATOM   450 N  N   . VAL A 1 65  ? -6.107  1.712   -5.022  1.00 28.34 ? 85  VAL A N   1 
ATOM   451 C  CA  . VAL A 1 65  ? -6.255  0.939   -3.765  1.00 27.76 ? 85  VAL A CA  1 
ATOM   452 C  C   . VAL A 1 65  ? -7.698  0.530   -3.570  1.00 29.59 ? 85  VAL A C   1 
ATOM   453 O  O   . VAL A 1 65  ? -8.600  1.338   -3.851  1.00 31.43 ? 85  VAL A O   1 
ATOM   454 C  CB  . VAL A 1 65  ? -5.749  1.742   -2.586  1.00 28.71 ? 85  VAL A CB  1 
ATOM   455 C  CG1 . VAL A 1 65  ? -6.559  3.078   -2.427  1.00 30.57 ? 85  VAL A CG1 1 
ATOM   456 C  CG2 . VAL A 1 65  ? -5.746  0.916   -1.270  1.00 28.77 ? 85  VAL A CG2 1 
ATOM   457 N  N   . ASP A 1 66  ? -7.941  -0.695  -3.099  1.00 28.83 ? 86  ASP A N   1 
ATOM   458 C  CA  . ASP A 1 66  ? -9.308  -1.148  -2.812  1.00 30.39 ? 86  ASP A CA  1 
ATOM   459 C  C   . ASP A 1 66  ? -9.893  -0.316  -1.658  1.00 30.87 ? 86  ASP A C   1 
ATOM   460 O  O   . ASP A 1 66  ? -9.179  0.009   -0.678  1.00 29.18 ? 86  ASP A O   1 
ATOM   461 C  CB  . ASP A 1 66  ? -9.350  -2.641  -2.483  1.00 29.42 ? 86  ASP A CB  1 
ATOM   462 C  CG  . ASP A 1 66  ? -9.188  -3.520  -3.695  1.00 31.89 ? 86  ASP A CG  1 
ATOM   463 O  OD1 . ASP A 1 66  ? -9.324  -3.019  -4.839  1.00 35.10 ? 86  ASP A OD1 1 
ATOM   464 O  OD2 . ASP A 1 66  ? -8.872  -4.741  -3.511  1.00 31.13 ? 86  ASP A OD2 1 
ATOM   465 N  N   . GLU A 1 67  ? -11.174 0.060   -1.810  1.00 32.65 ? 87  GLU A N   1 
ATOM   466 C  CA  . GLU A 1 67  ? -11.908 0.918   -0.830  1.00 33.58 ? 87  GLU A CA  1 
ATOM   467 C  C   . GLU A 1 67  ? -11.721 0.436   0.624   1.00 32.73 ? 87  GLU A C   1 
ATOM   468 O  O   . GLU A 1 67  ? -11.571 1.262   1.537   1.00 34.38 ? 87  GLU A O   1 
ATOM   469 C  CB  . GLU A 1 67  ? -13.426 0.985   -1.175  1.00 34.32 ? 87  GLU A CB  1 
ATOM   470 N  N   . GLU A 1 68  ? -11.688 -0.894  0.809   1.00 33.00 ? 88  GLU A N   1 
ATOM   471 C  CA  A GLU A 1 68  ? -11.617 -1.471  2.156   0.50 33.11 ? 88  GLU A CA  1 
ATOM   472 C  CA  B GLU A 1 68  ? -11.554 -1.563  2.127   0.50 32.86 ? 88  GLU A CA  1 
ATOM   473 C  C   . GLU A 1 68  ? -10.382 -1.029  2.947   1.00 32.48 ? 88  GLU A C   1 
ATOM   474 O  O   . GLU A 1 68  ? -10.440 -0.901  4.199   1.00 31.73 ? 88  GLU A O   1 
ATOM   475 C  CB  A GLU A 1 68  ? -11.734 -3.002  2.093   0.50 33.68 ? 88  GLU A CB  1 
ATOM   476 C  CB  B GLU A 1 68  ? -11.338 -3.088  1.951   0.50 33.01 ? 88  GLU A CB  1 
ATOM   477 C  CG  A GLU A 1 68  ? -13.137 -3.490  1.703   0.50 35.96 ? 88  GLU A CG  1 
ATOM   478 C  CG  B GLU A 1 68  ? -12.446 -3.897  1.252   0.50 34.58 ? 88  GLU A CG  1 
ATOM   479 C  CD  A GLU A 1 68  ? -13.420 -3.385  0.203   0.50 37.27 ? 88  GLU A CD  1 
ATOM   480 C  CD  B GLU A 1 68  ? -12.055 -4.363  -0.157  0.50 34.49 ? 88  GLU A CD  1 
ATOM   481 O  OE1 A GLU A 1 68  ? -12.501 -2.953  -0.545  0.50 37.62 ? 88  GLU A OE1 1 
ATOM   482 O  OE1 B GLU A 1 68  ? -12.449 -3.671  -1.117  0.50 35.87 ? 88  GLU A OE1 1 
ATOM   483 O  OE2 A GLU A 1 68  ? -14.548 -3.725  -0.230  0.50 38.27 ? 88  GLU A OE2 1 
ATOM   484 O  OE2 B GLU A 1 68  ? -11.351 -5.406  -0.298  0.50 33.12 ? 88  GLU A OE2 1 
ATOM   485 N  N   . LEU A 1 69  ? -9.281  -0.739  2.236   1.00 31.24 ? 89  LEU A N   1 
ATOM   486 C  CA  . LEU A 1 69  ? -8.036  -0.335  2.845   1.00 31.04 ? 89  LEU A CA  1 
ATOM   487 C  C   . LEU A 1 69  ? -7.985  1.136   3.253   1.00 32.97 ? 89  LEU A C   1 
ATOM   488 O  O   . LEU A 1 69  ? -7.042  1.549   3.908   1.00 32.95 ? 89  LEU A O   1 
ATOM   489 C  CB  . LEU A 1 69  ? -6.858  -0.638  1.915   1.00 28.21 ? 89  LEU A CB  1 
ATOM   490 C  CG  . LEU A 1 69  ? -6.536  -2.115  1.695   1.00 26.63 ? 89  LEU A CG  1 
ATOM   491 C  CD1 . LEU A 1 69  ? -5.486  -2.229  0.609   1.00 22.51 ? 89  LEU A CD1 1 
ATOM   492 C  CD2 . LEU A 1 69  ? -6.044  -2.862  2.983   1.00 26.15 ? 89  LEU A CD2 1 
ATOM   493 N  N   . THR A 1 70  ? -9.006  1.888   2.901   1.00 35.27 ? 90  THR A N   1 
ATOM   494 C  CA  . THR A 1 70  ? -9.070  3.313   3.217   1.00 38.10 ? 90  THR A CA  1 
ATOM   495 C  C   . THR A 1 70  ? -10.043 3.621   4.388   1.00 38.95 ? 90  THR A C   1 
ATOM   496 O  O   . THR A 1 70  ? -10.512 4.762   4.517   1.00 39.18 ? 90  THR A O   1 
ATOM   497 C  CB  . THR A 1 70  ? -9.534  4.114   1.980   1.00 38.70 ? 90  THR A CB  1 
ATOM   498 O  OG1 . THR A 1 70  ? -10.855 3.684   1.594   1.00 42.81 ? 90  THR A OG1 1 
ATOM   499 C  CG2 . THR A 1 70  ? -8.548  3.936   0.817   1.00 40.29 ? 90  THR A CG2 1 
ATOM   500 N  N   . ALA A 1 71  ? -10.338 2.615   5.212   1.00 39.75 ? 91  ALA A N   1 
ATOM   501 C  CA  . ALA A 1 71  ? -11.067 2.815   6.499   1.00 40.95 ? 91  ALA A CA  1 
ATOM   502 C  C   . ALA A 1 71  ? -10.421 3.936   7.313   1.00 41.47 ? 91  ALA A C   1 
ATOM   503 O  O   . ALA A 1 71  ? -9.198  4.044   7.362   1.00 40.05 ? 91  ALA A O   1 
ATOM   504 C  CB  . ALA A 1 71  ? -11.091 1.500   7.314   1.00 40.96 ? 91  ALA A CB  1 
ATOM   505 N  N   . ASP A 1 72  ? -11.246 4.778   7.925   1.00 43.25 ? 92  ASP A N   1 
ATOM   506 C  CA  . ASP A 1 72  ? -10.758 5.894   8.736   1.00 44.29 ? 92  ASP A CA  1 
ATOM   507 C  C   . ASP A 1 72  ? -10.216 5.419   10.073  1.00 43.24 ? 92  ASP A C   1 
ATOM   508 O  O   . ASP A 1 72  ? -9.324  6.031   10.659  1.00 42.70 ? 92  ASP A O   1 
ATOM   509 C  CB  . ASP A 1 72  ? -11.885 6.913   8.986   1.00 46.66 ? 92  ASP A CB  1 
ATOM   510 C  CG  . ASP A 1 72  ? -11.877 8.084   7.978   1.00 52.02 ? 92  ASP A CG  1 
ATOM   511 O  OD1 . ASP A 1 72  ? -11.041 8.114   7.036   1.00 56.87 ? 92  ASP A OD1 1 
ATOM   512 O  OD2 . ASP A 1 72  ? -12.729 9.000   8.146   1.00 60.72 ? 92  ASP A OD2 1 
ATOM   513 N  N   . THR A 1 73  ? -10.756 4.328   10.583  1.00 42.17 ? 93  THR A N   1 
ATOM   514 C  CA  . THR A 1 73  ? -10.280 3.827   11.843  1.00 41.90 ? 93  THR A CA  1 
ATOM   515 C  C   . THR A 1 73  ? -10.387 2.310   11.821  1.00 40.04 ? 93  THR A C   1 
ATOM   516 O  O   . THR A 1 73  ? -11.099 1.750   10.995  1.00 39.32 ? 93  THR A O   1 
ATOM   517 C  CB  . THR A 1 73  ? -11.109 4.381   13.058  1.00 43.75 ? 93  THR A CB  1 
ATOM   518 O  OG1 . THR A 1 73  ? -12.273 3.561   13.236  1.00 46.27 ? 93  THR A OG1 1 
ATOM   519 C  CG2 . THR A 1 73  ? -11.562 5.882   12.846  1.00 45.54 ? 93  THR A CG2 1 
ATOM   520 N  N   . LEU A 1 74  ? -9.648  1.691   12.731  1.00 38.73 ? 94  LEU A N   1 
ATOM   521 C  CA  . LEU A 1 74  ? -9.663  0.271   12.976  1.00 38.86 ? 94  LEU A CA  1 
ATOM   522 C  C   . LEU A 1 74  ? -9.833  0.004   14.482  1.00 39.35 ? 94  LEU A C   1 
ATOM   523 O  O   . LEU A 1 74  ? -8.912  0.234   15.281  1.00 38.47 ? 94  LEU A O   1 
ATOM   524 C  CB  . LEU A 1 74  ? -8.358  -0.289  12.506  1.00 38.38 ? 94  LEU A CB  1 
ATOM   525 C  CG  . LEU A 1 74  ? -8.317  -1.524  11.642  1.00 39.91 ? 94  LEU A CG  1 
ATOM   526 C  CD1 . LEU A 1 74  ? -9.343  -1.496  10.449  1.00 40.05 ? 94  LEU A CD1 1 
ATOM   527 C  CD2 . LEU A 1 74  ? -6.854  -1.691  11.144  1.00 37.99 ? 94  LEU A CD2 1 
ATOM   528 N  N   . LYS A 1 75  ? -11.022 -0.474  14.861  1.00 40.40 ? 95  LYS A N   1 
ATOM   529 C  CA  . LYS A 1 75  ? -11.309 -0.837  16.248  1.00 41.29 ? 95  LYS A CA  1 
ATOM   530 C  C   . LYS A 1 75  ? -10.465 -2.065  16.640  1.00 41.03 ? 95  LYS A C   1 
ATOM   531 O  O   . LYS A 1 75  ? -9.904  -2.735  15.766  1.00 39.15 ? 95  LYS A O   1 
ATOM   532 C  CB  . LYS A 1 75  ? -12.851 -1.061  16.459  1.00 42.58 ? 95  LYS A CB  1 
ATOM   533 C  CG  . LYS A 1 75  ? -13.694 0.264   16.342  1.00 44.15 ? 95  LYS A CG  1 
ATOM   534 C  CD  . LYS A 1 75  ? -15.143 0.139   16.825  1.00 46.69 ? 95  LYS A CD  1 
ATOM   535 N  N   . PRO A 1 76  ? -10.334 -2.337  17.960  1.00 41.43 ? 96  PRO A N   1 
ATOM   536 C  CA  . PRO A 1 76  ? -9.541  -3.491  18.449  1.00 41.70 ? 96  PRO A CA  1 
ATOM   537 C  C   . PRO A 1 76  ? -9.958  -4.815  17.855  1.00 41.66 ? 96  PRO A C   1 
ATOM   538 O  O   . PRO A 1 76  ? -11.144 -5.121  17.828  1.00 42.23 ? 96  PRO A O   1 
ATOM   539 C  CB  . PRO A 1 76  ? -9.819  -3.498  19.961  1.00 42.26 ? 96  PRO A CB  1 
ATOM   540 C  CG  . PRO A 1 76  ? -10.110 -2.064  20.262  1.00 42.50 ? 96  PRO A CG  1 
ATOM   541 C  CD  . PRO A 1 76  ? -10.874 -1.542  19.086  1.00 42.42 ? 96  PRO A CD  1 
ATOM   542 N  N   . GLY A 1 77  ? -8.993  -5.582  17.361  1.00 40.25 ? 97  GLY A N   1 
ATOM   543 C  CA  . GLY A 1 77  ? -9.289  -6.845  16.705  1.00 39.35 ? 97  GLY A CA  1 
ATOM   544 C  C   . GLY A 1 77  ? -9.792  -6.732  15.278  1.00 38.64 ? 97  GLY A C   1 
ATOM   545 O  O   . GLY A 1 77  ? -9.941  -7.758  14.620  1.00 38.11 ? 97  GLY A O   1 
ATOM   546 N  N   . ALA A 1 78  ? -10.092 -5.515  14.792  1.00 37.00 ? 98  ALA A N   1 
ATOM   547 C  CA  . ALA A 1 78  ? -10.607 -5.348  13.420  1.00 36.44 ? 98  ALA A CA  1 
ATOM   548 C  C   . ALA A 1 78  ? -9.479  -5.573  12.392  1.00 34.46 ? 98  ALA A C   1 
ATOM   549 O  O   . ALA A 1 78  ? -8.286  -5.374  12.683  1.00 33.13 ? 98  ALA A O   1 
ATOM   550 C  CB  . ALA A 1 78  ? -11.274 -3.915  13.215  1.00 36.50 ? 98  ALA A CB  1 
ATOM   551 N  N   . SER A 1 79  ? -9.874  -6.012  11.209  1.00 34.13 ? 99  SER A N   1 
ATOM   552 C  CA  A SER A 1 79  ? -8.944  -6.325  10.127  0.50 33.62 ? 99  SER A CA  1 
ATOM   553 C  CA  B SER A 1 79  ? -8.929  -6.249  10.126  0.50 33.04 ? 99  SER A CA  1 
ATOM   554 C  C   . SER A 1 79  ? -9.596  -5.850  8.806   1.00 33.06 ? 99  SER A C   1 
ATOM   555 O  O   . SER A 1 79  ? -10.799 -6.045  8.618   1.00 30.93 ? 99  SER A O   1 
ATOM   556 C  CB  A SER A 1 79  ? -8.696  -7.847  10.129  0.50 34.52 ? 99  SER A CB  1 
ATOM   557 C  CB  B SER A 1 79  ? -8.571  -7.722  10.077  0.50 33.75 ? 99  SER A CB  1 
ATOM   558 O  OG  A SER A 1 79  ? -7.729  -8.267  9.183   0.50 36.10 ? 99  SER A OG  1 
ATOM   559 O  OG  B SER A 1 79  ? -9.728  -8.436  9.695   0.50 33.29 ? 99  SER A OG  1 
ATOM   560 N  N   . VAL A 1 80  ? -8.830  -5.235  7.905   1.00 29.67 ? 100 VAL A N   1 
ATOM   561 C  CA  . VAL A 1 80  ? -9.323  -4.923  6.589   1.00 29.78 ? 100 VAL A CA  1 
ATOM   562 C  C   . VAL A 1 80  ? -8.302  -5.428  5.562   1.00 29.96 ? 100 VAL A C   1 
ATOM   563 O  O   . VAL A 1 80  ? -7.128  -5.489  5.847   1.00 28.62 ? 100 VAL A O   1 
ATOM   564 C  CB  . VAL A 1 80  ? -9.634  -3.410  6.378   1.00 29.79 ? 100 VAL A CB  1 
ATOM   565 C  CG1 . VAL A 1 80  ? -10.747 -2.951  7.354   1.00 29.90 ? 100 VAL A CG1 1 
ATOM   566 C  CG2 . VAL A 1 80  ? -8.377  -2.556  6.524   1.00 28.98 ? 100 VAL A CG2 1 
ATOM   567 N  N   . GLU A 1 81  ? -8.754  -5.812  4.380   1.00 30.98 ? 101 GLU A N   1 
ATOM   568 C  CA  . GLU A 1 81  ? -7.807  -6.267  3.371   1.00 31.33 ? 101 GLU A CA  1 
ATOM   569 C  C   . GLU A 1 81  ? -8.208  -5.940  1.957   1.00 29.99 ? 101 GLU A C   1 
ATOM   570 O  O   . GLU A 1 81  ? -9.379  -5.755  1.660   1.00 30.65 ? 101 GLU A O   1 
ATOM   571 C  CB  . GLU A 1 81  ? -7.516  -7.767  3.533   1.00 33.12 ? 101 GLU A CB  1 
ATOM   572 C  CG  . GLU A 1 81  ? -8.464  -8.726  2.886   1.00 41.43 ? 101 GLU A CG  1 
ATOM   573 C  CD  . GLU A 1 81  ? -8.379  -10.135 3.504   1.00 51.66 ? 101 GLU A CD  1 
ATOM   574 O  OE1 . GLU A 1 81  ? -7.286  -10.504 4.027   1.00 58.11 ? 101 GLU A OE1 1 
ATOM   575 O  OE2 . GLU A 1 81  ? -9.409  -10.856 3.483   1.00 59.70 ? 101 GLU A OE2 1 
ATOM   576 N  N   . GLY A 1 82  ? -7.228  -5.891  1.077   1.00 26.80 ? 102 GLY A N   1 
ATOM   577 C  CA  . GLY A 1 82  ? -7.489  -5.629  -0.321  1.00 26.25 ? 102 GLY A CA  1 
ATOM   578 C  C   . GLY A 1 82  ? -6.209  -5.448  -1.089  1.00 25.29 ? 102 GLY A C   1 
ATOM   579 O  O   . GLY A 1 82  ? -5.114  -5.582  -0.525  1.00 23.47 ? 102 GLY A O   1 
ATOM   580 N  N   . ASP A 1 83  ? -6.324  -5.138  -2.354  1.00 24.66 ? 103 ASP A N   1 
ATOM   581 C  CA  . ASP A 1 83  ? -5.119  -4.912  -3.176  1.00 25.89 ? 103 ASP A CA  1 
ATOM   582 C  C   . ASP A 1 83  ? -4.732  -3.432  -3.172  1.00 24.12 ? 103 ASP A C   1 
ATOM   583 O  O   . ASP A 1 83  ? -5.573  -2.549  -3.147  1.00 25.15 ? 103 ASP A O   1 
ATOM   584 C  CB  . ASP A 1 83  ? -5.342  -5.371  -4.604  1.00 27.02 ? 103 ASP A CB  1 
ATOM   585 C  CG  . ASP A 1 83  ? -5.437  -6.904  -4.771  1.00 33.51 ? 103 ASP A CG  1 
ATOM   586 O  OD1 . ASP A 1 83  ? -4.873  -7.737  -4.033  1.00 37.37 ? 103 ASP A OD1 1 
ATOM   587 O  OD2 . ASP A 1 83  ? -6.108  -7.291  -5.749  1.00 45.72 ? 103 ASP A OD2 1 
ATOM   588 N  N   . ALA A 1 84  ? -3.438  -3.165  -3.246  1.00 22.25 ? 104 ALA A N   1 
ATOM   589 C  CA  . ALA A 1 84  ? -2.900  -1.834  -3.333  1.00 21.01 ? 104 ALA A CA  1 
ATOM   590 C  C   . ALA A 1 84  ? -1.874  -1.914  -4.471  1.00 21.47 ? 104 ALA A C   1 
ATOM   591 O  O   . ALA A 1 84  ? -1.023  -2.844  -4.462  1.00 22.86 ? 104 ALA A O   1 
ATOM   592 C  CB  . ALA A 1 84  ? -2.211  -1.477  -2.010  1.00 20.56 ? 104 ALA A CB  1 
ATOM   593 N  N   A ILE A 1 85  ? -1.922  -0.965  -5.421  0.50 20.71 ? 105 ILE A N   1 
ATOM   594 N  N   B ILE A 1 85  ? -1.951  -0.996  -5.443  0.50 21.26 ? 105 ILE A N   1 
ATOM   595 C  CA  A ILE A 1 85  ? -1.053  -0.990  -6.613  0.50 19.29 ? 105 ILE A CA  1 
ATOM   596 C  CA  B ILE A 1 85  ? -1.018  -0.996  -6.572  0.50 20.22 ? 105 ILE A CA  1 
ATOM   597 C  C   A ILE A 1 85  ? -0.200  0.282   -6.695  0.50 18.77 ? 105 ILE A C   1 
ATOM   598 C  C   B ILE A 1 85  ? -0.207  0.278   -6.543  0.50 19.40 ? 105 ILE A C   1 
ATOM   599 O  O   A ILE A 1 85  ? -0.721  1.397   -6.838  0.50 19.08 ? 105 ILE A O   1 
ATOM   600 O  O   B ILE A 1 85  ? -0.773  1.387   -6.417  0.50 19.66 ? 105 ILE A O   1 
ATOM   601 C  CB  A ILE A 1 85  ? -1.868  -1.136  -7.911  0.50 19.62 ? 105 ILE A CB  1 
ATOM   602 C  CB  B ILE A 1 85  ? -1.720  -1.067  -7.915  0.50 20.97 ? 105 ILE A CB  1 
ATOM   603 C  CG1 A ILE A 1 85  ? -2.563  -2.509  -7.997  0.50 18.92 ? 105 ILE A CG1 1 
ATOM   604 C  CG1 B ILE A 1 85  ? -3.050  -1.832  -7.808  0.50 22.08 ? 105 ILE A CG1 1 
ATOM   605 C  CG2 A ILE A 1 85  ? -0.961  -0.956  -9.112  0.50 17.66 ? 105 ILE A CG2 1 
ATOM   606 C  CG2 B ILE A 1 85  ? -0.780  -1.677  -8.938  0.50 19.18 ? 105 ILE A CG2 1 
ATOM   607 C  CD1 A ILE A 1 85  ? -3.580  -2.669  -9.180  0.50 16.47 ? 105 ILE A CD1 1 
ATOM   608 C  CD1 B ILE A 1 85  ? -2.918  -3.290  -7.585  0.50 23.35 ? 105 ILE A CD1 1 
ATOM   609 N  N   . PHE A 1 86  ? 1.112   0.103   -6.603  1.00 17.59 ? 106 PHE A N   1 
ATOM   610 C  CA  . PHE A 1 86  ? 2.070   1.187   -6.584  1.00 19.20 ? 106 PHE A CA  1 
ATOM   611 C  C   . PHE A 1 86  ? 2.778   1.328   -7.907  1.00 18.67 ? 106 PHE A C   1 
ATOM   612 O  O   . PHE A 1 86  ? 2.813   0.411   -8.718  1.00 20.72 ? 106 PHE A O   1 
ATOM   613 C  CB  . PHE A 1 86  ? 3.075   0.982   -5.453  1.00 18.24 ? 106 PHE A CB  1 
ATOM   614 C  CG  . PHE A 1 86  ? 2.448   0.878   -4.107  1.00 20.31 ? 106 PHE A CG  1 
ATOM   615 C  CD1 . PHE A 1 86  ? 1.933   -0.354  -3.637  1.00 19.42 ? 106 PHE A CD1 1 
ATOM   616 C  CD2 . PHE A 1 86  ? 2.383   1.999   -3.274  1.00 20.89 ? 106 PHE A CD2 1 
ATOM   617 C  CE1 . PHE A 1 86  ? 1.316   -0.447  -2.383  1.00 21.77 ? 106 PHE A CE1 1 
ATOM   618 C  CE2 . PHE A 1 86  ? 1.741   1.890   -1.991  1.00 20.64 ? 106 PHE A CE2 1 
ATOM   619 C  CZ  . PHE A 1 86  ? 1.245   0.660   -1.563  1.00 20.21 ? 106 PHE A CZ  1 
ATOM   620 N  N   . ALA A 1 87  ? 3.325   2.517   -8.178  1.00 19.60 ? 107 ALA A N   1 
ATOM   621 C  CA  . ALA A 1 87  ? 3.847   2.844   -9.497  1.00 19.46 ? 107 ALA A CA  1 
ATOM   622 C  C   . ALA A 1 87  ? 5.187   3.567   -9.468  1.00 20.45 ? 107 ALA A C   1 
ATOM   623 O  O   . ALA A 1 87  ? 5.498   4.285   -8.534  1.00 22.90 ? 107 ALA A O   1 
ATOM   624 C  CB  . ALA A 1 87  ? 2.847   3.692   -10.285 1.00 19.11 ? 107 ALA A CB  1 
ATOM   625 N  N   . SER A 1 88  ? 5.902   3.396   -10.561 1.00 21.52 ? 108 SER A N   1 
ATOM   626 C  CA  . SER A 1 88  ? 7.041   4.218   -10.944 1.00 22.79 ? 108 SER A CA  1 
ATOM   627 C  C   . SER A 1 88  ? 7.045   4.452   -12.459 1.00 23.46 ? 108 SER A C   1 
ATOM   628 O  O   . SER A 1 88  ? 6.542   3.634   -13.262 1.00 21.00 ? 108 SER A O   1 
ATOM   629 C  CB  . SER A 1 88  ? 8.351   3.581   -10.476 1.00 21.73 ? 108 SER A CB  1 
ATOM   630 O  OG  . SER A 1 88  ? 8.610   2.295   -11.043 1.00 21.98 ? 108 SER A OG  1 
ATOM   631 N  N   . GLU A 1 89  ? 7.728   5.518   -12.870 1.00 25.25 ? 109 GLU A N   1 
ATOM   632 C  CA  . GLU A 1 89  ? 7.780   5.811   -14.302 1.00 26.09 ? 109 GLU A CA  1 
ATOM   633 C  C   . GLU A 1 89  ? 8.673   4.784   -14.979 1.00 24.52 ? 109 GLU A C   1 
ATOM   634 O  O   . GLU A 1 89  ? 8.347   4.255   -16.051 1.00 24.07 ? 109 GLU A O   1 
ATOM   635 C  CB  . GLU A 1 89  ? 8.304   7.237   -14.536 1.00 27.95 ? 109 GLU A CB  1 
ATOM   636 C  CG  . GLU A 1 89  ? 7.309   8.307   -14.163 1.00 30.69 ? 109 GLU A CG  1 
ATOM   637 C  CD  . GLU A 1 89  ? 7.811   9.722   -14.496 1.00 38.10 ? 109 GLU A CD  1 
ATOM   638 O  OE1 . GLU A 1 89  ? 7.722   10.130  -15.679 1.00 34.48 ? 109 GLU A OE1 1 
ATOM   639 O  OE2 . GLU A 1 89  ? 8.264   10.412  -13.553 1.00 40.57 ? 109 GLU A OE2 1 
ATOM   640 N  N   . ASP A 1 90  ? 9.800   4.515   -14.341 1.00 24.12 ? 110 ASP A N   1 
ATOM   641 C  CA  . ASP A 1 90  ? 10.689  3.463   -14.773 1.00 26.30 ? 110 ASP A CA  1 
ATOM   642 C  C   . ASP A 1 90  ? 10.371  2.106   -14.080 1.00 24.50 ? 110 ASP A C   1 
ATOM   643 O  O   . ASP A 1 90  ? 9.260   1.910   -13.604 1.00 24.25 ? 110 ASP A O   1 
ATOM   644 C  CB  . ASP A 1 90  ? 12.132  3.926   -14.574 1.00 26.82 ? 110 ASP A CB  1 
ATOM   645 C  CG  . ASP A 1 90  ? 12.497  4.063   -13.105 1.00 30.86 ? 110 ASP A CG  1 
ATOM   646 O  OD1 . ASP A 1 90  ? 11.664  3.695   -12.229 1.00 28.71 ? 110 ASP A OD1 1 
ATOM   647 O  OD2 . ASP A 1 90  ? 13.626  4.534   -12.847 1.00 38.88 ? 110 ASP A OD2 1 
ATOM   648 N  N   . ASP A 1 91  ? 11.350  1.201   -14.024 1.00 25.44 ? 111 ASP A N   1 
ATOM   649 C  CA  A ASP A 1 91  ? 11.031  -0.102  -13.428 0.50 25.96 ? 111 ASP A CA  1 
ATOM   650 C  CA  B ASP A 1 91  ? 11.250  -0.149  -13.468 0.50 25.97 ? 111 ASP A CA  1 
ATOM   651 C  C   . ASP A 1 91  ? 11.488  -0.215  -11.949 1.00 25.42 ? 111 ASP A C   1 
ATOM   652 O  O   . ASP A 1 91  ? 11.479  -1.314  -11.374 1.00 24.79 ? 111 ASP A O   1 
ATOM   653 C  CB  A ASP A 1 91  ? 11.444  -1.293  -14.327 0.50 26.68 ? 111 ASP A CB  1 
ATOM   654 C  CB  B ASP A 1 91  ? 12.314  -1.074  -14.120 0.50 26.53 ? 111 ASP A CB  1 
ATOM   655 C  CG  A ASP A 1 91  ? 12.930  -1.444  -14.483 0.50 28.38 ? 111 ASP A CG  1 
ATOM   656 C  CG  B ASP A 1 91  ? 11.945  -1.513  -15.535 0.50 28.23 ? 111 ASP A CG  1 
ATOM   657 O  OD1 A ASP A 1 91  ? 13.659  -0.615  -13.925 0.50 30.97 ? 111 ASP A OD1 1 
ATOM   658 O  OD1 B ASP A 1 91  ? 10.817  -1.235  -15.948 0.50 29.02 ? 111 ASP A OD1 1 
ATOM   659 O  OD2 A ASP A 1 91  ? 13.368  -2.393  -15.184 0.50 26.27 ? 111 ASP A OD2 1 
ATOM   660 O  OD2 B ASP A 1 91  ? 12.783  -2.124  -16.251 0.50 35.01 ? 111 ASP A OD2 1 
ATOM   661 N  N   . ALA A 1 92  ? 11.771  0.930   -11.301 1.00 24.98 ? 112 ALA A N   1 
ATOM   662 C  CA  . ALA A 1 92  ? 12.184  0.910   -9.870  1.00 23.92 ? 112 ALA A CA  1 
ATOM   663 C  C   . ALA A 1 92  ? 11.160  0.242   -8.916  1.00 23.87 ? 112 ALA A C   1 
ATOM   664 O  O   . ALA A 1 92  ? 11.544  -0.427  -7.951  1.00 24.45 ? 112 ALA A O   1 
ATOM   665 C  CB  . ALA A 1 92  ? 12.533  2.271   -9.405  1.00 22.59 ? 112 ALA A CB  1 
ATOM   666 N  N   . VAL A 1 93  ? 9.872   0.402   -9.187  1.00 22.38 ? 113 VAL A N   1 
ATOM   667 C  CA  . VAL A 1 93  ? 8.818   -0.114  -8.307  1.00 22.22 ? 113 VAL A CA  1 
ATOM   668 C  C   . VAL A 1 93  ? 8.903   -1.651  -8.176  1.00 22.71 ? 113 VAL A C   1 
ATOM   669 O  O   . VAL A 1 93  ? 8.346   -2.229  -7.254  1.00 22.16 ? 113 VAL A O   1 
ATOM   670 C  CB  . VAL A 1 93  ? 7.378   0.334   -8.761  1.00 20.66 ? 113 VAL A CB  1 
ATOM   671 C  CG1 . VAL A 1 93  ? 6.915   -0.413  -10.048 1.00 21.83 ? 113 VAL A CG1 1 
ATOM   672 C  CG2 . VAL A 1 93  ? 6.333   0.109   -7.665  1.00 20.02 ? 113 VAL A CG2 1 
ATOM   673 N  N   . TYR A 1 94  ? 9.567   -2.311  -9.113  1.00 24.42 ? 114 TYR A N   1 
ATOM   674 C  CA  . TYR A 1 94  ? 9.662   -3.756  -9.044  1.00 25.59 ? 114 TYR A CA  1 
ATOM   675 C  C   . TYR A 1 94  ? 10.517  -4.192  -7.897  1.00 27.40 ? 114 TYR A C   1 
ATOM   676 O  O   . TYR A 1 94  ? 10.445  -5.359  -7.499  1.00 29.59 ? 114 TYR A O   1 
ATOM   677 C  CB  . TYR A 1 94  ? 10.107  -4.403  -10.394 1.00 26.83 ? 114 TYR A CB  1 
ATOM   678 C  CG  . TYR A 1 94  ? 9.093   -4.227  -11.543 1.00 26.86 ? 114 TYR A CG  1 
ATOM   679 C  CD1 . TYR A 1 94  ? 7.746   -3.939  -11.336 1.00 26.92 ? 114 TYR A CD1 1 
ATOM   680 C  CD2 . TYR A 1 94  ? 9.485   -4.404  -12.832 1.00 31.99 ? 114 TYR A CD2 1 
ATOM   681 C  CE1 . TYR A 1 94  ? 6.839   -3.795  -12.417 1.00 27.38 ? 114 TYR A CE1 1 
ATOM   682 C  CE2 . TYR A 1 94  ? 8.580   -4.285  -13.909 1.00 35.56 ? 114 TYR A CE2 1 
ATOM   683 C  CZ  . TYR A 1 94  ? 7.264   -3.951  -13.707 1.00 33.42 ? 114 TYR A CZ  1 
ATOM   684 O  OH  . TYR A 1 94  ? 6.414   -3.870  -14.835 1.00 35.21 ? 114 TYR A OH  1 
ATOM   685 N  N   . GLY A 1 95  ? 11.340  -3.289  -7.379  1.00 26.94 ? 115 GLY A N   1 
ATOM   686 C  CA  . GLY A 1 95  ? 12.099  -3.533  -6.133  1.00 28.01 ? 115 GLY A CA  1 
ATOM   687 C  C   . GLY A 1 95  ? 11.427  -3.120  -4.813  1.00 25.85 ? 115 GLY A C   1 
ATOM   688 O  O   . GLY A 1 95  ? 12.032  -3.218  -3.713  1.00 26.99 ? 115 GLY A O   1 
ATOM   689 N  N   . ALA A 1 96  ? 10.172  -2.708  -4.897  1.00 24.26 ? 116 ALA A N   1 
ATOM   690 C  CA  . ALA A 1 96  ? 9.411   -2.389  -3.702  1.00 23.11 ? 116 ALA A CA  1 
ATOM   691 C  C   . ALA A 1 96  ? 9.189   -3.740  -3.015  1.00 24.36 ? 116 ALA A C   1 
ATOM   692 O  O   . ALA A 1 96  ? 8.679   -4.665  -3.617  1.00 25.32 ? 116 ALA A O   1 
ATOM   693 C  CB  . ALA A 1 96  ? 8.102   -1.706  -4.042  1.00 21.57 ? 116 ALA A CB  1 
ATOM   694 N  N   . SER A 1 97  ? 9.576   -3.827  -1.742  1.00 22.29 ? 117 SER A N   1 
ATOM   695 C  CA  . SER A 1 97  ? 9.516   -5.059  -0.981  1.00 22.57 ? 117 SER A CA  1 
ATOM   696 C  C   . SER A 1 97  ? 8.815   -4.950  0.359   1.00 22.28 ? 117 SER A C   1 
ATOM   697 O  O   . SER A 1 97  ? 8.746   -5.956  1.088   1.00 22.94 ? 117 SER A O   1 
ATOM   698 C  CB  . SER A 1 97  ? 10.938  -5.597  -0.750  1.00 22.38 ? 117 SER A CB  1 
ATOM   699 O  OG  . SER A 1 97  ? 11.725  -4.656  -0.084  1.00 21.94 ? 117 SER A OG  1 
ATOM   700 N  N   . LEU A 1 98  ? 8.245   -3.797  0.660   1.00 20.64 ? 118 LEU A N   1 
ATOM   701 C  CA  . LEU A 1 98  ? 7.639   -3.519  1.944   1.00 20.94 ? 118 LEU A CA  1 
ATOM   702 C  C   . LEU A 1 98  ? 6.472   -2.581  1.737   1.00 21.70 ? 118 LEU A C   1 
ATOM   703 O  O   . LEU A 1 98  ? 6.609   -1.599  1.024   1.00 24.05 ? 118 LEU A O   1 
ATOM   704 C  CB  . LEU A 1 98  ? 8.631   -2.828  2.832   1.00 21.18 ? 118 LEU A CB  1 
ATOM   705 C  CG  . LEU A 1 98  ? 8.072   -2.312  4.199   1.00 21.17 ? 118 LEU A CG  1 
ATOM   706 C  CD1 . LEU A 1 98  ? 7.655   -3.505  5.087   1.00 17.82 ? 118 LEU A CD1 1 
ATOM   707 C  CD2 . LEU A 1 98  ? 9.117   -1.399  4.829   1.00 24.71 ? 118 LEU A CD2 1 
ATOM   708 N  N   . VAL A 1 99  ? 5.331   -2.898  2.331   1.00 20.49 ? 119 VAL A N   1 
ATOM   709 C  CA  . VAL A 1 99  ? 4.251   -1.946  2.466   1.00 19.35 ? 119 VAL A CA  1 
ATOM   710 C  C   . VAL A 1 99  ? 4.131   -1.576  3.961   1.00 19.04 ? 119 VAL A C   1 
ATOM   711 O  O   . VAL A 1 99  ? 4.150   -2.467  4.856   1.00 19.27 ? 119 VAL A O   1 
ATOM   712 C  CB  . VAL A 1 99  ? 2.894   -2.482  1.895   1.00 19.97 ? 119 VAL A CB  1 
ATOM   713 C  CG1 . VAL A 1 99  ? 1.782   -1.439  2.091   1.00 18.78 ? 119 VAL A CG1 1 
ATOM   714 C  CG2 . VAL A 1 99  ? 3.068   -2.885  0.398   1.00 19.47 ? 119 VAL A CG2 1 
ATOM   715 N  N   . ARG A 1 100 ? 4.026   -0.279  4.227   1.00 19.16 ? 120 ARG A N   1 
ATOM   716 C  CA  . ARG A 1 100 ? 3.968   0.266   5.596   1.00 21.06 ? 120 ARG A CA  1 
ATOM   717 C  C   . ARG A 1 100 ? 3.055   1.460   5.645   1.00 20.26 ? 120 ARG A C   1 
ATOM   718 O  O   . ARG A 1 100 ? 2.717   2.044   4.615   1.00 20.04 ? 120 ARG A O   1 
ATOM   719 C  CB  . ARG A 1 100 ? 5.372   0.630   6.094   1.00 20.11 ? 120 ARG A CB  1 
ATOM   720 C  CG  . ARG A 1 100 ? 6.094   1.573   5.139   1.00 24.36 ? 120 ARG A CG  1 
ATOM   721 C  CD  . ARG A 1 100 ? 7.382   2.123   5.723   1.00 28.04 ? 120 ARG A CD  1 
ATOM   722 N  NE  . ARG A 1 100 ? 7.011   3.302   6.455   1.00 32.46 ? 120 ARG A NE  1 
ATOM   723 C  CZ  . ARG A 1 100 ? 7.068   4.570   6.018   1.00 30.65 ? 120 ARG A CZ  1 
ATOM   724 N  NH1 . ARG A 1 100 ? 7.628   4.929   4.897   1.00 28.66 ? 120 ARG A NH1 1 
ATOM   725 N  NH2 . ARG A 1 100 ? 6.638   5.506   6.830   1.00 31.23 ? 120 ARG A NH2 1 
ATOM   726 N  N   . LEU A 1 101 ? 2.650   1.819   6.856   1.00 21.82 ? 121 LEU A N   1 
ATOM   727 C  CA  . LEU A 1 101 ? 1.832   3.018   7.088   1.00 22.79 ? 121 LEU A CA  1 
ATOM   728 C  C   . LEU A 1 101 ? 2.703   4.236   7.385   1.00 22.93 ? 121 LEU A C   1 
ATOM   729 O  O   . LEU A 1 101 ? 3.586   4.189   8.240   1.00 24.47 ? 121 LEU A O   1 
ATOM   730 C  CB  . LEU A 1 101 ? 0.887   2.811   8.257   1.00 22.77 ? 121 LEU A CB  1 
ATOM   731 C  CG  . LEU A 1 101 ? -0.324  1.953   7.895   1.00 25.87 ? 121 LEU A CG  1 
ATOM   732 C  CD1 . LEU A 1 101 ? -1.053  1.392   9.122   1.00 30.04 ? 121 LEU A CD1 1 
ATOM   733 C  CD2 . LEU A 1 101 ? -1.265  2.713   6.985   1.00 26.27 ? 121 LEU A CD2 1 
ATOM   734 N  N   . SER A 1 102 ? 2.454   5.332   6.694   1.00 23.55 ? 122 SER A N   1 
ATOM   735 C  CA  . SER A 1 102 ? 3.104   6.613   7.005   1.00 23.41 ? 122 SER A CA  1 
ATOM   736 C  C   . SER A 1 102 ? 2.058   7.557   7.564   1.00 26.11 ? 122 SER A C   1 
ATOM   737 O  O   . SER A 1 102 ? 0.849   7.451   7.236   1.00 24.75 ? 122 SER A O   1 
ATOM   738 C  CB  . SER A 1 102 ? 3.746   7.226   5.749   1.00 25.77 ? 122 SER A CB  1 
ATOM   739 O  OG  . SER A 1 102 ? 4.248   8.554   5.962   1.00 26.45 ? 122 SER A OG  1 
ATOM   740 N  N   . ASP A 1 103 ? 2.496   8.462   8.433   1.00 26.38 ? 123 ASP A N   1 
ATOM   741 C  CA  . ASP A 1 103 ? 1.617   9.545   8.849   1.00 28.88 ? 123 ASP A CA  1 
ATOM   742 C  C   . ASP A 1 103 ? 1.954   10.867  8.195   1.00 31.18 ? 123 ASP A C   1 
ATOM   743 O  O   . ASP A 1 103 ? 1.504   11.904  8.668   1.00 33.38 ? 123 ASP A O   1 
ATOM   744 C  CB  . ASP A 1 103 ? 1.621   9.688   10.368  1.00 28.45 ? 123 ASP A CB  1 
ATOM   745 C  CG  . ASP A 1 103 ? 2.936   10.289  10.914  1.00 26.45 ? 123 ASP A CG  1 
ATOM   746 O  OD1 . ASP A 1 103 ? 3.943   10.341  10.169  1.00 26.07 ? 123 ASP A OD1 1 
ATOM   747 O  OD2 . ASP A 1 103 ? 2.908   10.661  12.115  1.00 26.91 ? 123 ASP A OD2 1 
ATOM   748 N  N   . ARG A 1 104 ? 2.758   10.850  7.157   1.00 33.77 ? 124 ARG A N   1 
ATOM   749 C  CA  . ARG A 1 104 ? 3.125   12.060  6.424   1.00 37.46 ? 124 ARG A CA  1 
ATOM   750 C  C   . ARG A 1 104 ? 2.309   12.025  5.114   1.00 38.91 ? 124 ARG A C   1 
ATOM   751 O  O   . ARG A 1 104 ? 2.821   11.596  4.085   1.00 38.40 ? 124 ARG A O   1 
ATOM   752 C  CB  . ARG A 1 104 ? 4.649   12.096  6.179   1.00 37.17 ? 124 ARG A CB  1 
ATOM   753 C  CG  . ARG A 1 104 ? 5.449   11.985  7.510   1.00 41.09 ? 124 ARG A CG  1 
ATOM   754 C  CD  . ARG A 1 104 ? 6.893   12.540  7.487   1.00 45.78 ? 124 ARG A CD  1 
ATOM   755 N  NE  . ARG A 1 104 ? 7.552   12.212  6.231   1.00 48.87 ? 124 ARG A NE  1 
ATOM   756 C  CZ  . ARG A 1 104 ? 8.202   13.061  5.438   1.00 50.77 ? 124 ARG A CZ  1 
ATOM   757 N  NH1 . ARG A 1 104 ? 8.388   14.339  5.752   1.00 52.66 ? 124 ARG A NH1 1 
ATOM   758 N  NH2 . ARG A 1 104 ? 8.707   12.602  4.314   1.00 52.21 ? 124 ARG A NH2 1 
ATOM   759 N  N   . CYS A 1 105 ? 1.013   12.370  5.208   1.00 42.12 ? 125 CYS A N   1 
ATOM   760 C  CA  . CYS A 1 105 ? 0.043   12.308  4.075   1.00 44.32 ? 125 CYS A CA  1 
ATOM   761 C  C   . CYS A 1 105 ? -0.656  13.664  3.899   1.00 46.41 ? 125 CYS A C   1 
ATOM   762 O  O   . CYS A 1 105 ? -0.880  14.041  2.749   1.00 49.31 ? 125 CYS A O   1 
ATOM   763 C  CB  . CYS A 1 105 ? -1.008  11.212  4.283   1.00 43.90 ? 125 CYS A CB  1 
ATOM   764 S  SG  . CYS A 1 105 ? -0.257  9.697   4.999   1.00 46.14 ? 125 CYS A SG  1 
HETATM 765 P  P   . PO4 B 2 .   ? 7.695   8.652   5.082   0.50 37.76 ? 127 PO4 A P   1 
HETATM 766 O  O1  . PO4 B 2 .   ? 7.329   7.616   4.062   0.50 32.93 ? 127 PO4 A O1  1 
HETATM 767 O  O2  . PO4 B 2 .   ? 9.178   8.792   5.130   0.50 34.69 ? 127 PO4 A O2  1 
HETATM 768 O  O3  . PO4 B 2 .   ? 7.119   8.438   6.466   0.50 31.15 ? 127 PO4 A O3  1 
HETATM 769 O  O4  . PO4 B 2 .   ? 7.166   9.985   4.591   0.50 44.32 ? 127 PO4 A O4  1 
HETATM 770 O  O   . HOH C 3 .   ? 3.677   0.352   9.138   1.00 20.71 ? 128 HOH A O   1 
HETATM 771 O  O   . HOH C 3 .   ? 0.317   5.808   -18.337 1.00 25.33 ? 129 HOH A O   1 
HETATM 772 O  O   . HOH C 3 .   ? 1.006   -1.101  -20.616 1.00 20.75 ? 130 HOH A O   1 
HETATM 773 O  O   . HOH C 3 .   ? 0.589   -4.614  -11.326 1.00 24.98 ? 131 HOH A O   1 
HETATM 774 O  O   . HOH C 3 .   ? 17.701  5.967   2.381   1.00 23.68 ? 132 HOH A O   1 
HETATM 775 O  O   . HOH C 3 .   ? -2.461  7.137   -12.720 1.00 37.28 ? 133 HOH A O   1 
HETATM 776 O  O   . HOH C 3 .   ? 3.962   -4.749  -18.152 1.00 29.88 ? 134 HOH A O   1 
HETATM 777 O  O   . HOH C 3 .   ? 6.549   6.625   -7.627  1.00 25.19 ? 135 HOH A O   1 
HETATM 778 O  O   . HOH C 3 .   ? -3.415  4.575   1.679   1.00 33.18 ? 136 HOH A O   1 
HETATM 779 O  O   . HOH C 3 .   ? -12.849 -6.770  11.075  1.00 36.46 ? 137 HOH A O   1 
HETATM 780 O  O   . HOH C 3 .   ? -1.842  -9.058  -7.884  1.00 27.17 ? 138 HOH A O   1 
HETATM 781 O  O   . HOH C 3 .   ? 3.281   4.855   -27.061 1.00 27.63 ? 139 HOH A O   1 
HETATM 782 O  O   . HOH C 3 .   ? -5.449  5.867   5.096   1.00 55.44 ? 140 HOH A O   1 
HETATM 783 O  O   . HOH C 3 .   ? -0.749  2.673   13.268  1.00 31.35 ? 141 HOH A O   1 
HETATM 784 O  O   . HOH C 3 .   ? 7.236   8.727   -20.604 0.50 19.00 ? 142 HOH A O   1 
HETATM 785 O  O   . HOH C 3 .   ? -3.153  0.917   -10.372 1.00 36.78 ? 143 HOH A O   1 
HETATM 786 O  O   . HOH C 3 .   ? 10.851  6.566   -6.341  1.00 49.08 ? 144 HOH A O   1 
HETATM 787 O  O   . HOH C 3 .   ? -12.629 -0.718  -4.038  1.00 44.45 ? 145 HOH A O   1 
HETATM 788 O  O   . HOH C 3 .   ? 2.657   5.314   10.843  1.00 25.36 ? 146 HOH A O   1 
HETATM 789 O  O   . HOH C 3 .   ? -0.403  10.923  -22.674 1.00 26.35 ? 147 HOH A O   1 
HETATM 790 O  O   . HOH C 3 .   ? 13.885  -0.233  -6.554  1.00 45.94 ? 148 HOH A O   1 
HETATM 791 O  O   . HOH C 3 .   ? -0.031  6.734   -0.173  1.00 36.75 ? 149 HOH A O   1 
HETATM 792 O  O   . HOH C 3 .   ? -11.541 -6.554  4.168   1.00 29.09 ? 150 HOH A O   1 
HETATM 793 O  O   . HOH C 3 .   ? 1.919   11.966  -22.947 1.00 28.29 ? 151 HOH A O   1 
HETATM 794 O  O   . HOH C 3 .   ? 11.643  6.940   2.260   1.00 39.36 ? 152 HOH A O   1 
HETATM 795 O  O   . HOH C 3 .   ? -0.660  8.380   -7.220  1.00 36.75 ? 153 HOH A O   1 
HETATM 796 O  O   . HOH C 3 .   ? -13.040 -1.049  12.772  1.00 35.20 ? 154 HOH A O   1 
HETATM 797 O  O   . HOH C 3 .   ? 8.653   5.946   -18.264 1.00 27.53 ? 155 HOH A O   1 
HETATM 798 O  O   . HOH C 3 .   ? -1.922  -5.133  -11.212 1.00 40.12 ? 156 HOH A O   1 
HETATM 799 O  O   . HOH C 3 .   ? 8.832   7.278   -10.869 1.00 35.44 ? 157 HOH A O   1 
HETATM 800 O  O   . HOH C 3 .   ? -1.090  -2.385  -14.488 1.00 47.15 ? 158 HOH A O   1 
HETATM 801 O  O   . HOH C 3 .   ? 8.703   12.337  -16.704 1.00 36.62 ? 159 HOH A O   1 
HETATM 802 O  O   . HOH C 3 .   ? -1.990  -8.414  -5.207  1.00 33.97 ? 160 HOH A O   1 
HETATM 803 O  O   . HOH C 3 .   ? 1.002   7.854   -2.956  1.00 41.19 ? 161 HOH A O   1 
HETATM 804 O  O   . HOH C 3 .   ? 4.693   -13.239 -3.992  1.00 29.79 ? 162 HOH A O   1 
HETATM 805 O  O   . HOH C 3 .   ? -1.646  -3.559  16.241  1.00 38.67 ? 163 HOH A O   1 
HETATM 806 O  O   . HOH C 3 .   ? -6.091  -1.467  -6.601  1.00 44.67 ? 164 HOH A O   1 
HETATM 807 O  O   . HOH C 3 .   ? 17.487  5.232   -1.406  1.00 40.41 ? 165 HOH A O   1 
HETATM 808 O  O   . HOH C 3 .   ? 15.812  1.562   -4.045  1.00 43.62 ? 166 HOH A O   1 
HETATM 809 O  O   . HOH C 3 .   ? 11.014  -7.108  -4.573  1.00 40.43 ? 167 HOH A O   1 
HETATM 810 O  O   . HOH C 3 .   ? 11.849  5.570   -10.120 1.00 37.37 ? 168 HOH A O   1 
HETATM 811 O  O   . HOH C 3 .   ? -12.124 -7.819  1.778   1.00 36.66 ? 169 HOH A O   1 
HETATM 812 O  O   . HOH C 3 .   ? -6.892  3.182   6.130   1.00 50.95 ? 170 HOH A O   1 
HETATM 813 O  O   . HOH C 3 .   ? -2.012  7.206   -17.364 1.00 28.92 ? 171 HOH A O   1 
HETATM 814 O  O   . HOH C 3 .   ? 14.560  1.401   -14.425 1.00 40.38 ? 172 HOH A O   1 
HETATM 815 O  O   . HOH C 3 .   ? -3.982  -6.318  -8.160  1.00 45.98 ? 173 HOH A O   1 
HETATM 816 O  O   . HOH C 3 .   ? -12.998 -5.511  8.130   0.50 37.44 ? 174 HOH A O   1 
HETATM 817 O  O   . HOH C 3 .   ? -3.170  9.378   -18.168 1.00 41.89 ? 175 HOH A O   1 
HETATM 818 O  O   . HOH C 3 .   ? -0.594  9.076   -13.541 1.00 44.23 ? 176 HOH A O   1 
HETATM 819 O  O   . HOH C 3 .   ? -3.616  5.918   -15.325 1.00 37.55 ? 177 HOH A O   1 
HETATM 820 O  O   . HOH C 3 .   ? -0.632  -10.441 -3.872  1.00 32.94 ? 178 HOH A O   1 
HETATM 821 O  O   . HOH C 3 .   ? -3.715  8.937   11.280  1.00 51.14 ? 179 HOH A O   1 
HETATM 822 O  O   . HOH C 3 .   ? 17.014  -1.687  -1.730  1.00 34.78 ? 180 HOH A O   1 
HETATM 823 O  O   . HOH C 3 .   ? -3.782  3.006   -13.514 1.00 42.46 ? 181 HOH A O   1 
HETATM 824 O  O   . HOH C 3 .   ? -8.616  -5.920  -5.810  1.00 53.28 ? 182 HOH A O   1 
HETATM 825 O  O   . HOH C 3 .   ? -6.738  -3.845  -7.820  1.00 44.26 ? 183 HOH A O   1 
HETATM 826 O  O   . HOH C 3 .   ? -12.879 -1.138  5.311   1.00 39.19 ? 184 HOH A O   1 
HETATM 827 O  O   . HOH C 3 .   ? -8.864  -9.275  6.467   1.00 49.69 ? 185 HOH A O   1 
HETATM 828 O  O   . HOH C 3 .   ? 13.558  -6.746  -4.136  1.00 37.82 ? 186 HOH A O   1 
HETATM 829 O  O   . HOH C 3 .   ? 2.296   0.480   11.573  1.00 20.65 ? 187 HOH A O   1 
HETATM 830 O  O   . HOH C 3 .   ? 6.768   -11.602 -6.173  1.00 45.00 ? 188 HOH A O   1 
HETATM 831 O  O   . HOH C 3 .   ? 5.393   -10.784 -8.490  1.00 48.46 ? 189 HOH A O   1 
HETATM 832 O  O   . HOH C 3 .   ? -0.831  4.328   15.608  1.00 43.05 ? 190 HOH A O   1 
HETATM 833 O  O   . HOH C 3 .   ? -2.927  7.469   14.461  1.00 49.98 ? 191 HOH A O   1 
HETATM 834 O  O   . HOH C 3 .   ? -7.976  3.845   -6.037  1.00 38.84 ? 192 HOH A O   1 
HETATM 835 O  O   . HOH C 3 .   ? -8.683  -1.022  -6.758  1.00 48.54 ? 193 HOH A O   1 
HETATM 836 O  O   . HOH C 3 .   ? -10.911 -6.349  -2.320  1.00 50.38 ? 194 HOH A O   1 
HETATM 837 O  O   . HOH C 3 .   ? -7.810  6.356   6.064   1.00 55.54 ? 195 HOH A O   1 
HETATM 838 O  O   . HOH C 3 .   ? -12.496 -0.868  9.986   1.00 51.93 ? 196 HOH A O   1 
HETATM 839 O  O   . HOH C 3 .   ? -13.699 -3.772  18.650  1.00 49.63 ? 197 HOH A O   1 
HETATM 840 O  O   . HOH C 3 .   ? 0.917   10.233  13.863  1.00 47.20 ? 198 HOH A O   1 
HETATM 841 O  O   . HOH C 3 .   ? -0.867  13.439  7.046   1.00 45.63 ? 199 HOH A O   1 
HETATM 842 O  O   . HOH C 3 .   ? 5.921   8.046   -10.191 1.00 43.70 ? 200 HOH A O   1 
HETATM 843 O  O   . HOH C 3 .   ? 4.561   6.848   -11.928 1.00 40.24 ? 201 HOH A O   1 
HETATM 844 O  O   . HOH C 3 .   ? 16.306  9.024   0.657   1.00 40.68 ? 202 HOH A O   1 
HETATM 845 O  O   . HOH C 3 .   ? 15.930  7.185   -1.749  1.00 51.54 ? 203 HOH A O   1 
HETATM 846 O  O   . HOH C 3 .   ? -4.852  3.644   3.731   1.00 53.50 ? 204 HOH A O   1 
# 
loop_
_atom_site_anisotrop.id 
_atom_site_anisotrop.type_symbol 
_atom_site_anisotrop.pdbx_label_atom_id 
_atom_site_anisotrop.pdbx_label_alt_id 
_atom_site_anisotrop.pdbx_label_comp_id 
_atom_site_anisotrop.pdbx_label_asym_id 
_atom_site_anisotrop.pdbx_label_seq_id 
_atom_site_anisotrop.pdbx_PDB_ins_code 
_atom_site_anisotrop.U[1][1] 
_atom_site_anisotrop.U[2][2] 
_atom_site_anisotrop.U[3][3] 
_atom_site_anisotrop.U[1][2] 
_atom_site_anisotrop.U[1][3] 
_atom_site_anisotrop.U[2][3] 
_atom_site_anisotrop.pdbx_auth_seq_id 
_atom_site_anisotrop.pdbx_auth_comp_id 
_atom_site_anisotrop.pdbx_auth_asym_id 
_atom_site_anisotrop.pdbx_auth_atom_id 
1   N  N   . ASP A 5   ? 0.5545 0.6431 0.5500 -0.0787 -0.0072 -0.0321 25  ASP A N   
2   C  CA  . ASP A 5   ? 0.5386 0.6362 0.5396 -0.0710 -0.0024 -0.0370 25  ASP A CA  
3   C  C   . ASP A 5   ? 0.5088 0.5967 0.5119 -0.0592 -0.0003 -0.0355 25  ASP A C   
4   O  O   . ASP A 5   ? 0.5277 0.6161 0.5343 -0.0515 0.0034  -0.0385 25  ASP A O   
5   C  CB  . ASP A 5   ? 0.5402 0.6418 0.5460 -0.0711 0.0013  -0.0407 25  ASP A CB  
6   N  N   . ALA A 6   ? 0.4642 0.5426 0.4634 -0.0580 -0.0030 -0.0311 26  ALA A N   
7   C  CA  . ALA A 6   ? 0.4090 0.4802 0.4091 -0.0485 -0.0015 -0.0298 26  ALA A CA  
8   C  C   . ALA A 6   ? 0.3839 0.4552 0.3775 -0.0505 -0.0049 -0.0278 26  ALA A C   
9   O  O   . ALA A 6   ? 0.3757 0.4449 0.3621 -0.0586 -0.0091 -0.0256 26  ALA A O   
10  C  CB  . ALA A 6   ? 0.3938 0.4514 0.3954 -0.0444 -0.0007 -0.0262 26  ALA A CB  
11  N  N   . VAL A 7   ? 0.3538 0.4257 0.3482 -0.0437 -0.0034 -0.0283 27  VAL A N   
12  C  CA  . VAL A 7   ? 0.3378 0.4094 0.3255 -0.0453 -0.0060 -0.0263 27  VAL A CA  
13  C  C   . VAL A 7   ? 0.3285 0.3822 0.3111 -0.0443 -0.0083 -0.0213 27  VAL A C   
14  O  O   . VAL A 7   ? 0.3271 0.3717 0.3141 -0.0379 -0.0063 -0.0200 27  VAL A O   
15  C  CB  . VAL A 7   ? 0.3428 0.4210 0.3332 -0.0379 -0.0036 -0.0283 27  VAL A CB  
16  C  CG1 . VAL A 7   ? 0.3262 0.4013 0.3098 -0.0391 -0.0058 -0.0253 27  VAL A CG1 
17  C  CG2 . VAL A 7   ? 0.3250 0.4235 0.3184 -0.0389 -0.0025 -0.0335 27  VAL A CG2 
18  N  N   . MSE A 8   ? 0.3086 0.3580 0.2807 -0.0509 -0.0126 -0.0189 28  MSE A N   
19  C  CA  . MSE A 8   ? 0.3157 0.3479 0.2807 -0.0489 -0.0152 -0.0149 28  MSE A CA  
20  C  C   . MSE A 8   ? 0.3129 0.3405 0.2759 -0.0433 -0.0140 -0.0136 28  MSE A C   
21  O  O   . MSE A 8   ? 0.3146 0.3503 0.2740 -0.0462 -0.0143 -0.0144 28  MSE A O   
22  C  CB  . MSE A 8   ? 0.3360 0.3607 0.2870 -0.0585 -0.0211 -0.0127 28  MSE A CB  
23  C  CG  . MSE A 8   ? 0.3907 0.4173 0.3427 -0.0641 -0.0228 -0.0131 28  MSE A CG  
24  SE SE  . MSE A 8   ? 0.4761 0.4865 0.4058 -0.0757 -0.0319 -0.0096 28  MSE A SE  
25  C  CE  . MSE A 8   ? 0.4521 0.4405 0.3803 -0.0626 -0.0329 -0.0059 28  MSE A CE  
26  N  N   . VAL A 9   ? 0.2891 0.3049 0.2542 -0.0357 -0.0130 -0.0117 29  VAL A N   
27  C  CA  . VAL A 9   ? 0.2776 0.2881 0.2417 -0.0298 -0.0114 -0.0105 29  VAL A CA  
28  C  C   . VAL A 9   ? 0.2805 0.2745 0.2336 -0.0290 -0.0147 -0.0073 29  VAL A C   
29  O  O   . VAL A 9   ? 0.3064 0.2928 0.2609 -0.0248 -0.0152 -0.0064 29  VAL A O   
30  C  CB  . VAL A 9   ? 0.2521 0.2637 0.2275 -0.0211 -0.0067 -0.0115 29  VAL A CB  
31  C  CG1 . VAL A 9   ? 0.2461 0.2541 0.2202 -0.0166 -0.0053 -0.0106 29  VAL A CG1 
32  C  CG2 . VAL A 9   ? 0.2690 0.2930 0.2529 -0.0209 -0.0039 -0.0150 29  VAL A CG2 
33  N  N   . PHE A 10  ? 0.2829 0.2717 0.2243 -0.0333 -0.0172 -0.0057 30  PHE A N   
34  C  CA  . PHE A 10  ? 0.3147 0.2855 0.2424 -0.0325 -0.0206 -0.0029 30  PHE A CA  
35  C  C   . PHE A 10  ? 0.3227 0.2912 0.2518 -0.0273 -0.0178 -0.0024 30  PHE A C   
36  O  O   . PHE A 10  ? 0.3455 0.3241 0.2764 -0.0301 -0.0162 -0.0029 30  PHE A O   
37  C  CB  . PHE A 10  ? 0.3480 0.3125 0.2580 -0.0434 -0.0260 -0.0015 30  PHE A CB  
38  C  CG  . PHE A 10  ? 0.3588 0.3241 0.2653 -0.0501 -0.0296 -0.0018 30  PHE A CG  
39  C  CD1 . PHE A 10  ? 0.4315 0.3796 0.3285 -0.0485 -0.0340 -0.0001 30  PHE A CD1 
40  C  CD2 . PHE A 10  ? 0.3832 0.3663 0.2954 -0.0574 -0.0287 -0.0040 30  PHE A CD2 
41  C  CE1 . PHE A 10  ? 0.4518 0.4002 0.3454 -0.0548 -0.0377 -0.0001 30  PHE A CE1 
42  C  CE2 . PHE A 10  ? 0.4397 0.4240 0.3487 -0.0645 -0.0319 -0.0045 30  PHE A CE2 
43  C  CZ  . PHE A 10  ? 0.4625 0.4289 0.3621 -0.0636 -0.0366 -0.0023 30  PHE A CZ  
44  N  N   . ALA A 11  ? 0.3152 0.2725 0.2440 -0.0196 -0.0171 -0.0013 31  ALA A N   
45  C  CA  . ALA A 11  ? 0.3156 0.2694 0.2449 -0.0148 -0.0145 -0.0007 31  ALA A CA  
46  C  C   . ALA A 11  ? 0.3489 0.2843 0.2648 -0.0118 -0.0171 0.0010  31  ALA A C   
47  O  O   . ALA A 11  ? 0.3570 0.2836 0.2683 -0.0087 -0.0200 0.0011  31  ALA A O   
48  C  CB  . ALA A 11  ? 0.2925 0.2541 0.2371 -0.0074 -0.0097 -0.0022 31  ALA A CB  
49  N  N   . ARG A 12  ? 0.3497 0.2794 0.2582 -0.0129 -0.0168 0.0022  32  ARG A N   
50  C  CA  A ARG A 12  ? 0.3789 0.2904 0.2740 -0.0093 -0.0186 0.0034  32  ARG A CA  
51  C  CA  B ARG A 12  ? 0.3702 0.2813 0.2646 -0.0096 -0.0186 0.0036  32  ARG A CA  
52  C  C   . ARG A 12  ? 0.3662 0.2803 0.2684 -0.0043 -0.0142 0.0033  32  ARG A C   
53  O  O   . ARG A 12  ? 0.3411 0.2640 0.2472 -0.0082 -0.0120 0.0038  32  ARG A O   
54  C  CB  A ARG A 12  ? 0.4103 0.3089 0.2840 -0.0187 -0.0232 0.0058  32  ARG A CB  
55  C  CB  B ARG A 12  ? 0.3927 0.2925 0.2667 -0.0193 -0.0226 0.0059  32  ARG A CB  
56  C  CG  A ARG A 12  ? 0.4797 0.3538 0.3340 -0.0155 -0.0270 0.0069  32  ARG A CG  
57  C  CG  B ARG A 12  ? 0.4148 0.2932 0.2716 -0.0167 -0.0242 0.0074  32  ARG A CG  
58  C  CD  A ARG A 12  ? 0.5567 0.4166 0.3877 -0.0260 -0.0309 0.0095  32  ARG A CD  
59  C  CD  B ARG A 12  ? 0.4751 0.3496 0.3185 -0.0258 -0.0246 0.0097  32  ARG A CD  
60  N  NE  A ARG A 12  ? 0.5831 0.4586 0.4155 -0.0380 -0.0308 0.0104  32  ARG A NE  
61  N  NE  B ARG A 12  ? 0.5299 0.4000 0.3560 -0.0385 -0.0294 0.0116  32  ARG A NE  
62  C  CZ  A ARG A 12  ? 0.6279 0.5046 0.4516 -0.0475 -0.0349 0.0108  32  ARG A CZ  
63  C  CZ  B ARG A 12  ? 0.5828 0.4613 0.4030 -0.0491 -0.0292 0.0133  32  ARG A CZ  
64  N  NH1 A ARG A 12  ? 0.6605 0.5212 0.4729 -0.0467 -0.0399 0.0110  32  ARG A NH1 
65  N  NH1 B ARG A 12  ? 0.5929 0.4840 0.4241 -0.0475 -0.0247 0.0135  32  ARG A NH1 
66  N  NH2 A ARG A 12  ? 0.6370 0.5320 0.4634 -0.0576 -0.0342 0.0109  32  ARG A NH2 
67  N  NH2 B ARG A 12  ? 0.6070 0.4822 0.4097 -0.0619 -0.0339 0.0148  32  ARG A NH2 
68  N  N   . GLN A 13  ? 0.3590 0.2668 0.2627 0.0045  -0.0131 0.0023  33  GLN A N   
69  C  CA  . GLN A 13  ? 0.3595 0.2693 0.2690 0.0090  -0.0091 0.0019  33  GLN A CA  
70  C  C   . GLN A 13  ? 0.3745 0.2737 0.2704 0.0045  -0.0098 0.0039  33  GLN A C   
71  O  O   . GLN A 13  ? 0.3903 0.2728 0.2681 0.0025  -0.0136 0.0051  33  GLN A O   
72  C  CB  . GLN A 13  ? 0.3757 0.2813 0.2865 0.0186  -0.0083 0.0001  33  GLN A CB  
73  C  CG  . GLN A 13  ? 0.4044 0.3251 0.3316 0.0228  -0.0056 -0.0018 33  GLN A CG  
74  C  CD  . GLN A 13  ? 0.4700 0.3911 0.3990 0.0321  -0.0049 -0.0039 33  GLN A CD  
75  O  OE1 . GLN A 13  ? 0.5052 0.4183 0.4271 0.0365  -0.0045 -0.0044 33  GLN A OE1 
76  N  NE2 . GLN A 13  ? 0.5387 0.4705 0.4769 0.0351  -0.0045 -0.0052 33  GLN A NE2 
77  N  N   . GLY A 14  ? 0.3440 0.2519 0.2469 0.0023  -0.0065 0.0045  34  GLY A N   
78  C  CA  . GLY A 14  ? 0.3613 0.2621 0.2534 -0.0025 -0.0066 0.0066  34  GLY A CA  
79  C  C   . GLY A 14  ? 0.3550 0.2544 0.2513 0.0022  -0.0031 0.0061  34  GLY A C   
80  O  O   . GLY A 14  ? 0.3498 0.2474 0.2507 0.0099  -0.0017 0.0041  34  GLY A O   
81  N  N   . ASP A 15  ? 0.3555 0.2577 0.2506 -0.0025 -0.0017 0.0080  35  ASP A N   
82  C  CA  . ASP A 15  ? 0.3732 0.2730 0.2701 0.0000  0.0013  0.0080  35  ASP A CA  
83  C  C   . ASP A 15  ? 0.3508 0.2616 0.2643 0.0055  0.0046  0.0060  35  ASP A C   
84  O  O   . ASP A 15  ? 0.3296 0.2522 0.2544 0.0053  0.0052  0.0053  35  ASP A O   
85  C  CB  . ASP A 15  ? 0.3821 0.2846 0.2750 -0.0071 0.0018  0.0109  35  ASP A CB  
86  C  CG  . ASP A 15  ? 0.4513 0.3406 0.3237 -0.0145 -0.0013 0.0134  35  ASP A CG  
87  O  OD1 . ASP A 15  ? 0.5334 0.4057 0.3922 -0.0123 -0.0031 0.0128  35  ASP A OD1 
88  O  OD2 . ASP A 15  ? 0.5065 0.4029 0.3757 -0.0220 -0.0017 0.0159  35  ASP A OD2 
89  N  N   . LYS A 16  ? 0.3449 0.2511 0.2579 0.0094  0.0068  0.0048  36  LYS A N   
90  C  CA  . LYS A 16  ? 0.3572 0.2725 0.2826 0.0125  0.0098  0.0031  36  LYS A CA  
91  C  C   . LYS A 16  ? 0.3600 0.2747 0.2843 0.0084  0.0116  0.0048  36  LYS A C   
92  O  O   . LYS A 16  ? 0.3475 0.2524 0.2604 0.0058  0.0113  0.0064  36  LYS A O   
93  C  CB  . LYS A 16  ? 0.3721 0.2857 0.2973 0.0192  0.0110  0.0001  36  LYS A CB  
94  C  CG  . LYS A 16  ? 0.4167 0.3318 0.3431 0.0244  0.0092  -0.0018 36  LYS A CG  
95  C  CD  . LYS A 16  ? 0.4936 0.4078 0.4180 0.0322  0.0099  -0.0048 36  LYS A CD  
96  C  CE  . LYS A 16  ? 0.5617 0.4802 0.4889 0.0386  0.0082  -0.0068 36  LYS A CE  
97  N  NZ  . LYS A 16  ? 0.5542 0.4705 0.4802 0.0360  0.0049  -0.0053 36  LYS A NZ  
98  N  N   . GLY A 17  ? 0.3485 0.2720 0.2832 0.0077  0.0132  0.0047  37  GLY A N   
99  C  CA  . GLY A 17  ? 0.3507 0.2742 0.2849 0.0037  0.0141  0.0069  37  GLY A CA  
100 C  C   . GLY A 17  ? 0.3387 0.2682 0.2817 0.0039  0.0156  0.0060  37  GLY A C   
101 O  O   . GLY A 17  ? 0.3184 0.2521 0.2671 0.0066  0.0165  0.0036  37  GLY A O   
102 N  N   . SER A 18  ? 0.3158 0.2451 0.2584 0.0005  0.0155  0.0082  38  SER A N   
103 C  CA  . SER A 18  ? 0.3098 0.2414 0.2574 -0.0003 0.0160  0.0078  38  SER A CA  
104 C  C   . SER A 18  ? 0.3032 0.2353 0.2503 -0.0024 0.0143  0.0107  38  SER A C   
105 O  O   . SER A 18  ? 0.3031 0.2352 0.2457 -0.0043 0.0136  0.0130  38  SER A O   
106 C  CB  . SER A 18  ? 0.3068 0.2362 0.2532 -0.0021 0.0181  0.0068  38  SER A CB  
107 O  OG  . SER A 18  ? 0.3013 0.2253 0.2410 -0.0053 0.0187  0.0087  38  SER A OG  
108 N  N   . VAL A 19  ? 0.2908 0.2231 0.2413 -0.0018 0.0135  0.0103  39  VAL A N   
109 C  CA  . VAL A 19  ? 0.3083 0.2400 0.2578 -0.0023 0.0114  0.0127  39  VAL A CA  
110 C  C   . VAL A 19  ? 0.3138 0.2391 0.2617 -0.0048 0.0112  0.0126  39  VAL A C   
111 O  O   . VAL A 19  ? 0.3260 0.2495 0.2750 -0.0047 0.0115  0.0104  39  VAL A O   
112 C  CB  . VAL A 19  ? 0.3001 0.2369 0.2531 0.0026  0.0090  0.0121  39  VAL A CB  
113 C  CG1 . VAL A 19  ? 0.3118 0.2484 0.2630 0.0040  0.0064  0.0142  39  VAL A CG1 
114 C  CG2 . VAL A 19  ? 0.3081 0.2526 0.2621 0.0036  0.0091  0.0119  39  VAL A CG2 
115 N  N   . SER A 20  ? 0.3106 0.2324 0.2545 -0.0082 0.0105  0.0153  40  SER A N   
116 C  CA  . SER A 20  ? 0.3198 0.2349 0.2604 -0.0120 0.0097  0.0157  40  SER A CA  
117 C  C   . SER A 20  ? 0.3289 0.2404 0.2663 -0.0115 0.0063  0.0188  40  SER A C   
118 O  O   . SER A 20  ? 0.3379 0.2539 0.2750 -0.0113 0.0060  0.0213  40  SER A O   
119 C  CB  . SER A 20  ? 0.3111 0.2248 0.2491 -0.0179 0.0125  0.0155  40  SER A CB  
120 O  OG  . SER A 20  ? 0.3229 0.2306 0.2569 -0.0232 0.0116  0.0159  40  SER A OG  
121 N  N   . VAL A 21  ? 0.3389 0.2421 0.2726 -0.0113 0.0034  0.0187  41  VAL A N   
122 C  CA  A VAL A 21  ? 0.3379 0.2352 0.2669 -0.0098 -0.0007 0.0212  41  VAL A CA  
123 C  CA  B VAL A 21  ? 0.3320 0.2294 0.2609 -0.0104 -0.0005 0.0215  41  VAL A CA  
124 C  C   . VAL A 21  ? 0.3452 0.2293 0.2662 -0.0157 -0.0025 0.0213  41  VAL A C   
125 O  O   . VAL A 21  ? 0.3625 0.2400 0.2802 -0.0152 -0.0038 0.0193  41  VAL A O   
126 C  CB  A VAL A 21  ? 0.3378 0.2352 0.2674 -0.0006 -0.0041 0.0203  41  VAL A CB  
127 C  CB  B VAL A 21  ? 0.3300 0.2311 0.2603 -0.0012 -0.0039 0.0217  41  VAL A CB  
128 C  CG1 A VAL A 21  ? 0.3403 0.2325 0.2645 0.0031  -0.0088 0.0229  41  VAL A CG1 
129 C  CG1 B VAL A 21  ? 0.3220 0.2177 0.2514 0.0037  -0.0052 0.0186  41  VAL A CG1 
130 C  CG2 A VAL A 21  ? 0.3403 0.2518 0.2775 0.0042  -0.0021 0.0191  41  VAL A CG2 
131 C  CG2 B VAL A 21  ? 0.3140 0.2111 0.2394 0.0007  -0.0081 0.0250  41  VAL A CG2 
132 N  N   . GLY A 22  ? 0.3446 0.2252 0.2615 -0.0223 -0.0027 0.0237  42  GLY A N   
133 C  CA  . GLY A 22  ? 0.3573 0.2262 0.2654 -0.0302 -0.0044 0.0237  42  GLY A CA  
134 C  C   . GLY A 22  ? 0.3468 0.2203 0.2572 -0.0348 -0.0004 0.0202  42  GLY A C   
135 O  O   . GLY A 22  ? 0.3514 0.2357 0.2683 -0.0353 0.0040  0.0190  42  GLY A O   
136 N  N   . ASP A 23  ? 0.3388 0.2051 0.2431 -0.0376 -0.0022 0.0184  43  ASP A N   
137 C  CA  . ASP A 23  ? 0.3390 0.2131 0.2457 -0.0421 0.0016  0.0150  43  ASP A CA  
138 C  C   . ASP A 23  ? 0.3513 0.2291 0.2623 -0.0357 0.0022  0.0127  43  ASP A C   
139 O  O   . ASP A 23  ? 0.3557 0.2385 0.2670 -0.0394 0.0041  0.0101  43  ASP A O   
140 C  CB  . ASP A 23  ? 0.3576 0.2258 0.2542 -0.0538 0.0006  0.0143  43  ASP A CB  
141 C  CG  . ASP A 23  ? 0.3996 0.2505 0.2831 -0.0562 -0.0049 0.0153  43  ASP A CG  
142 O  OD1 . ASP A 23  ? 0.4060 0.2505 0.2887 -0.0481 -0.0072 0.0151  43  ASP A OD1 
143 O  OD2 . ASP A 23  ? 0.4224 0.2647 0.2941 -0.0674 -0.0072 0.0159  43  ASP A OD2 
144 N  N   . LYS A 24  ? 0.3242 0.2013 0.2390 -0.0266 0.0006  0.0136  44  LYS A N   
145 C  CA  . LYS A 24  ? 0.3460 0.2273 0.2655 -0.0204 0.0012  0.0114  44  LYS A CA  
146 C  C   . LYS A 24  ? 0.3212 0.2169 0.2515 -0.0167 0.0053  0.0107  44  LYS A C   
147 O  O   . LYS A 24  ? 0.3297 0.2291 0.2635 -0.0128 0.0052  0.0124  44  LYS A O   
148 C  CB  . LYS A 24  ? 0.3484 0.2221 0.2651 -0.0123 -0.0028 0.0122  44  LYS A CB  
149 C  CG  . LYS A 24  ? 0.3975 0.2762 0.3193 -0.0057 -0.0020 0.0097  44  LYS A CG  
150 C  CD  . LYS A 24  ? 0.4735 0.3463 0.3925 0.0036  -0.0060 0.0100  44  LYS A CD  
151 C  CE  . LYS A 24  ? 0.5255 0.4033 0.4491 0.0097  -0.0053 0.0072  44  LYS A CE  
152 N  NZ  . LYS A 24  ? 0.5297 0.4249 0.4653 0.0108  -0.0015 0.0067  44  LYS A NZ  
153 N  N   . HIS A 25  ? 0.3340 0.2375 0.2684 -0.0180 0.0083  0.0080  45  HIS A N   
154 C  CA  . HIS A 25  ? 0.3298 0.2443 0.2719 -0.0147 0.0115  0.0072  45  HIS A CA  
155 C  C   . HIS A 25  ? 0.3436 0.2637 0.2907 -0.0102 0.0122  0.0051  45  HIS A C   
156 O  O   . HIS A 25  ? 0.3580 0.2771 0.3034 -0.0119 0.0119  0.0035  45  HIS A O   
157 C  CB  . HIS A 25  ? 0.3325 0.2530 0.2750 -0.0195 0.0148  0.0056  45  HIS A CB  
158 C  CG  . HIS A 25  ? 0.3222 0.2380 0.2588 -0.0265 0.0144  0.0068  45  HIS A CG  
159 N  ND1 . HIS A 25  ? 0.3222 0.2329 0.2565 -0.0271 0.0134  0.0097  45  HIS A ND1 
160 C  CD2 . HIS A 25  ? 0.3451 0.2621 0.2775 -0.0341 0.0152  0.0054  45  HIS A CD2 
161 C  CE1 . HIS A 25  ? 0.3336 0.2412 0.2628 -0.0346 0.0134  0.0101  45  HIS A CE1 
162 N  NE2 . HIS A 25  ? 0.3023 0.2135 0.2298 -0.0392 0.0143  0.0075  45  HIS A NE2 
163 N  N   . PHE A 26  ? 0.3254 0.2511 0.2773 -0.0055 0.0131  0.0052  46  PHE A N   
164 C  CA  . PHE A 26  ? 0.3208 0.2528 0.2775 -0.0023 0.0141  0.0031  46  PHE A CA  
165 C  C   . PHE A 26  ? 0.3094 0.2463 0.2685 0.0002  0.0156  0.0031  46  PHE A C   
166 O  O   . PHE A 26  ? 0.3170 0.2519 0.2736 0.0000  0.0154  0.0049  46  PHE A O   
167 C  CB  . PHE A 26  ? 0.3220 0.2526 0.2797 0.0011  0.0121  0.0026  46  PHE A CB  
168 C  CG  . PHE A 26  ? 0.3139 0.2447 0.2723 0.0052  0.0102  0.0041  46  PHE A CG  
169 C  CD1 . PHE A 26  ? 0.3033 0.2412 0.2653 0.0079  0.0106  0.0040  46  PHE A CD1 
170 C  CD2 . PHE A 26  ? 0.3229 0.2475 0.2774 0.0065  0.0077  0.0054  46  PHE A CD2 
171 C  CE1 . PHE A 26  ? 0.2975 0.2391 0.2599 0.0105  0.0089  0.0052  46  PHE A CE1 
172 C  CE2 . PHE A 26  ? 0.3203 0.2488 0.2759 0.0109  0.0058  0.0064  46  PHE A CE2 
173 C  CZ  . PHE A 26  ? 0.3351 0.2734 0.2950 0.0124  0.0067  0.0063  46  PHE A CZ  
174 N  N   . ARG A 27  ? 0.2905 0.2330 0.2529 0.0024  0.0167  0.0010  47  ARG A N   
175 C  CA  . ARG A 27  ? 0.3064 0.2509 0.2689 0.0054  0.0172  0.0007  47  ARG A CA  
176 C  C   . ARG A 27  ? 0.2951 0.2411 0.2596 0.0080  0.0154  0.0009  47  ARG A C   
177 O  O   . ARG A 27  ? 0.3005 0.2484 0.2681 0.0084  0.0147  0.0002  47  ARG A O   
178 C  CB  . ARG A 27  ? 0.2938 0.2439 0.2579 0.0071  0.0188  -0.0020 47  ARG A CB  
179 C  CG  . ARG A 27  ? 0.3109 0.2619 0.2724 0.0056  0.0208  -0.0029 47  ARG A CG  
180 C  CD  . ARG A 27  ? 0.3181 0.2699 0.2790 -0.0001 0.0214  -0.0030 47  ARG A CD  
181 N  NE  . ARG A 27  ? 0.3200 0.2754 0.2790 -0.0018 0.0235  -0.0045 47  ARG A NE  
182 C  CZ  . ARG A 27  ? 0.3484 0.3060 0.3056 -0.0080 0.0243  -0.0050 47  ARG A CZ  
183 N  NH1 . ARG A 27  ? 0.2920 0.2462 0.2477 -0.0130 0.0227  -0.0038 47  ARG A NH1 
184 N  NH2 . ARG A 27  ? 0.3194 0.2817 0.2749 -0.0094 0.0264  -0.0068 47  ARG A NH2 
185 N  N   . THR A 28  ? 0.2944 0.2388 0.2555 0.0088  0.0147  0.0019  48  THR A N   
186 C  CA  . THR A 28  ? 0.2929 0.2399 0.2547 0.0096  0.0129  0.0021  48  THR A CA  
187 C  C   . THR A 28  ? 0.2874 0.2327 0.2457 0.0111  0.0123  0.0015  48  THR A C   
188 O  O   . THR A 28  ? 0.2901 0.2297 0.2427 0.0117  0.0126  0.0017  48  THR A O   
189 C  CB  . THR A 28  ? 0.2935 0.2410 0.2520 0.0076  0.0114  0.0045  48  THR A CB  
190 O  OG1 . THR A 28  ? 0.3228 0.2647 0.2738 0.0051  0.0116  0.0062  48  THR A OG1 
191 C  CG2 . THR A 28  ? 0.2871 0.2358 0.2483 0.0078  0.0111  0.0051  48  THR A CG2 
192 N  N   . GLN A 29  ? 0.2823 0.2315 0.2433 0.0119  0.0110  0.0007  49  GLN A N   
193 C  CA  . GLN A 29  ? 0.2958 0.2423 0.2522 0.0126  0.0091  0.0005  49  GLN A CA  
194 C  C   . GLN A 29  ? 0.2712 0.2212 0.2265 0.0094  0.0071  0.0013  49  GLN A C   
195 O  O   . GLN A 29  ? 0.2682 0.2257 0.2304 0.0097  0.0072  0.0003  49  GLN A O   
196 C  CB  . GLN A 29  ? 0.3085 0.2586 0.2699 0.0159  0.0097  -0.0016 49  GLN A CB  
197 C  CG  . GLN A 29  ? 0.3453 0.2920 0.3015 0.0173  0.0071  -0.0019 49  GLN A CG  
198 C  CD  . GLN A 29  ? 0.3501 0.2860 0.2955 0.0193  0.0058  -0.0015 49  GLN A CD  
199 O  OE1 . GLN A 29  ? 0.3869 0.3219 0.3323 0.0238  0.0072  -0.0028 49  GLN A OE1 
200 N  NE2 . GLN A 29  ? 0.3578 0.2854 0.2928 0.0157  0.0033  0.0003  49  GLN A NE2 
201 N  N   . ALA A 30  ? 0.2788 0.2236 0.2242 0.0060  0.0052  0.0030  50  ALA A N   
202 C  CA  . ALA A 30  ? 0.2699 0.2197 0.2122 0.0015  0.0029  0.0037  50  ALA A CA  
203 C  C   . ALA A 30  ? 0.2781 0.2246 0.2162 0.0008  0.0004  0.0030  50  ALA A C   
204 O  O   . ALA A 30  ? 0.2804 0.2169 0.2126 0.0034  -0.0003 0.0029  50  ALA A O   
205 C  CB  . ALA A 30  ? 0.2933 0.2406 0.2249 -0.0042 0.0017  0.0064  50  ALA A CB  
206 N  N   . PHE A 31  ? 0.2840 0.2394 0.2247 -0.0023 -0.0008 0.0024  51  PHE A N   
207 C  CA  . PHE A 31  ? 0.2876 0.2407 0.2226 -0.0053 -0.0038 0.0021  51  PHE A CA  
208 C  C   . PHE A 31  ? 0.3124 0.2730 0.2413 -0.0133 -0.0061 0.0029  51  PHE A C   
209 O  O   . PHE A 31  ? 0.3234 0.2971 0.2590 -0.0139 -0.0046 0.0023  51  PHE A O   
210 C  CB  . PHE A 31  ? 0.2775 0.2379 0.2234 -0.0024 -0.0029 -0.0002 51  PHE A CB  
211 C  CG  . PHE A 31  ? 0.2861 0.2436 0.2387 0.0041  -0.0009 -0.0012 51  PHE A CG  
212 C  CD1 . PHE A 31  ? 0.2834 0.2452 0.2444 0.0073  0.0023  -0.0019 51  PHE A CD1 
213 C  CD2 . PHE A 31  ? 0.2895 0.2407 0.2387 0.0067  -0.0025 -0.0014 51  PHE A CD2 
214 C  CE1 . PHE A 31  ? 0.2897 0.2512 0.2558 0.0116  0.0043  -0.0029 51  PHE A CE1 
215 C  CE2 . PHE A 31  ? 0.3269 0.2796 0.2827 0.0124  -0.0005 -0.0026 51  PHE A CE2 
216 C  CZ  . PHE A 31  ? 0.2831 0.2415 0.2470 0.0142  0.0030  -0.0033 51  PHE A CZ  
217 N  N   . LYS A 32  ? 0.3233 0.2763 0.2389 -0.0194 -0.0097 0.0040  52  LYS A N   
218 C  CA  . LYS A 32  ? 0.3293 0.2923 0.2395 -0.0283 -0.0121 0.0041  52  LYS A CA  
219 C  C   . LYS A 32  ? 0.3108 0.2805 0.2286 -0.0277 -0.0126 0.0018  52  LYS A C   
220 O  O   . LYS A 32  ? 0.3346 0.2935 0.2491 -0.0261 -0.0145 0.0019  52  LYS A O   
221 C  CB  . LYS A 32  ? 0.3445 0.2946 0.2332 -0.0375 -0.0163 0.0067  52  LYS A CB  
222 C  CG  . LYS A 32  ? 0.4281 0.3926 0.3098 -0.0491 -0.0186 0.0072  52  LYS A CG  
223 N  N   . VAL A 33  ? 0.3139 0.3019 0.2413 -0.0289 -0.0111 -0.0001 53  VAL A N   
224 C  CA  . VAL A 33  ? 0.2983 0.2949 0.2346 -0.0282 -0.0109 -0.0027 53  VAL A CA  
225 C  C   . VAL A 33  ? 0.3264 0.3355 0.2572 -0.0377 -0.0134 -0.0036 53  VAL A C   
226 O  O   . VAL A 33  ? 0.3242 0.3463 0.2531 -0.0418 -0.0132 -0.0037 53  VAL A O   
227 C  CB  . VAL A 33  ? 0.2835 0.2899 0.2356 -0.0203 -0.0068 -0.0052 53  VAL A CB  
228 C  CG1 . VAL A 33  ? 0.2807 0.2944 0.2409 -0.0198 -0.0063 -0.0080 53  VAL A CG1 
229 C  CG2 . VAL A 33  ? 0.2824 0.2771 0.2386 -0.0125 -0.0044 -0.0043 53  VAL A CG2 
230 N  N   . ARG A 34  ? 0.3179 0.3253 0.2468 -0.0416 -0.0155 -0.0044 54  ARG A N   
231 C  CA  . ARG A 34  ? 0.3337 0.3552 0.2592 -0.0509 -0.0177 -0.0059 54  ARG A CA  
232 C  C   . ARG A 34  ? 0.3123 0.3425 0.2500 -0.0481 -0.0160 -0.0090 54  ARG A C   
233 O  O   . ARG A 34  ? 0.3144 0.3333 0.2543 -0.0448 -0.0163 -0.0086 54  ARG A O   
234 C  CB  . ARG A 34  ? 0.3654 0.3738 0.2715 -0.0617 -0.0231 -0.0034 54  ARG A CB  
235 C  CG  . ARG A 34  ? 0.4403 0.4633 0.3401 -0.0743 -0.0260 -0.0048 54  ARG A CG  
236 C  CD  . ARG A 34  ? 0.5564 0.5642 0.4313 -0.0873 -0.0323 -0.0015 54  ARG A CD  
237 N  NE  . ARG A 34  ? 0.6388 0.6222 0.5053 -0.0855 -0.0359 0.0003  54  ARG A NE  
238 N  N   . LEU A 35  ? 0.3132 0.3640 0.2587 -0.0489 -0.0142 -0.0124 55  LEU A N   
239 C  CA  . LEU A 35  ? 0.3048 0.3648 0.2602 -0.0475 -0.0126 -0.0158 55  LEU A CA  
240 C  C   . LEU A 35  ? 0.3377 0.4090 0.2861 -0.0595 -0.0158 -0.0172 55  LEU A C   
241 O  O   . LEU A 35  ? 0.3252 0.4102 0.2673 -0.0665 -0.0172 -0.0177 55  LEU A O   
242 C  CB  . LEU A 35  ? 0.3083 0.3819 0.2761 -0.0385 -0.0085 -0.0193 55  LEU A CB  
243 C  CG  . LEU A 35  ? 0.2817 0.3453 0.2550 -0.0279 -0.0058 -0.0182 55  LEU A CG  
244 C  CD1 . LEU A 35  ? 0.3127 0.3886 0.2951 -0.0198 -0.0028 -0.0221 55  LEU A CD1 
245 C  CD2 . LEU A 35  ? 0.2940 0.3406 0.2699 -0.0240 -0.0049 -0.0166 55  LEU A CD2 
246 N  N   . VAL A 36  ? 0.3487 0.4156 0.2976 -0.0627 -0.0170 -0.0176 56  VAL A N   
247 C  CA  . VAL A 36  ? 0.3768 0.4516 0.3173 -0.0756 -0.0207 -0.0184 56  VAL A CA  
248 C  C   . VAL A 36  ? 0.3776 0.4621 0.3285 -0.0751 -0.0188 -0.0220 56  VAL A C   
249 O  O   . VAL A 36  ? 0.3544 0.4280 0.3119 -0.0688 -0.0173 -0.0214 56  VAL A O   
250 C  CB  . VAL A 36  ? 0.3878 0.4415 0.3126 -0.0830 -0.0262 -0.0143 56  VAL A CB  
251 C  CG1 . VAL A 36  ? 0.4411 0.5030 0.3553 -0.0982 -0.0305 -0.0151 56  VAL A CG1 
252 C  CG2 . VAL A 36  ? 0.4209 0.4610 0.3333 -0.0834 -0.0283 -0.0107 56  VAL A CG2 
253 N  N   . ASN A 37  ? 0.3974 0.5034 0.3492 -0.0819 -0.0186 -0.0258 57  ASN A N   
254 C  CA  . ASN A 37  ? 0.4050 0.5211 0.3648 -0.0833 -0.0171 -0.0296 57  ASN A CA  
255 C  C   . ASN A 37  ? 0.4316 0.5443 0.3800 -0.0976 -0.0221 -0.0281 57  ASN A C   
256 O  O   . ASN A 37  ? 0.4426 0.5683 0.3819 -0.1090 -0.0249 -0.0291 57  ASN A O   
257 C  CB  . ASN A 37  ? 0.4004 0.5434 0.3684 -0.0809 -0.0138 -0.0355 57  ASN A CB  
258 C  CG  . ASN A 37  ? 0.4052 0.5568 0.3808 -0.0811 -0.0116 -0.0399 57  ASN A CG  
259 O  OD1 . ASN A 37  ? 0.4318 0.5720 0.4060 -0.0860 -0.0132 -0.0380 57  ASN A OD1 
260 N  ND2 . ASN A 37  ? 0.4343 0.6062 0.4179 -0.0753 -0.0083 -0.0457 57  ASN A ND2 
261 N  N   . ALA A 38  ? 0.4595 0.5546 0.4072 -0.0973 -0.0237 -0.0254 58  ALA A N   
262 C  CA  . ALA A 38  ? 0.4969 0.5846 0.4324 -0.1102 -0.0293 -0.0234 58  ALA A CA  
263 C  C   . ALA A 38  ? 0.5172 0.6159 0.4605 -0.1145 -0.0280 -0.0267 58  ALA A C   
264 O  O   . ALA A 38  ? 0.5316 0.6221 0.4672 -0.1234 -0.0322 -0.0248 58  ALA A O   
265 C  CB  . ALA A 38  ? 0.4991 0.5600 0.4268 -0.1069 -0.0329 -0.0182 58  ALA A CB  
266 N  N   . ALA A 39  ? 0.5266 0.6421 0.4838 -0.1077 -0.0222 -0.0315 59  ALA A N   
267 C  CA  . ALA A 39  ? 0.5372 0.6635 0.5020 -0.1105 -0.0200 -0.0353 59  ALA A CA  
268 C  C   . ALA A 39  ? 0.5529 0.7043 0.5152 -0.1204 -0.0205 -0.0401 59  ALA A C   
269 O  O   . ALA A 39  ? 0.5533 0.7132 0.5074 -0.1260 -0.0228 -0.0399 59  ALA A O   
270 C  CB  . ALA A 39  ? 0.5263 0.6535 0.5053 -0.0967 -0.0137 -0.0380 59  ALA A CB  
271 N  N   . LYS A 40  ? 0.5713 0.7354 0.5400 -0.1236 -0.0183 -0.0445 60  LYS A N   
272 C  CA  . LYS A 40  ? 0.5826 0.7730 0.5494 -0.1338 -0.0186 -0.0498 60  LYS A CA  
273 C  C   . LYS A 40  ? 0.5738 0.7867 0.5516 -0.1229 -0.0130 -0.0567 60  LYS A C   
274 O  O   . LYS A 40  ? 0.5833 0.8221 0.5597 -0.1288 -0.0130 -0.0614 60  LYS A O   
275 C  CB  . LYS A 40  ? 0.5919 0.7832 0.5566 -0.1462 -0.0206 -0.0504 60  LYS A CB  
276 C  CG  . LYS A 40  ? 0.6196 0.7906 0.5694 -0.1587 -0.0278 -0.0439 60  LYS A CG  
277 N  N   . SER A 41  ? 0.5670 0.7698 0.5540 -0.1072 -0.0086 -0.0572 61  SER A N   
278 C  CA  . SER A 41  ? 0.5611 0.7796 0.5565 -0.0941 -0.0040 -0.0633 61  SER A CA  
279 C  C   . SER A 41  ? 0.5537 0.7671 0.5502 -0.0822 -0.0032 -0.0613 61  SER A C   
280 O  O   . SER A 41  ? 0.5328 0.7247 0.5263 -0.0805 -0.0047 -0.0553 61  SER A O   
281 C  CB  . SER A 41  ? 0.5669 0.7759 0.5699 -0.0849 0.0003  -0.0659 61  SER A CB  
282 O  OG  . SER A 41  ? 0.5923 0.8121 0.5959 -0.0938 0.0008  -0.0697 61  SER A OG  
283 N  N   . GLU A 42  ? 0.5416 0.7753 0.5423 -0.0734 -0.0009 -0.0668 62  GLU A N   
284 C  CA  . GLU A 42  ? 0.5338 0.7633 0.5372 -0.0596 0.0005  -0.0659 62  GLU A CA  
285 C  C   . GLU A 42  ? 0.5204 0.7221 0.5274 -0.0484 0.0029  -0.0634 62  GLU A C   
286 O  O   . GLU A 42  ? 0.5077 0.7033 0.5178 -0.0458 0.0052  -0.0660 62  GLU A O   
287 C  CB  . GLU A 42  ? 0.5402 0.7970 0.5481 -0.0505 0.0026  -0.0734 62  GLU A CB  
288 C  CG  . GLU A 42  ? 0.5721 0.8275 0.5825 -0.0356 0.0036  -0.0733 62  GLU A CG  
289 C  CD  . GLU A 42  ? 0.6056 0.8948 0.6188 -0.0291 0.0043  -0.0800 62  GLU A CD  
290 O  OE1 . GLU A 42  ? 0.5891 0.9022 0.6040 -0.0323 0.0050  -0.0863 62  GLU A OE1 
291 O  OE2 . GLU A 42  ? 0.6447 0.9377 0.6585 -0.0203 0.0039  -0.0790 62  GLU A OE2 
292 N  N   . ILE A 43  ? 0.4934 0.6783 0.4988 -0.0432 0.0022  -0.0583 63  ILE A N   
293 C  CA  . ILE A 43  ? 0.4695 0.6298 0.4773 -0.0338 0.0043  -0.0557 63  ILE A CA  
294 C  C   . ILE A 43  ? 0.4584 0.6184 0.4679 -0.0205 0.0056  -0.0569 63  ILE A C   
295 O  O   . ILE A 43  ? 0.4579 0.6255 0.4655 -0.0207 0.0040  -0.0553 63  ILE A O   
296 C  CB  . ILE A 43  ? 0.4657 0.6050 0.4701 -0.0395 0.0022  -0.0487 63  ILE A CB  
297 C  CG1 . ILE A 43  ? 0.4688 0.6068 0.4709 -0.0516 0.0005  -0.0476 63  ILE A CG1 
298 C  CG2 . ILE A 43  ? 0.4617 0.5798 0.4683 -0.0302 0.0046  -0.0465 63  ILE A CG2 
299 C  CD1 . ILE A 43  ? 0.4499 0.5700 0.4468 -0.0575 -0.0027 -0.0409 63  ILE A CD1 
300 N  N   . SER A 44  ? 0.4601 0.6112 0.4715 -0.0094 0.0081  -0.0598 64  SER A N   
301 C  CA  . SER A 44  ? 0.4671 0.6146 0.4785 0.0040  0.0087  -0.0608 64  SER A CA  
302 C  C   . SER A 44  ? 0.4660 0.5895 0.4753 0.0057  0.0085  -0.0545 64  SER A C   
303 O  O   . SER A 44  ? 0.4723 0.5786 0.4808 0.0020  0.0092  -0.0517 64  SER A O   
304 C  CB  . SER A 44  ? 0.4832 0.6279 0.4942 0.0158  0.0108  -0.0667 64  SER A CB  
305 O  OG  . SER A 44  ? 0.5029 0.6404 0.5119 0.0286  0.0105  -0.0669 64  SER A OG  
306 N  N   . LEU A 45  ? 0.4550 0.5799 0.4637 0.0109  0.0074  -0.0527 65  LEU A N   
307 C  CA  . LEU A 45  ? 0.4422 0.5470 0.4489 0.0136  0.0072  -0.0475 65  LEU A CA  
308 C  C   . LEU A 45  ? 0.4505 0.5475 0.4557 0.0267  0.0077  -0.0493 65  LEU A C   
309 O  O   . LEU A 45  ? 0.4170 0.4989 0.4199 0.0294  0.0074  -0.0456 65  LEU A O   
310 C  CB  . LEU A 45  ? 0.4474 0.5578 0.4527 0.0073  0.0052  -0.0432 65  LEU A CB  
311 C  CG  . LEU A 45  ? 0.4383 0.5509 0.4415 -0.0058 0.0035  -0.0404 65  LEU A CG  
312 C  CD1 . LEU A 45  ? 0.4717 0.5912 0.4702 -0.0112 0.0011  -0.0372 65  LEU A CD1 
313 C  CD2 . LEU A 45  ? 0.4709 0.5631 0.4733 -0.0085 0.0038  -0.0365 65  LEU A CD2 
314 N  N   . LYS A 46  ? 0.4574 0.5637 0.4626 0.0350  0.0083  -0.0553 66  LYS A N   
315 C  CA  . LYS A 46  ? 0.4732 0.5732 0.4751 0.0489  0.0078  -0.0577 66  LYS A CA  
316 C  C   . LYS A 46  ? 0.4739 0.5444 0.4696 0.0521  0.0083  -0.0551 66  LYS A C   
317 O  O   . LYS A 46  ? 0.4857 0.5454 0.4778 0.0590  0.0071  -0.0534 66  LYS A O   
318 C  CB  . LYS A 46  ? 0.4914 0.6055 0.4930 0.0584  0.0082  -0.0654 66  LYS A CB  
319 C  CG  . LYS A 46  ? 0.5302 0.6473 0.5288 0.0743  0.0066  -0.0687 66  LYS A CG  
320 C  CD  . LYS A 46  ? 0.5553 0.6907 0.5540 0.0846  0.0068  -0.0774 66  LYS A CD  
321 N  N   . ASN A 47  ? 0.4661 0.5243 0.4601 0.0462  0.0098  -0.0547 67  ASN A N   
322 C  CA  . ASN A 47  ? 0.4831 0.5152 0.4703 0.0465  0.0101  -0.0518 67  ASN A CA  
323 C  C   . ASN A 47  ? 0.4509 0.4761 0.4404 0.0359  0.0106  -0.0458 67  ASN A C   
324 O  O   . ASN A 47  ? 0.4571 0.4655 0.4420 0.0327  0.0116  -0.0437 67  ASN A O   
325 C  CB  . ASN A 47  ? 0.5112 0.5310 0.4913 0.0487  0.0113  -0.0556 67  ASN A CB  
326 C  CG  . ASN A 47  ? 0.5566 0.5796 0.5322 0.0620  0.0104  -0.0619 67  ASN A CG  
327 O  OD1 . ASN A 47  ? 0.6201 0.6560 0.5973 0.0635  0.0113  -0.0671 67  ASN A OD1 
328 N  ND2 . ASN A 47  ? 0.5828 0.5952 0.5522 0.0722  0.0083  -0.0617 67  ASN A ND2 
329 N  N   . SER A 48  ? 0.4140 0.4519 0.4093 0.0310  0.0098  -0.0429 68  SER A N   
330 C  CA  . SER A 48  ? 0.3896 0.4212 0.3864 0.0234  0.0098  -0.0377 68  SER A CA  
331 C  C   . SER A 48  ? 0.3758 0.4048 0.3722 0.0255  0.0087  -0.0344 68  SER A C   
332 O  O   . SER A 48  ? 0.3658 0.4022 0.3621 0.0315  0.0078  -0.0358 68  SER A O   
333 C  CB  . SER A 48  ? 0.3741 0.4183 0.3752 0.0145  0.0094  -0.0369 68  SER A CB  
334 O  OG  . SER A 48  ? 0.4061 0.4515 0.4075 0.0116  0.0105  -0.0396 68  SER A OG  
335 N  N   . CYS A 49  ? 0.3388 0.3575 0.3346 0.0214  0.0090  -0.0302 69  CYS A N   
336 C  CA  . CYS A 49  ? 0.3417 0.3571 0.3367 0.0223  0.0082  -0.0269 69  CYS A CA  
337 C  C   . CYS A 49  ? 0.3125 0.3252 0.3087 0.0156  0.0082  -0.0231 69  CYS A C   
338 O  O   . CYS A 49  ? 0.2919 0.3020 0.2889 0.0115  0.0089  -0.0228 69  CYS A O   
339 C  CB  . CYS A 49  ? 0.3666 0.3676 0.3568 0.0279  0.0083  -0.0265 69  CYS A CB  
340 S  SG  . CYS A 49  ? 0.4682 0.4527 0.4535 0.0251  0.0098  -0.0263 69  CYS A SG  
341 N  N   . LEU A 50  ? 0.2847 0.2979 0.2799 0.0151  0.0073  -0.0205 70  LEU A N   
342 C  CA  . LEU A 50  ? 0.2784 0.2877 0.2729 0.0106  0.0069  -0.0173 70  LEU A CA  
343 C  C   . LEU A 50  ? 0.2848 0.2825 0.2783 0.0124  0.0082  -0.0156 70  LEU A C   
344 O  O   . LEU A 50  ? 0.3012 0.2937 0.2929 0.0161  0.0086  -0.0155 70  LEU A O   
345 C  CB  . LEU A 50  ? 0.2585 0.2722 0.2502 0.0088  0.0053  -0.0154 70  LEU A CB  
346 C  CG  . LEU A 50  ? 0.3103 0.3359 0.3008 0.0041  0.0036  -0.0164 70  LEU A CG  
347 C  CD1 . LEU A 50  ? 0.3477 0.3783 0.3333 0.0015  0.0020  -0.0146 70  LEU A CD1 
348 C  CD2 . LEU A 50  ? 0.3074 0.3309 0.2967 -0.0016 0.0025  -0.0156 70  LEU A CD2 
349 N  N   . VAL A 51  ? 0.2786 0.2735 0.2729 0.0094  0.0086  -0.0145 71  VAL A N   
350 C  CA  . VAL A 51  ? 0.2761 0.2639 0.2697 0.0097  0.0100  -0.0131 71  VAL A CA  
351 C  C   . VAL A 51  ? 0.2724 0.2606 0.2659 0.0085  0.0092  -0.0111 71  VAL A C   
352 O  O   . VAL A 51  ? 0.2674 0.2589 0.2611 0.0065  0.0079  -0.0109 71  VAL A O   
353 C  CB  . VAL A 51  ? 0.2742 0.2608 0.2683 0.0077  0.0113  -0.0143 71  VAL A CB  
354 C  CG1 . VAL A 51  ? 0.2804 0.2639 0.2735 0.0062  0.0127  -0.0129 71  VAL A CG1 
355 C  CG2 . VAL A 51  ? 0.3038 0.2865 0.2951 0.0097  0.0117  -0.0166 71  VAL A CG2 
356 N  N   . ALA A 52  ? 0.2618 0.2456 0.2535 0.0100  0.0099  -0.0098 72  ALA A N   
357 C  CA  . ALA A 52  ? 0.2523 0.2353 0.2430 0.0104  0.0094  -0.0084 72  ALA A CA  
358 C  C   . ALA A 52  ? 0.2493 0.2339 0.2419 0.0104  0.0112  -0.0088 72  ALA A C   
359 O  O   . ALA A 52  ? 0.2648 0.2477 0.2570 0.0093  0.0128  -0.0092 72  ALA A O   
360 C  CB  . ALA A 52  ? 0.2546 0.2331 0.2413 0.0118  0.0089  -0.0071 72  ALA A CB  
361 N  N   . GLN A 53  ? 0.2587 0.2469 0.2521 0.0114  0.0107  -0.0085 73  GLN A N   
362 C  CA  . GLN A 53  ? 0.2619 0.2564 0.2577 0.0110  0.0125  -0.0090 73  GLN A CA  
363 C  C   . GLN A 53  ? 0.2739 0.2727 0.2698 0.0149  0.0115  -0.0089 73  GLN A C   
364 O  O   . GLN A 53  ? 0.2708 0.2655 0.2638 0.0177  0.0091  -0.0083 73  GLN A O   
365 C  CB  . GLN A 53  ? 0.2596 0.2587 0.2578 0.0072  0.0131  -0.0096 73  GLN A CB  
366 C  CG  . GLN A 53  ? 0.3025 0.3047 0.3024 0.0069  0.0113  -0.0094 73  GLN A CG  
367 C  CD  . GLN A 53  ? 0.3186 0.3233 0.3201 0.0025  0.0121  -0.0102 73  GLN A CD  
368 O  OE1 . GLN A 53  ? 0.3321 0.3322 0.3319 0.0008  0.0131  -0.0110 73  GLN A OE1 
369 N  NE2 . GLN A 53  ? 0.3275 0.3390 0.3314 0.0009  0.0116  -0.0099 73  GLN A NE2 
370 N  N   . SER A 54  ? 0.2914 0.2979 0.2889 0.0152  0.0134  -0.0095 74  SER A N   
371 C  CA  . SER A 54  ? 0.3018 0.3164 0.3003 0.0201  0.0128  -0.0102 74  SER A CA  
372 C  C   . SER A 54  ? 0.3019 0.3255 0.3038 0.0194  0.0121  -0.0100 74  SER A C   
373 O  O   . SER A 54  ? 0.2924 0.3169 0.2960 0.0137  0.0127  -0.0097 74  SER A O   
374 C  CB  . SER A 54  ? 0.3243 0.3480 0.3238 0.0196  0.0154  -0.0113 74  SER A CB  
375 O  OG  . SER A 54  ? 0.3125 0.3447 0.3139 0.0132  0.0172  -0.0114 74  SER A OG  
376 N  N   . ALA A 55  ? 0.3170 0.3468 0.3193 0.0255  0.0104  -0.0105 75  ALA A N   
377 C  CA  . ALA A 55  ? 0.3263 0.3663 0.3318 0.0255  0.0092  -0.0103 75  ALA A CA  
378 C  C   . ALA A 55  ? 0.3246 0.3799 0.3345 0.0195  0.0123  -0.0106 75  ALA A C   
379 O  O   . ALA A 55  ? 0.3538 0.4152 0.3661 0.0152  0.0121  -0.0098 75  ALA A O   
380 C  CB  . ALA A 55  ? 0.3215 0.3649 0.3253 0.0352  0.0061  -0.0109 75  ALA A CB  
381 N  N   . ALA A 56  ? 0.3202 0.3807 0.3298 0.0175  0.0150  -0.0115 76  ALA A N   
382 C  CA  . ALA A 56  ? 0.3179 0.3908 0.3283 0.0095  0.0177  -0.0117 76  ALA A CA  
383 C  C   . ALA A 56  ? 0.3170 0.3789 0.3241 0.0005  0.0187  -0.0107 76  ALA A C   
384 O  O   . ALA A 56  ? 0.3280 0.3965 0.3328 -0.0074 0.0206  -0.0106 76  ALA A O   
385 C  CB  . ALA A 56  ? 0.3132 0.3959 0.3227 0.0092  0.0199  -0.0132 76  ALA A CB  
386 N  N   . GLY A 57  ? 0.3070 0.3528 0.3125 0.0016  0.0174  -0.0103 77  GLY A N   
387 C  CA  . GLY A 57  ? 0.3262 0.3615 0.3282 -0.0046 0.0182  -0.0100 77  GLY A CA  
388 C  C   . GLY A 57  ? 0.3325 0.3575 0.3293 -0.0068 0.0192  -0.0102 77  GLY A C   
389 O  O   . GLY A 57  ? 0.3713 0.3881 0.3628 -0.0121 0.0197  -0.0102 77  GLY A O   
390 N  N   . GLN A 58  ? 0.3185 0.3429 0.3152 -0.0029 0.0192  -0.0104 78  GLN A N   
391 C  CA  . GLN A 58  ? 0.3323 0.3462 0.3240 -0.0048 0.0196  -0.0104 78  GLN A CA  
392 C  C   . GLN A 58  ? 0.3280 0.3296 0.3196 -0.0004 0.0181  -0.0101 78  GLN A C   
393 O  O   . GLN A 58  ? 0.3086 0.3108 0.3032 0.0048  0.0170  -0.0099 78  GLN A O   
394 C  CB  . GLN A 58  ? 0.3440 0.3642 0.3353 -0.0039 0.0207  -0.0109 78  GLN A CB  
395 C  CG  . GLN A 58  ? 0.3796 0.3879 0.3651 -0.0062 0.0207  -0.0105 78  GLN A CG  
396 C  CD  . GLN A 58  ? 0.4388 0.4536 0.4239 -0.0059 0.0219  -0.0113 78  GLN A CD  
397 O  OE1 . GLN A 58  ? 0.4869 0.5141 0.4764 -0.0016 0.0225  -0.0123 78  GLN A OE1 
398 N  NE2 . GLN A 58  ? 0.4753 0.4814 0.4544 -0.0102 0.0219  -0.0108 78  GLN A NE2 
399 N  N   . SER A 59  ? 0.3200 0.3110 0.3073 -0.0025 0.0178  -0.0100 79  SER A N   
400 C  CA  . SER A 59  ? 0.3209 0.3042 0.3087 0.0016  0.0164  -0.0100 79  SER A CA  
401 C  C   . SER A 59  ? 0.3234 0.2982 0.3074 0.0028  0.0160  -0.0096 79  SER A C   
402 O  O   . SER A 59  ? 0.3145 0.2861 0.2938 -0.0005 0.0166  -0.0093 79  SER A O   
403 C  CB  . SER A 59  ? 0.3397 0.3192 0.3264 0.0005  0.0159  -0.0109 79  SER A CB  
404 O  OG  . SER A 59  ? 0.3398 0.3099 0.3192 -0.0023 0.0160  -0.0114 79  SER A OG  
405 N  N   . PHE A 60  ? 0.3146 0.2866 0.2998 0.0066  0.0147  -0.0091 80  PHE A N   
406 C  CA  . PHE A 60  ? 0.3146 0.2805 0.2969 0.0082  0.0142  -0.0082 80  PHE A CA  
407 C  C   . PHE A 60  ? 0.3257 0.2878 0.3071 0.0111  0.0127  -0.0085 80  PHE A C   
408 O  O   . PHE A 60  ? 0.3362 0.3032 0.3206 0.0126  0.0120  -0.0092 80  PHE A O   
409 C  CB  . PHE A 60  ? 0.3137 0.2829 0.2978 0.0100  0.0144  -0.0072 80  PHE A CB  
410 C  CG  . PHE A 60  ? 0.2790 0.2540 0.2643 0.0091  0.0157  -0.0076 80  PHE A CG  
411 C  CD1 . PHE A 60  ? 0.3440 0.3196 0.3270 0.0064  0.0170  -0.0078 80  PHE A CD1 
412 C  CD2 . PHE A 60  ? 0.3134 0.2949 0.3018 0.0109  0.0153  -0.0081 80  PHE A CD2 
413 C  CE1 . PHE A 60  ? 0.3294 0.3140 0.3139 0.0057  0.0183  -0.0087 80  PHE A CE1 
414 C  CE2 . PHE A 60  ? 0.3162 0.3058 0.3061 0.0115  0.0165  -0.0088 80  PHE A CE2 
415 C  CZ  . PHE A 60  ? 0.3345 0.3273 0.3231 0.0090  0.0181  -0.0094 80  PHE A CZ  
416 N  N   . ARG A 61  ? 0.3373 0.2916 0.3140 0.0119  0.0120  -0.0082 81  ARG A N   
417 C  CA  . ARG A 61  ? 0.3510 0.3031 0.3265 0.0161  0.0102  -0.0088 81  ARG A CA  
418 C  C   . ARG A 61  ? 0.3324 0.2920 0.3113 0.0181  0.0096  -0.0079 81  ARG A C   
419 O  O   . ARG A 61  ? 0.3194 0.2802 0.2988 0.0165  0.0101  -0.0062 81  ARG A O   
420 C  CB  . ARG A 61  ? 0.3756 0.3167 0.3440 0.0173  0.0089  -0.0085 81  ARG A CB  
421 C  CG  . ARG A 61  ? 0.3883 0.3278 0.3557 0.0165  0.0087  -0.0063 81  ARG A CG  
422 C  CD  . ARG A 61  ? 0.4008 0.3276 0.3598 0.0175  0.0066  -0.0057 81  ARG A CD  
423 N  NE  . ARG A 61  ? 0.3990 0.3259 0.3580 0.0157  0.0067  -0.0033 81  ARG A NE  
424 C  CZ  . ARG A 61  ? 0.3616 0.2931 0.3228 0.0188  0.0058  -0.0020 81  ARG A CZ  
425 N  NH1 . ARG A 61  ? 0.4017 0.3392 0.3653 0.0240  0.0046  -0.0030 81  ARG A NH1 
426 N  NH2 . ARG A 61  ? 0.3805 0.3113 0.3408 0.0162  0.0062  0.0001  81  ARG A NH2 
427 N  N   . LEU A 62  ? 0.3275 0.2921 0.3077 0.0213  0.0085  -0.0093 82  LEU A N   
428 C  CA  . LEU A 62  ? 0.3306 0.3041 0.3125 0.0220  0.0075  -0.0085 82  LEU A CA  
429 C  C   . LEU A 62  ? 0.3344 0.3059 0.3135 0.0251  0.0063  -0.0074 82  LEU A C   
430 O  O   . LEU A 62  ? 0.3467 0.3158 0.3239 0.0298  0.0052  -0.0090 82  LEU A O   
431 C  CB  . LEU A 62  ? 0.3355 0.3190 0.3200 0.0235  0.0068  -0.0110 82  LEU A CB  
432 C  CG  . LEU A 62  ? 0.3396 0.3354 0.3247 0.0226  0.0057  -0.0106 82  LEU A CG  
433 C  CD1 . LEU A 62  ? 0.3259 0.3220 0.3095 0.0166  0.0058  -0.0083 82  LEU A CD1 
434 C  CD2 . LEU A 62  ? 0.3824 0.3896 0.3701 0.0243  0.0052  -0.0138 82  LEU A CD2 
435 N  N   . ASP A 63  ? 0.3194 0.2912 0.2971 0.0225  0.0064  -0.0050 83  ASP A N   
436 C  CA  . ASP A 63  ? 0.3349 0.3047 0.3100 0.0245  0.0053  -0.0033 83  ASP A CA  
437 C  C   . ASP A 63  ? 0.3390 0.3222 0.3151 0.0267  0.0038  -0.0034 83  ASP A C   
438 O  O   . ASP A 63  ? 0.3341 0.3197 0.3095 0.0324  0.0023  -0.0041 83  ASP A O   
439 C  CB  . ASP A 63  ? 0.3297 0.2936 0.3022 0.0203  0.0063  -0.0005 83  ASP A CB  
440 C  CG  . ASP A 63  ? 0.3678 0.3288 0.3372 0.0216  0.0051  0.0015  83  ASP A CG  
441 O  OD1 . ASP A 63  ? 0.3911 0.3438 0.3578 0.0244  0.0039  0.0009  83  ASP A OD1 
442 O  OD2 . ASP A 63  ? 0.3807 0.3462 0.3486 0.0193  0.0049  0.0036  83  ASP A OD2 
443 N  N   . THR A 64  ? 0.3261 0.3178 0.3025 0.0223  0.0041  -0.0026 84  THR A N   
444 C  CA  . THR A 64  ? 0.3409 0.3485 0.3174 0.0220  0.0028  -0.0028 84  THR A CA  
445 C  C   . THR A 64  ? 0.3473 0.3624 0.3240 0.0173  0.0028  -0.0039 84  THR A C   
446 O  O   . THR A 64  ? 0.3273 0.3343 0.3029 0.0138  0.0036  -0.0035 84  THR A O   
447 C  CB  . THR A 64  ? 0.3459 0.3561 0.3180 0.0182  0.0024  0.0006  84  THR A CB  
448 O  OG1 . THR A 64  ? 0.3595 0.3605 0.3271 0.0117  0.0032  0.0028  84  THR A OG1 
449 C  CG2 . THR A 64  ? 0.3734 0.3772 0.3449 0.0225  0.0018  0.0020  84  THR A CG2 
450 N  N   . VAL A 65  ? 0.3557 0.3874 0.3334 0.0175  0.0016  -0.0056 85  VAL A N   
451 C  CA  . VAL A 65  ? 0.3457 0.3862 0.3227 0.0119  0.0011  -0.0069 85  VAL A CA  
452 C  C   . VAL A 65  ? 0.3626 0.4237 0.3377 0.0087  -0.0003 -0.0072 85  VAL A C   
453 O  O   . VAL A 65  ? 0.3809 0.4538 0.3591 0.0148  -0.0008 -0.0086 85  VAL A O   
454 C  CB  . VAL A 65  ? 0.3561 0.3965 0.3383 0.0157  0.0018  -0.0105 85  VAL A CB  
455 C  CG1 . VAL A 65  ? 0.3752 0.4248 0.3615 0.0247  0.0015  -0.0139 85  VAL A CG1 
456 C  CG2 . VAL A 65  ? 0.3547 0.4022 0.3359 0.0089  0.0011  -0.0116 85  VAL A CG2 
457 N  N   . ASP A 66  ? 0.3538 0.4193 0.3223 -0.0010 -0.0014 -0.0059 86  ASP A N   
458 C  CA  . ASP A 66  ? 0.3674 0.4548 0.3324 -0.0066 -0.0030 -0.0062 86  ASP A CA  
459 C  C   . ASP A 66  ? 0.3648 0.4709 0.3370 -0.0019 -0.0029 -0.0112 86  ASP A C   
460 O  O   . ASP A 66  ? 0.3440 0.4445 0.3200 -0.0003 -0.0023 -0.0137 86  ASP A O   
461 C  CB  . ASP A 66  ? 0.3600 0.4446 0.3133 -0.0195 -0.0046 -0.0037 86  ASP A CB  
462 C  CG  . ASP A 66  ? 0.3991 0.4697 0.3426 -0.0245 -0.0050 0.0009  86  ASP A CG  
463 O  OD1 . ASP A 66  ? 0.4395 0.5083 0.3858 -0.0193 -0.0039 0.0024  86  ASP A OD1 
464 O  OD2 . ASP A 66  ? 0.3975 0.4565 0.3289 -0.0335 -0.0066 0.0032  86  ASP A OD2 
465 N  N   . GLU A 67  ? 0.3791 0.5081 0.3532 0.0006  -0.0036 -0.0127 87  GLU A N   
466 C  CA  . GLU A 67  ? 0.3813 0.5318 0.3624 0.0071  -0.0036 -0.0183 87  GLU A CA  
467 C  C   . GLU A 67  ? 0.3691 0.5252 0.3492 -0.0005 -0.0038 -0.0208 87  GLU A C   
468 O  O   . GLU A 67  ? 0.3866 0.5463 0.3730 0.0057  -0.0030 -0.0253 87  GLU A O   
469 C  CB  . GLU A 67  ? 0.3810 0.5609 0.3621 0.0081  -0.0048 -0.0192 87  GLU A CB  
470 N  N   . GLU A 68  ? 0.3763 0.5304 0.3472 -0.0142 -0.0053 -0.0177 88  GLU A N   
471 C  CA  A GLU A 68  ? 0.3768 0.5367 0.3445 -0.0233 -0.0063 -0.0196 88  GLU A CA  
472 C  CA  B GLU A 68  ? 0.3745 0.5325 0.3415 -0.0241 -0.0064 -0.0192 88  GLU A CA  
473 C  C   . GLU A 68  ? 0.3729 0.5151 0.3458 -0.0193 -0.0051 -0.0212 88  GLU A C   
474 O  O   . GLU A 68  ? 0.3594 0.5113 0.3347 -0.0218 -0.0052 -0.0247 88  GLU A O   
475 C  CB  A GLU A 68  ? 0.3903 0.5456 0.3435 -0.0390 -0.0089 -0.0154 88  GLU A CB  
476 C  CB  B GLU A 68  ? 0.3852 0.5311 0.3377 -0.0384 -0.0087 -0.0143 88  GLU A CB  
477 C  CG  A GLU A 68  ? 0.4134 0.5929 0.3597 -0.0469 -0.0103 -0.0145 88  GLU A CG  
478 C  CG  B GLU A 68  ? 0.4041 0.5635 0.3461 -0.0479 -0.0104 -0.0115 88  GLU A CG  
479 C  CD  A GLU A 68  ? 0.4313 0.6076 0.3769 -0.0425 -0.0096 -0.0111 88  GLU A CD  
480 C  CD  B GLU A 68  ? 0.4119 0.5509 0.3474 -0.0478 -0.0103 -0.0064 88  GLU A CD  
481 O  OE1 A GLU A 68  ? 0.4417 0.5957 0.3918 -0.0337 -0.0081 -0.0095 88  GLU A OE1 
482 O  OE1 B GLU A 68  ? 0.4252 0.5705 0.3671 -0.0396 -0.0088 -0.0061 88  GLU A OE1 
483 O  OE2 A GLU A 68  ? 0.4389 0.6357 0.3791 -0.0485 -0.0106 -0.0100 88  GLU A OE2 
484 O  OE2 B GLU A 68  ? 0.4059 0.5225 0.3297 -0.0551 -0.0117 -0.0030 88  GLU A OE2 
485 N  N   . LEU A 69  ? 0.3645 0.4831 0.3393 -0.0132 -0.0038 -0.0189 89  LEU A N   
486 C  CA  . LEU A 69  ? 0.3660 0.4683 0.3450 -0.0099 -0.0027 -0.0198 89  LEU A CA  
487 C  C   . LEU A 69  ? 0.3862 0.4920 0.3742 0.0009  -0.0007 -0.0242 89  LEU A C   
488 O  O   . LEU A 69  ? 0.3887 0.4837 0.3796 0.0025  0.0003  -0.0252 89  LEU A O   
489 C  CB  . LEU A 69  ? 0.3390 0.4172 0.3156 -0.0085 -0.0021 -0.0158 89  LEU A CB  
490 C  CG  . LEU A 69  ? 0.3261 0.3935 0.2920 -0.0180 -0.0042 -0.0118 89  LEU A CG  
491 C  CD1 . LEU A 69  ? 0.2810 0.3281 0.2458 -0.0140 -0.0032 -0.0089 89  LEU A CD1 
492 C  CD2 . LEU A 69  ? 0.3226 0.3867 0.2841 -0.0256 -0.0061 -0.0122 89  LEU A CD2 
493 N  N   . THR A 70  ? 0.4094 0.5301 0.4005 0.0081  -0.0006 -0.0267 90  THR A N   
494 C  CA  . THR A 70  ? 0.4430 0.5647 0.4396 0.0198  0.0006  -0.0312 90  THR A CA  
495 C  C   . THR A 70  ? 0.4446 0.5910 0.4442 0.0207  0.0005  -0.0368 90  THR A C   
496 O  O   . THR A 70  ? 0.4442 0.5969 0.4472 0.0320  0.0010  -0.0412 90  THR A O   
497 C  CB  . THR A 70  ? 0.4510 0.5709 0.4484 0.0302  0.0004  -0.0307 90  THR A CB  
498 O  OG1 . THR A 70  ? 0.4957 0.6387 0.4923 0.0290  -0.0009 -0.0307 90  THR A OG1 
499 C  CG2 . THR A 70  ? 0.4800 0.5762 0.4745 0.0294  0.0007  -0.0257 90  THR A CG2 
500 N  N   . ALA A 71  ? 0.4510 0.6106 0.4484 0.0090  -0.0004 -0.0368 91  ALA A N   
501 C  CA  . ALA A 71  ? 0.4576 0.6403 0.4577 0.0074  -0.0004 -0.0424 91  ALA A CA  
502 C  C   . ALA A 71  ? 0.4660 0.6391 0.4705 0.0154  0.0015  -0.0465 91  ALA A C   
503 O  O   . ALA A 71  ? 0.4559 0.6057 0.4600 0.0145  0.0023  -0.0441 91  ALA A O   
504 C  CB  . ALA A 71  ? 0.4573 0.6469 0.4518 -0.0090 -0.0020 -0.0408 91  ALA A CB  
505 N  N   . ASP A 72  ? 0.4811 0.6727 0.4892 0.0231  0.0022  -0.0527 92  ASP A N   
506 C  CA  . ASP A 72  ? 0.4965 0.6792 0.5068 0.0308  0.0038  -0.0572 92  ASP A CA  
507 C  C   . ASP A 72  ? 0.4829 0.6663 0.4934 0.0197  0.0045  -0.0581 92  ASP A C   
508 O  O   . ASP A 72  ? 0.4814 0.6486 0.4922 0.0214  0.0059  -0.0590 92  ASP A O   
509 C  CB  . ASP A 72  ? 0.5190 0.7220 0.5318 0.0438  0.0040  -0.0644 92  ASP A CB  
510 C  CG  . ASP A 72  ? 0.5928 0.7799 0.6037 0.0599  0.0037  -0.0648 92  ASP A CG  
511 O  OD1 . ASP A 72  ? 0.6634 0.8257 0.6715 0.0600  0.0034  -0.0596 92  ASP A OD1 
512 O  OD2 . ASP A 72  ? 0.6984 0.8986 0.7100 0.0731  0.0033  -0.0709 92  ASP A OD2 
513 N  N   . THR A 73  ? 0.4637 0.6657 0.4729 0.0074  0.0031  -0.0577 93  THR A N   
514 C  CA  . THR A 73  ? 0.4602 0.6627 0.4688 -0.0039 0.0030  -0.0582 93  THR A CA  
515 C  C   . THR A 73  ? 0.4373 0.6439 0.4397 -0.0194 0.0003  -0.0536 93  THR A C   
516 O  O   . THR A 73  ? 0.4264 0.6421 0.4254 -0.0215 -0.0012 -0.0515 93  THR A O   
517 C  CB  . THR A 73  ? 0.4742 0.7019 0.4860 -0.0026 0.0041  -0.0659 93  THR A CB  
518 O  OG1 . THR A 73  ? 0.4969 0.7541 0.5069 -0.0114 0.0024  -0.0673 93  THR A OG1 
519 C  CG2 . THR A 73  ? 0.4947 0.7253 0.5101 0.0158  0.0060  -0.0718 93  THR A CG2 
520 N  N   . LEU A 74  ? 0.4246 0.6225 0.4242 -0.0301 -0.0007 -0.0520 94  LEU A N   
521 C  CA  . LEU A 74  ? 0.4291 0.6273 0.4200 -0.0457 -0.0040 -0.0481 94  LEU A CA  
522 C  C   . LEU A 74  ? 0.4313 0.6428 0.4209 -0.0566 -0.0050 -0.0515 94  LEU A C   
523 O  O   . LEU A 74  ? 0.4236 0.6226 0.4155 -0.0576 -0.0043 -0.0515 94  LEU A O   
524 C  CB  . LEU A 74  ? 0.4342 0.6027 0.4213 -0.0471 -0.0051 -0.0420 94  LEU A CB  
525 C  CG  . LEU A 74  ? 0.4605 0.6184 0.4375 -0.0541 -0.0081 -0.0363 94  LEU A CG  
526 C  CD1 . LEU A 74  ? 0.4586 0.6281 0.4346 -0.0501 -0.0079 -0.0359 94  LEU A CD1 
527 C  CD2 . LEU A 74  ? 0.4460 0.5747 0.4227 -0.0500 -0.0080 -0.0318 94  LEU A CD2 
528 N  N   . LYS A 75  ? 0.4370 0.6752 0.4227 -0.0655 -0.0065 -0.0541 95  LYS A N   
529 C  CA  . LYS A 75  ? 0.4440 0.6977 0.4270 -0.0782 -0.0079 -0.0572 95  LYS A CA  
530 C  C   . LYS A 75  ? 0.4516 0.6838 0.4235 -0.0925 -0.0119 -0.0514 95  LYS A C   
531 O  O   . LYS A 75  ? 0.4371 0.6476 0.4027 -0.0927 -0.0139 -0.0455 95  LYS A O   
532 C  CB  . LYS A 75  ? 0.4488 0.7397 0.4291 -0.0851 -0.0087 -0.0617 95  LYS A CB  
533 C  CG  . LYS A 75  ? 0.4568 0.7721 0.4486 -0.0690 -0.0050 -0.0691 95  LYS A CG  
534 C  CD  . LYS A 75  ? 0.4753 0.8325 0.4662 -0.0754 -0.0054 -0.0750 95  LYS A CD  
535 N  N   . PRO A 76  ? 0.4557 0.6931 0.4251 -0.1037 -0.0134 -0.0532 96  PRO A N   
536 C  CA  . PRO A 76  ? 0.4700 0.6865 0.4277 -0.1170 -0.0181 -0.0479 96  PRO A CA  
537 C  C   . PRO A 76  ? 0.4766 0.6879 0.4181 -0.1286 -0.0231 -0.0431 96  PRO A C   
538 O  O   . PRO A 76  ? 0.4780 0.7128 0.4137 -0.1369 -0.0242 -0.0452 96  PRO A O   
539 C  CB  . PRO A 76  ? 0.4720 0.7049 0.4289 -0.1287 -0.0190 -0.0521 96  PRO A CB  
540 C  CG  . PRO A 76  ? 0.4641 0.7144 0.4361 -0.1160 -0.0134 -0.0590 96  PRO A CG  
541 C  CD  . PRO A 76  ? 0.4578 0.7193 0.4346 -0.1038 -0.0110 -0.0605 96  PRO A CD  
542 N  N   . GLY A 77  ? 0.4717 0.6528 0.4048 -0.1289 -0.0260 -0.0369 97  GLY A N   
543 C  CA  . GLY A 77  ? 0.4699 0.6401 0.3848 -0.1389 -0.0309 -0.0321 97  GLY A CA  
544 C  C   . GLY A 77  ? 0.4599 0.6323 0.3758 -0.1309 -0.0289 -0.0308 97  GLY A C   
545 O  O   . GLY A 77  ? 0.4627 0.6225 0.3629 -0.1382 -0.0326 -0.0263 97  GLY A O   
546 N  N   . ALA A 78  ? 0.4288 0.6161 0.3611 -0.1166 -0.0235 -0.0344 98  ALA A N   
547 C  CA  . ALA A 78  ? 0.4202 0.6106 0.3538 -0.1089 -0.0218 -0.0331 98  ALA A CA  
548 C  C   . ALA A 78  ? 0.4061 0.5646 0.3385 -0.1003 -0.0217 -0.0279 98  ALA A C   
549 O  O   . ALA A 78  ? 0.3940 0.5334 0.3311 -0.0948 -0.0212 -0.0268 98  ALA A O   
550 C  CB  . ALA A 78  ? 0.4071 0.6218 0.3578 -0.0948 -0.0167 -0.0390 98  ALA A CB  
551 N  N   . SER A 79  ? 0.4054 0.5602 0.3310 -0.1000 -0.0223 -0.0248 99  SER A N   
552 C  CA  A SER A 79  ? 0.4091 0.5361 0.3320 -0.0929 -0.0223 -0.0201 99  SER A CA  
553 C  CA  B SER A 79  ? 0.4013 0.5288 0.3253 -0.0922 -0.0221 -0.0203 99  SER A CA  
554 C  C   . SER A 79  ? 0.3976 0.5332 0.3252 -0.0851 -0.0197 -0.0199 99  SER A C   
555 O  O   . SER A 79  ? 0.3652 0.5218 0.2880 -0.0916 -0.0204 -0.0207 99  SER A O   
556 C  CB  A SER A 79  ? 0.4345 0.5408 0.3360 -0.1058 -0.0279 -0.0153 99  SER A CB  
557 C  CB  B SER A 79  ? 0.4245 0.5296 0.3282 -0.1037 -0.0274 -0.0154 99  SER A CB  
558 O  OG  A SER A 79  ? 0.4652 0.5439 0.3624 -0.0990 -0.0284 -0.0113 99  SER A OG  
559 O  OG  B SER A 79  ? 0.4196 0.5358 0.3094 -0.1152 -0.0298 -0.0141 99  SER A OG  
560 N  N   . VAL A 80  ? 0.3566 0.4776 0.2929 -0.0718 -0.0168 -0.0186 100 VAL A N   
561 C  CA  . VAL A 80  ? 0.3560 0.4806 0.2946 -0.0654 -0.0150 -0.0175 100 VAL A CA  
562 C  C   . VAL A 80  ? 0.3695 0.4658 0.3030 -0.0616 -0.0152 -0.0129 100 VAL A C   
563 O  O   . VAL A 80  ? 0.3580 0.4362 0.2930 -0.0583 -0.0152 -0.0121 100 VAL A O   
564 C  CB  . VAL A 80  ? 0.3458 0.4852 0.3007 -0.0516 -0.0109 -0.0217 100 VAL A CB  
565 C  CG1 . VAL A 80  ? 0.3356 0.5055 0.2948 -0.0542 -0.0107 -0.0270 100 VAL A CG1 
566 C  CG2 . VAL A 80  ? 0.3380 0.4603 0.3028 -0.0410 -0.0085 -0.0225 100 VAL A CG2 
567 N  N   . GLU A 81  ? 0.3853 0.4791 0.3124 -0.0624 -0.0154 -0.0101 101 GLU A N   
568 C  CA  . GLU A 81  ? 0.3999 0.4681 0.3222 -0.0585 -0.0153 -0.0063 101 GLU A CA  
569 C  C   . GLU A 81  ? 0.3817 0.4514 0.3063 -0.0530 -0.0133 -0.0047 101 GLU A C   
570 O  O   . GLU A 81  ? 0.3835 0.4729 0.3081 -0.0556 -0.0131 -0.0052 101 GLU A O   
571 C  CB  . GLU A 81  ? 0.4353 0.4847 0.3382 -0.0694 -0.0198 -0.0028 101 GLU A CB  
572 C  CG  . GLU A 81  ? 0.5461 0.5963 0.4318 -0.0802 -0.0223 0.0002  101 GLU A CG  
573 C  CD  . GLU A 81  ? 0.6886 0.7224 0.5518 -0.0938 -0.0279 0.0026  101 GLU A CD  
574 O  OE1 . GLU A 81  ? 0.7778 0.7917 0.6382 -0.0911 -0.0297 0.0030  101 GLU A OE1 
575 O  OE2 . GLU A 81  ? 0.7930 0.8344 0.6406 -0.1072 -0.0307 0.0043  101 GLU A OE2 
576 N  N   . GLY A 82  ? 0.3472 0.3974 0.2735 -0.0458 -0.0119 -0.0028 102 GLY A N   
577 C  CA  . GLY A 82  ? 0.3403 0.3890 0.2679 -0.0414 -0.0101 -0.0009 102 GLY A CA  
578 C  C   . GLY A 82  ? 0.3338 0.3621 0.2650 -0.0332 -0.0084 0.0003  102 GLY A C   
579 O  O   . GLY A 82  ? 0.3143 0.3305 0.2468 -0.0309 -0.0085 -0.0003 102 GLY A O   
580 N  N   . ASP A 83  ? 0.3261 0.3518 0.2589 -0.0291 -0.0066 0.0017  103 ASP A N   
581 C  CA  . ASP A 83  ? 0.3462 0.3547 0.2826 -0.0219 -0.0048 0.0026  103 ASP A CA  
582 C  C   . ASP A 83  ? 0.3172 0.3309 0.2684 -0.0124 -0.0021 0.0000  103 ASP A C   
583 O  O   . ASP A 83  ? 0.3236 0.3510 0.2807 -0.0095 -0.0015 -0.0016 103 ASP A O   
584 C  CB  . ASP A 83  ? 0.3655 0.3665 0.2948 -0.0234 -0.0044 0.0056  103 ASP A CB  
585 C  CG  . ASP A 83  ? 0.4578 0.4461 0.3690 -0.0322 -0.0070 0.0085  103 ASP A CG  
586 O  OD1 . ASP A 83  ? 0.5133 0.4904 0.4161 -0.0353 -0.0094 0.0085  103 ASP A OD1 
587 O  OD2 . ASP A 83  ? 0.6152 0.6032 0.5187 -0.0365 -0.0071 0.0111  103 ASP A OD2 
588 N  N   . ALA A 84  ? 0.2962 0.2976 0.2514 -0.0075 -0.0008 -0.0005 104 ALA A N   
589 C  CA  . ALA A 84  ? 0.2771 0.2787 0.2424 -0.0003 0.0014  -0.0024 104 ALA A CA  
590 C  C   . ALA A 84  ? 0.2876 0.2760 0.2521 0.0024  0.0029  -0.0009 104 ALA A C   
591 O  O   . ALA A 84  ? 0.3100 0.2888 0.2696 0.0010  0.0024  0.0000  104 ALA A O   
592 C  CB  . ALA A 84  ? 0.2692 0.2721 0.2396 0.0007  0.0016  -0.0048 104 ALA A CB  
593 N  N   A ILE A 85  ? 0.2772 0.2644 0.2453 0.0063  0.0043  -0.0008 105 ILE A N   
594 N  N   B ILE A 85  ? 0.2841 0.2714 0.2521 0.0062  0.0042  -0.0007 105 ILE A N   
595 C  CA  A ILE A 85  ? 0.2630 0.2397 0.2300 0.0077  0.0057  0.0006  105 ILE A CA  
596 C  CA  B ILE A 85  ? 0.2748 0.2514 0.2419 0.0077  0.0057  0.0005  105 ILE A CA  
597 C  C   A ILE A 85  ? 0.2555 0.2293 0.2285 0.0119  0.0072  -0.0010 105 ILE A C   
598 C  C   B ILE A 85  ? 0.2631 0.2375 0.2364 0.0118  0.0071  -0.0012 105 ILE A C   
599 O  O   A ILE A 85  ? 0.2578 0.2336 0.2332 0.0146  0.0070  -0.0018 105 ILE A O   
600 O  O   B ILE A 85  ? 0.2642 0.2421 0.2404 0.0147  0.0068  -0.0024 105 ILE A O   
601 C  CB  A ILE A 85  ? 0.2687 0.2449 0.2316 0.0064  0.0056  0.0029  105 ILE A CB  
602 C  CB  B ILE A 85  ? 0.2860 0.2613 0.2494 0.0068  0.0058  0.0028  105 ILE A CB  
603 C  CG1 A ILE A 85  ? 0.2629 0.2392 0.2166 0.0005  0.0041  0.0051  105 ILE A CG1 
604 C  CG1 B ILE A 85  ? 0.2992 0.2826 0.2570 0.0022  0.0041  0.0043  105 ILE A CG1 
605 C  CG2 A ILE A 85  ? 0.2474 0.2138 0.2100 0.0077  0.0072  0.0038  105 ILE A CG2 
606 C  CG2 B ILE A 85  ? 0.2684 0.2327 0.2278 0.0061  0.0070  0.0041  105 ILE A CG2 
607 C  CD1 A ILE A 85  ? 0.2327 0.2114 0.1815 -0.0023 0.0039  0.0078  105 ILE A CD1 
608 C  CD1 B ILE A 85  ? 0.3206 0.2979 0.2687 -0.0034 0.0028  0.0057  105 ILE A CD1 
609 N  N   . PHE A 86  ? 0.2420 0.2105 0.2159 0.0120  0.0083  -0.0016 106 PHE A N   
610 C  CA  . PHE A 86  ? 0.2619 0.2282 0.2395 0.0138  0.0096  -0.0030 106 PHE A CA  
611 C  C   . PHE A 86  ? 0.2576 0.2182 0.2332 0.0132  0.0111  -0.0022 106 PHE A C   
612 O  O   . PHE A 86  ? 0.2857 0.2435 0.2579 0.0123  0.0113  -0.0009 106 PHE A O   
613 C  CB  . PHE A 86  ? 0.2481 0.2165 0.2283 0.0134  0.0100  -0.0044 106 PHE A CB  
614 C  CG  . PHE A 86  ? 0.2719 0.2460 0.2537 0.0129  0.0087  -0.0054 106 PHE A CG  
615 C  CD1 . PHE A 86  ? 0.2611 0.2371 0.2395 0.0108  0.0070  -0.0046 106 PHE A CD1 
616 C  CD2 . PHE A 86  ? 0.2773 0.2539 0.2622 0.0137  0.0091  -0.0073 106 PHE A CD2 
617 C  CE1 . PHE A 86  ? 0.2883 0.2709 0.2676 0.0088  0.0057  -0.0057 106 PHE A CE1 
618 C  CE2 . PHE A 86  ? 0.2712 0.2548 0.2578 0.0129  0.0080  -0.0087 106 PHE A CE2 
619 C  CZ  . PHE A 86  ? 0.2654 0.2527 0.2496 0.0101  0.0063  -0.0079 106 PHE A CZ  
620 N  N   . ALA A 87  ? 0.2701 0.2279 0.2465 0.0132  0.0117  -0.0029 107 ALA A N   
621 C  CA  . ALA A 87  ? 0.2709 0.2237 0.2446 0.0114  0.0126  -0.0022 107 ALA A CA  
622 C  C   . ALA A 87  ? 0.2835 0.2360 0.2572 0.0091  0.0138  -0.0034 107 ALA A C   
623 O  O   . ALA A 87  ? 0.3141 0.2673 0.2886 0.0088  0.0137  -0.0046 107 ALA A O   
624 C  CB  . ALA A 87  ? 0.2692 0.2170 0.2398 0.0120  0.0112  -0.0010 107 ALA A CB  
625 N  N   . SER A 88  ? 0.2979 0.2498 0.2697 0.0067  0.0150  -0.0031 108 SER A N   
626 C  CA  . SER A 88  ? 0.3147 0.2669 0.2843 0.0025  0.0160  -0.0041 108 SER A CA  
627 C  C   . SER A 88  ? 0.3262 0.2737 0.2913 -0.0009 0.0162  -0.0031 108 SER A C   
628 O  O   . SER A 88  ? 0.2954 0.2420 0.2604 0.0004  0.0164  -0.0020 108 SER A O   
629 C  CB  . SER A 88  ? 0.2965 0.2592 0.2696 0.0024  0.0179  -0.0057 108 SER A CB  
630 O  OG  . SER A 88  ? 0.2979 0.2645 0.2724 0.0052  0.0188  -0.0059 108 SER A OG  
631 N  N   . GLU A 89  ? 0.3515 0.2962 0.3115 -0.0064 0.0160  -0.0035 109 GLU A N   
632 C  CA  . GLU A 89  ? 0.3655 0.3055 0.3203 -0.0110 0.0159  -0.0025 109 GLU A CA  
633 C  C   . GLU A 89  ? 0.3412 0.2915 0.2989 -0.0120 0.0185  -0.0038 109 GLU A C   
634 O  O   . GLU A 89  ? 0.3365 0.2849 0.2931 -0.0124 0.0190  -0.0029 109 GLU A O   
635 C  CB  . GLU A 89  ? 0.3946 0.3272 0.3403 -0.0182 0.0144  -0.0026 109 GLU A CB  
636 C  CG  . GLU A 89  ? 0.4361 0.3542 0.3757 -0.0162 0.0111  -0.0015 109 GLU A CG  
637 C  CD  . GLU A 89  ? 0.5384 0.4443 0.4649 -0.0239 0.0088  -0.0013 109 GLU A CD  
638 O  OE1 . GLU A 89  ? 0.4977 0.3955 0.4167 -0.0285 0.0072  0.0000  109 GLU A OE1 
639 O  OE2 . GLU A 89  ? 0.5719 0.4753 0.4942 -0.0257 0.0084  -0.0024 109 GLU A OE2 
640 N  N   . ASP A 90  ? 0.3311 0.2929 0.2923 -0.0119 0.0202  -0.0059 110 ASP A N   
641 C  CA  . ASP A 90  ? 0.3537 0.3271 0.3183 -0.0102 0.0226  -0.0078 110 ASP A CA  
642 C  C   . ASP A 90  ? 0.3287 0.3040 0.2981 -0.0016 0.0228  -0.0081 110 ASP A C   
643 O  O   . ASP A 90  ? 0.3282 0.2952 0.2977 0.0012  0.0212  -0.0063 110 ASP A O   
644 C  CB  . ASP A 90  ? 0.3557 0.3428 0.3203 -0.0148 0.0241  -0.0102 110 ASP A CB  
645 C  CG  . ASP A 90  ? 0.4038 0.3964 0.3721 -0.0126 0.0237  -0.0107 110 ASP A CG  
646 O  OD1 . ASP A 90  ? 0.3777 0.3639 0.3490 -0.0071 0.0225  -0.0095 110 ASP A OD1 
647 O  OD2 . ASP A 90  ? 0.5016 0.5061 0.4694 -0.0174 0.0248  -0.0121 110 ASP A OD2 
648 N  N   . ASP A 91  ? 0.3362 0.3221 0.3081 0.0022  0.0242  -0.0105 111 ASP A N   
649 C  CA  A ASP A 91  ? 0.3432 0.3266 0.3162 0.0100  0.0236  -0.0106 111 ASP A CA  
650 C  CA  B ASP A 91  ? 0.3426 0.3282 0.3160 0.0103  0.0239  -0.0111 111 ASP A CA  
651 C  C   . ASP A 91  ? 0.3330 0.3226 0.3102 0.0134  0.0227  -0.0113 111 ASP A C   
652 O  O   . ASP A 91  ? 0.3254 0.3139 0.3025 0.0198  0.0217  -0.0117 111 ASP A O   
653 C  CB  A ASP A 91  ? 0.3527 0.3376 0.3231 0.0145  0.0248  -0.0123 111 ASP A CB  
654 C  CB  B ASP A 91  ? 0.3466 0.3417 0.3197 0.0146  0.0256  -0.0141 111 ASP A CB  
655 C  CG  A ASP A 91  ? 0.3679 0.3692 0.3409 0.0167  0.0267  -0.0159 111 ASP A CG  
656 C  CG  B ASP A 91  ? 0.3719 0.3605 0.3402 0.0136  0.0267  -0.0140 111 ASP A CG  
657 O  OD1 A ASP A 91  ? 0.3958 0.4082 0.3726 0.0133  0.0271  -0.0167 111 ASP A OD1 
658 O  OD1 B ASP A 91  ? 0.3868 0.3636 0.3521 0.0100  0.0257  -0.0111 111 ASP A OD1 
659 O  OD2 A ASP A 91  ? 0.3413 0.3449 0.3119 0.0218  0.0278  -0.0182 111 ASP A OD2 
660 O  OD2 B ASP A 91  ? 0.4555 0.4519 0.4228 0.0166  0.0284  -0.0169 111 ASP A OD2 
661 N  N   . ALA A 92  ? 0.3255 0.3191 0.3046 0.0087  0.0227  -0.0111 112 ALA A N   
662 C  CA  . ALA A 92  ? 0.3086 0.3084 0.2916 0.0108  0.0220  -0.0116 112 ALA A CA  
663 C  C   . ALA A 92  ? 0.3108 0.3018 0.2942 0.0149  0.0198  -0.0101 112 ALA A C   
664 O  O   . ALA A 92  ? 0.3161 0.3112 0.3015 0.0190  0.0189  -0.0107 112 ALA A O   
665 C  CB  . ALA A 92  ? 0.2909 0.2937 0.2736 0.0039  0.0223  -0.0114 112 ALA A CB  
666 N  N   . VAL A 93  ? 0.2965 0.2765 0.2773 0.0137  0.0188  -0.0083 113 VAL A N   
667 C  CA  . VAL A 93  ? 0.2966 0.2705 0.2769 0.0156  0.0168  -0.0071 113 VAL A CA  
668 C  C   . VAL A 93  ? 0.3046 0.2763 0.2819 0.0206  0.0155  -0.0073 113 VAL A C   
669 O  O   . VAL A 93  ? 0.2991 0.2675 0.2750 0.0216  0.0135  -0.0065 113 VAL A O   
670 C  CB  . VAL A 93  ? 0.2803 0.2462 0.2583 0.0136  0.0159  -0.0053 113 VAL A CB  
671 C  CG1 . VAL A 93  ? 0.2986 0.2588 0.2719 0.0139  0.0161  -0.0042 113 VAL A CG1 
672 C  CG2 . VAL A 93  ? 0.2726 0.2371 0.2509 0.0143  0.0140  -0.0046 113 VAL A CG2 
673 N  N   . TYR A 94  ? 0.3269 0.2992 0.3016 0.0234  0.0165  -0.0083 114 TYR A N   
674 C  CA  . TYR A 94  ? 0.3456 0.3121 0.3144 0.0289  0.0150  -0.0087 114 TYR A CA  
675 C  C   . TYR A 94  ? 0.3660 0.3382 0.3367 0.0333  0.0135  -0.0099 114 TYR A C   
676 O  O   . TYR A 94  ? 0.3985 0.3630 0.3628 0.0377  0.0110  -0.0099 114 TYR A O   
677 C  CB  . TYR A 94  ? 0.3636 0.3279 0.3277 0.0318  0.0163  -0.0099 114 TYR A CB  
678 C  CG  . TYR A 94  ? 0.3680 0.3241 0.3282 0.0271  0.0171  -0.0080 114 TYR A CG  
679 C  CD1 . TYR A 94  ? 0.3715 0.3211 0.3302 0.0226  0.0159  -0.0053 114 TYR A CD1 
680 C  CD2 . TYR A 94  ? 0.4339 0.3900 0.3915 0.0274  0.0191  -0.0091 114 TYR A CD2 
681 C  CE1 . TYR A 94  ? 0.3804 0.3242 0.3355 0.0187  0.0164  -0.0034 114 TYR A CE1 
682 C  CE2 . TYR A 94  ? 0.4828 0.4316 0.4366 0.0229  0.0197  -0.0071 114 TYR A CE2 
683 C  CZ  . TYR A 94  ? 0.4581 0.4008 0.4107 0.0184  0.0183  -0.0040 114 TYR A CZ  
684 O  OH  . TYR A 94  ? 0.4840 0.4210 0.4326 0.0142  0.0188  -0.0020 114 TYR A OH  
685 N  N   . GLY A 95  ? 0.3534 0.3382 0.3317 0.0318  0.0149  -0.0109 115 GLY A N   
686 C  CA  . GLY A 95  ? 0.3636 0.3557 0.3449 0.0349  0.0135  -0.0117 115 GLY A CA  
687 C  C   . GLY A 95  ? 0.3362 0.3261 0.3197 0.0310  0.0119  -0.0103 115 GLY A C   
688 O  O   . GLY A 95  ? 0.3478 0.3438 0.3340 0.0323  0.0108  -0.0105 115 GLY A O   
689 N  N   . ALA A 96  ? 0.3193 0.3012 0.3012 0.0265  0.0117  -0.0087 116 ALA A N   
690 C  CA  . ALA A 96  ? 0.3047 0.2852 0.2880 0.0231  0.0102  -0.0078 116 ALA A CA  
691 C  C   . ALA A 96  ? 0.3248 0.2986 0.3020 0.0258  0.0068  -0.0072 116 ALA A C   
692 O  O   . ALA A 96  ? 0.3428 0.3070 0.3122 0.0272  0.0054  -0.0065 116 ALA A O   
693 C  CB  . ALA A 96  ? 0.2871 0.2627 0.2697 0.0191  0.0106  -0.0067 116 ALA A CB  
694 N  N   . SER A 97  ? 0.2965 0.2745 0.2760 0.0257  0.0053  -0.0073 117 SER A N   
695 C  CA  . SER A 97  ? 0.3047 0.2755 0.2770 0.0277  0.0014  -0.0067 117 SER A CA  
696 C  C   . SER A 97  ? 0.3011 0.2719 0.2736 0.0225  -0.0007 -0.0061 117 SER A C   
697 O  O   . SER A 97  ? 0.3140 0.2781 0.2793 0.0229  -0.0046 -0.0053 117 SER A O   
698 C  CB  . SER A 97  ? 0.3005 0.2763 0.2735 0.0346  0.0003  -0.0079 117 SER A CB  
699 O  OG  . SER A 97  ? 0.2870 0.2770 0.2696 0.0330  0.0023  -0.0085 117 SER A OG  
700 N  N   . LEU A 98  ? 0.2760 0.2530 0.2550 0.0177  0.0015  -0.0063 118 LEU A N   
701 C  CA  . LEU A 98  ? 0.2782 0.2582 0.2589 0.0128  0.0003  -0.0063 118 LEU A CA  
702 C  C   . LEU A 98  ? 0.2863 0.2685 0.2696 0.0093  0.0021  -0.0068 118 LEU A C   
703 O  O   . LEU A 98  ? 0.3141 0.2983 0.3013 0.0103  0.0049  -0.0073 118 LEU A O   
704 C  CB  . LEU A 98  ? 0.2760 0.2649 0.2637 0.0123  0.0015  -0.0070 118 LEU A CB  
705 C  CG  . LEU A 98  ? 0.2736 0.2665 0.2640 0.0067  0.0010  -0.0075 118 LEU A CG  
706 C  CD1 . LEU A 98  ? 0.2350 0.2232 0.2188 0.0045  -0.0034 -0.0066 118 LEU A CD1 
707 C  CD2 . LEU A 98  ? 0.3133 0.3150 0.3102 0.0057  0.0032  -0.0081 118 LEU A CD2 
708 N  N   . VAL A 99  ? 0.2724 0.2541 0.2521 0.0052  0.0002  -0.0066 119 VAL A N   
709 C  CA  . VAL A 99  ? 0.2548 0.2422 0.2380 0.0028  0.0016  -0.0078 119 VAL A CA  
710 C  C   . VAL A 99  ? 0.2476 0.2417 0.2339 -0.0008 0.0011  -0.0092 119 VAL A C   
711 O  O   . VAL A 99  ? 0.2521 0.2455 0.2344 -0.0042 -0.0018 -0.0086 119 VAL A O   
712 C  CB  . VAL A 99  ? 0.2652 0.2513 0.2422 0.0006  0.0002  -0.0071 119 VAL A CB  
713 C  CG1 . VAL A 99  ? 0.2456 0.2408 0.2269 -0.0001 0.0016  -0.0089 119 VAL A CG1 
714 C  CG2 . VAL A 99  ? 0.2627 0.2413 0.2358 0.0037  0.0008  -0.0055 119 VAL A CG2 
715 N  N   . ARG A 100 ? 0.2456 0.2445 0.2376 -0.0004 0.0036  -0.0110 120 ARG A N   
716 C  CA  . ARG A 100 ? 0.2665 0.2716 0.2618 -0.0035 0.0038  -0.0128 120 ARG A CA  
717 C  C   . ARG A 100 ? 0.2544 0.2634 0.2518 -0.0023 0.0055  -0.0153 120 ARG A C   
718 O  O   . ARG A 100 ? 0.2528 0.2589 0.2498 0.0015  0.0068  -0.0155 120 ARG A O   
719 C  CB  . ARG A 100 ? 0.2536 0.2586 0.2520 -0.0037 0.0050  -0.0125 120 ARG A CB  
720 C  CG  . ARG A 100 ? 0.3078 0.3099 0.3078 -0.0007 0.0076  -0.0124 120 ARG A CG  
721 C  CD  . ARG A 100 ? 0.3528 0.3574 0.3550 -0.0026 0.0091  -0.0123 120 ARG A CD  
722 N  NE  . ARG A 100 ? 0.4085 0.4136 0.4111 -0.0051 0.0106  -0.0143 120 ARG A NE  
723 C  CZ  . ARG A 100 ? 0.3879 0.3883 0.3881 -0.0046 0.0127  -0.0153 120 ARG A CZ  
724 N  NH1 . ARG A 100 ? 0.3648 0.3612 0.3630 -0.0034 0.0137  -0.0143 120 ARG A NH1 
725 N  NH2 . ARG A 100 ? 0.3961 0.3952 0.3949 -0.0061 0.0134  -0.0174 120 ARG A NH2 
726 N  N   . LEU A 101 ? 0.2715 0.2870 0.2706 -0.0052 0.0056  -0.0176 121 LEU A N   
727 C  CA  . LEU A 101 ? 0.2819 0.3013 0.2824 -0.0027 0.0071  -0.0208 121 LEU A CA  
728 C  C   . LEU A 101 ? 0.2855 0.2991 0.2866 -0.0016 0.0094  -0.0219 121 LEU A C   
729 O  O   . LEU A 101 ? 0.3044 0.3184 0.3068 -0.0056 0.0097  -0.0213 121 LEU A O   
730 C  CB  . LEU A 101 ? 0.2777 0.3083 0.2788 -0.0063 0.0060  -0.0234 121 LEU A CB  
731 C  CG  . LEU A 101 ? 0.3152 0.3537 0.3139 -0.0078 0.0040  -0.0232 121 LEU A CG  
732 C  CD1 . LEU A 101 ? 0.3642 0.4149 0.3619 -0.0147 0.0023  -0.0250 121 LEU A CD1 
733 C  CD2 . LEU A 101 ? 0.3192 0.3606 0.3182 -0.0013 0.0049  -0.0248 121 LEU A CD2 
734 N  N   . SER A 102 ? 0.2960 0.3037 0.2950 0.0032  0.0107  -0.0231 122 SER A N   
735 C  CA  . SER A 102 ? 0.2978 0.2977 0.2938 0.0034  0.0124  -0.0244 122 SER A CA  
736 C  C   . SER A 102 ? 0.3323 0.3333 0.3262 0.0074  0.0127  -0.0286 122 SER A C   
737 O  O   . SER A 102 ? 0.3128 0.3201 0.3075 0.0121  0.0117  -0.0302 122 SER A O   
738 C  CB  . SER A 102 ? 0.3329 0.3216 0.3245 0.0055  0.0129  -0.0227 122 SER A CB  
739 O  OG  . SER A 102 ? 0.3470 0.3256 0.3322 0.0049  0.0141  -0.0240 122 SER A OG  
740 N  N   . ASP A 103 ? 0.3384 0.3346 0.3291 0.0057  0.0139  -0.0304 123 ASP A N   
741 C  CA  . ASP A 103 ? 0.3724 0.3660 0.3587 0.0111  0.0141  -0.0349 123 ASP A CA  
742 C  C   . ASP A 103 ? 0.4111 0.3865 0.3870 0.0150  0.0144  -0.0353 123 ASP A C   
743 O  O   . ASP A 103 ? 0.4434 0.4120 0.4128 0.0193  0.0145  -0.0390 123 ASP A O   
744 C  CB  . ASP A 103 ? 0.3645 0.3645 0.3520 0.0070  0.0151  -0.0376 123 ASP A CB  
745 C  CG  . ASP A 103 ? 0.3441 0.3338 0.3267 0.0007  0.0167  -0.0362 123 ASP A CG  
746 O  OD1 . ASP A 103 ? 0.3429 0.3245 0.3229 -0.0019 0.0169  -0.0328 123 ASP A OD1 
747 O  OD2 . ASP A 103 ? 0.3495 0.3415 0.3311 -0.0022 0.0177  -0.0388 123 ASP A OD2 
748 N  N   . ARG A 104 ? 0.4476 0.4144 0.4209 0.0131  0.0141  -0.0318 124 ARG A N   
749 C  CA  . ARG A 104 ? 0.5046 0.4526 0.4660 0.0148  0.0137  -0.0317 124 ARG A CA  
750 C  C   . ARG A 104 ? 0.5240 0.4695 0.4848 0.0221  0.0119  -0.0312 124 ARG A C   
751 O  O   . ARG A 104 ? 0.5177 0.4616 0.4795 0.0197  0.0116  -0.0279 124 ARG A O   
752 C  CB  . ARG A 104 ? 0.5039 0.4462 0.4620 0.0059  0.0148  -0.0281 124 ARG A CB  
753 C  CG  . ARG A 104 ? 0.5509 0.4992 0.5110 -0.0016 0.0166  -0.0281 124 ARG A CG  
754 C  CD  . ARG A 104 ? 0.6154 0.5562 0.5677 -0.0105 0.0177  -0.0256 124 ARG A CD  
755 N  NE  . ARG A 104 ? 0.6545 0.5952 0.6070 -0.0122 0.0173  -0.0226 124 ARG A NE  
756 C  CZ  . ARG A 104 ? 0.6867 0.6148 0.6275 -0.0161 0.0171  -0.0213 124 ARG A CZ  
757 N  NH1 . ARG A 104 ? 0.7212 0.6327 0.6467 -0.0196 0.0168  -0.0225 124 ARG A NH1 
758 N  NH2 . ARG A 104 ? 0.7029 0.6346 0.6459 -0.0174 0.0168  -0.0190 124 ARG A NH2 
759 N  N   . CYS A 105 ? 0.5639 0.5122 0.5241 0.0310  0.0107  -0.0347 125 CYS A N   
760 C  CA  . CYS A 105 ? 0.5914 0.5405 0.5518 0.0386  0.0086  -0.0345 125 CYS A CA  
761 C  C   . CYS A 105 ? 0.6265 0.5613 0.5755 0.0485  0.0065  -0.0379 125 CYS A C   
762 O  O   . CYS A 105 ? 0.6684 0.5933 0.6117 0.0529  0.0045  -0.0365 125 CYS A O   
763 C  CB  . CYS A 105 ? 0.5749 0.5463 0.5466 0.0406  0.0085  -0.0353 125 CYS A CB  
764 S  SG  . CYS A 105 ? 0.5952 0.5805 0.5771 0.0296  0.0102  -0.0324 125 CYS A SG  
# 
